data_6KXG
#
_entry.id   6KXG
#
_cell.length_a   77.310
_cell.length_b   145.160
_cell.length_c   187.720
_cell.angle_alpha   90.000
_cell.angle_beta   90.000
_cell.angle_gamma   90.000
#
_symmetry.space_group_name_H-M   'P 21 21 21'
#
loop_
_entity.id
_entity.type
_entity.pdbx_description
1 polymer caspase-11-CARD
2 water water
#
_entity_poly.entity_id   1
_entity_poly.type   'polypeptide(L)'
_entity_poly.pdbx_seq_one_letter_code
;MKIEEGKLVIWINGDKGYNGLAEVGKKFEKDTGIKVTVEHPDKLEEKFPQVAATGDGPDIIFWAHDRFGGYAQSGLLAEI
TPAAAFQDKLYPFTWDAVRYNGKLIAYPIAVEALSLIYNKDLLPNPPKTWEEIPALDKELKAKGKSALMFNLQEPYFTWP
LIAADGGYAFKYAAGKYDIKDVGVDNAGAKAGLTFLVDLIKNKHMNADTDYSIAEAAFNKGETAMTINGPWAWSNIDTSA
VNYGVTVLPTFKGQPSKPFVGVLSAGINAASPNKELAKEFLENYLLTDEGLEAVNKDKPLGAVALKSYEEELAKDPRIAA
TMENAQKGEIMPNIPQMSAFWYAVRTAVINAASGRQTVDAALAAAQTNAVDLKVLEQLGKEVLTEYLEKLVQSNVLKLKE
EDKQKFNNAERSDKRWVFVDAMKKKHSKVGEMLLQTFFSVDPGSHHGEANLEMEEPEESLNT
;
_entity_poly.pdbx_strand_id   A,B,C,D
#
# COMPACT_ATOMS: atom_id res chain seq x y z
N GLU A 5 40.66 -20.35 -6.65
CA GLU A 5 40.39 -21.79 -6.58
C GLU A 5 41.62 -22.54 -6.11
N GLY A 6 41.66 -23.84 -6.40
CA GLY A 6 42.77 -24.69 -6.01
C GLY A 6 42.36 -25.80 -5.06
N LYS A 7 41.24 -25.59 -4.38
CA LYS A 7 40.72 -26.59 -3.44
C LYS A 7 39.22 -26.81 -3.64
N LEU A 8 38.71 -27.87 -3.02
CA LEU A 8 37.29 -28.20 -3.13
C LEU A 8 36.60 -28.17 -1.77
N VAL A 9 35.52 -27.39 -1.65
CA VAL A 9 34.80 -27.32 -0.39
C VAL A 9 33.38 -27.84 -0.53
N ILE A 10 32.93 -28.61 0.46
CA ILE A 10 31.61 -29.21 0.37
C ILE A 10 30.74 -28.69 1.52
N TRP A 11 29.48 -28.35 1.23
CA TRP A 11 28.47 -28.14 2.26
C TRP A 11 27.41 -29.23 2.18
N ILE A 12 27.09 -29.81 3.32
CA ILE A 12 26.12 -30.89 3.43
C ILE A 12 25.48 -30.78 4.81
N ASN A 13 24.19 -31.13 4.89
CA ASN A 13 23.48 -30.94 6.14
C ASN A 13 24.05 -31.84 7.23
N GLY A 14 23.97 -31.36 8.48
CA GLY A 14 24.56 -32.07 9.59
C GLY A 14 23.91 -33.40 9.90
N ASP A 15 22.67 -33.61 9.47
CA ASP A 15 21.98 -34.86 9.71
C ASP A 15 22.42 -35.97 8.75
N LYS A 16 23.11 -35.61 7.66
CA LYS A 16 23.53 -36.59 6.67
C LYS A 16 24.81 -37.28 7.13
N GLY A 17 25.43 -38.05 6.24
CA GLY A 17 26.68 -38.72 6.56
C GLY A 17 27.88 -37.86 6.22
N TYR A 18 27.90 -36.65 6.78
CA TYR A 18 28.88 -35.63 6.37
C TYR A 18 30.31 -36.15 6.46
N ASN A 19 30.64 -36.89 7.52
CA ASN A 19 32.00 -37.39 7.66
C ASN A 19 32.23 -38.61 6.79
N GLY A 20 31.17 -39.36 6.47
CA GLY A 20 31.27 -40.34 5.41
C GLY A 20 31.55 -39.73 4.07
N LEU A 21 31.30 -38.43 3.92
CA LEU A 21 31.68 -37.68 2.74
C LEU A 21 33.11 -37.16 2.80
N ALA A 22 33.81 -37.38 3.91
CA ALA A 22 35.23 -37.03 4.00
C ALA A 22 36.15 -38.19 3.65
N GLU A 23 35.82 -39.39 4.13
CA GLU A 23 36.56 -40.59 3.74
C GLU A 23 36.57 -40.75 2.22
N VAL A 24 35.41 -40.56 1.59
CA VAL A 24 35.37 -40.47 0.13
C VAL A 24 36.10 -39.22 -0.35
N GLY A 25 36.07 -38.13 0.42
CA GLY A 25 36.70 -36.91 -0.04
C GLY A 25 38.18 -36.87 0.21
N LYS A 26 38.65 -37.53 1.26
CA LYS A 26 40.08 -37.62 1.52
C LYS A 26 40.80 -38.56 0.56
N LYS A 27 40.06 -39.34 -0.22
CA LYS A 27 40.64 -40.23 -1.23
C LYS A 27 40.99 -39.48 -2.53
N PHE A 28 41.12 -38.16 -2.48
CA PHE A 28 41.47 -37.40 -3.67
C PHE A 28 42.97 -37.18 -3.86
N GLU A 29 43.78 -38.07 -3.29
CA GLU A 29 45.23 -37.96 -3.40
C GLU A 29 45.74 -38.62 -4.68
N LYS A 30 44.89 -38.66 -5.69
CA LYS A 30 45.26 -39.25 -6.98
C LYS A 30 45.74 -38.10 -7.84
N ASP A 31 45.53 -38.22 -9.15
CA ASP A 31 45.95 -37.18 -10.09
C ASP A 31 45.41 -35.78 -9.86
N THR A 32 44.26 -35.69 -9.20
CA THR A 32 43.64 -34.39 -8.91
C THR A 32 44.42 -33.64 -7.83
N GLY A 33 45.19 -34.38 -7.03
CA GLY A 33 45.98 -33.80 -5.98
C GLY A 33 45.27 -32.71 -5.18
N ILE A 34 43.95 -32.52 -5.40
CA ILE A 34 43.19 -31.46 -4.73
C ILE A 34 42.49 -32.05 -3.52
N LYS A 35 42.51 -31.31 -2.42
CA LYS A 35 41.82 -31.75 -1.22
C LYS A 35 40.40 -31.20 -1.17
N VAL A 36 39.56 -31.88 -0.41
CA VAL A 36 38.22 -31.38 -0.08
C VAL A 36 38.05 -31.45 1.43
N THR A 37 37.34 -30.46 1.97
CA THR A 37 36.93 -30.46 3.36
C THR A 37 35.41 -30.37 3.40
N VAL A 38 34.77 -31.40 3.94
CA VAL A 38 33.32 -31.37 4.10
C VAL A 38 32.97 -30.42 5.23
N GLU A 39 31.84 -29.73 5.08
CA GLU A 39 31.40 -28.76 6.07
C GLU A 39 29.90 -28.89 6.24
N HIS A 40 29.44 -28.85 7.50
CA HIS A 40 28.03 -29.05 7.84
C HIS A 40 27.53 -27.90 8.70
N PRO A 41 27.35 -26.72 8.12
CA PRO A 41 26.71 -25.64 8.86
C PRO A 41 25.20 -25.83 8.90
N ASP A 42 24.60 -25.52 10.04
CA ASP A 42 23.15 -25.51 10.08
C ASP A 42 22.63 -24.20 9.49
N LYS A 43 21.36 -24.22 9.11
CA LYS A 43 20.77 -23.17 8.27
C LYS A 43 21.52 -23.03 6.94
N LEU A 44 22.11 -24.12 6.45
CA LEU A 44 23.02 -24.03 5.32
C LEU A 44 22.28 -23.57 4.06
N GLU A 45 21.13 -24.18 3.79
CA GLU A 45 20.32 -23.80 2.63
C GLU A 45 19.88 -22.36 2.70
N GLU A 46 19.82 -21.77 3.88
CA GLU A 46 19.53 -20.35 3.99
C GLU A 46 20.77 -19.51 3.72
N LYS A 47 21.94 -20.00 4.13
CA LYS A 47 23.17 -19.21 4.05
C LYS A 47 23.79 -19.23 2.67
N PHE A 48 23.69 -20.36 1.96
CA PHE A 48 24.29 -20.44 0.63
C PHE A 48 23.79 -19.34 -0.29
N PRO A 49 22.49 -19.09 -0.45
CA PRO A 49 22.07 -18.08 -1.43
C PRO A 49 22.57 -16.69 -1.12
N GLN A 50 22.66 -16.32 0.16
CA GLN A 50 23.05 -14.96 0.51
C GLN A 50 24.54 -14.73 0.33
N VAL A 51 25.38 -15.72 0.59
CA VAL A 51 26.81 -15.56 0.36
C VAL A 51 27.20 -15.86 -1.08
N ALA A 52 26.52 -16.81 -1.73
CA ALA A 52 26.80 -17.08 -3.14
C ALA A 52 26.30 -16.00 -4.08
N ALA A 53 25.44 -15.10 -3.60
CA ALA A 53 25.07 -13.94 -4.40
C ALA A 53 26.24 -12.99 -4.60
N THR A 54 27.22 -13.01 -3.69
CA THR A 54 28.42 -12.19 -3.79
C THR A 54 29.58 -12.93 -4.42
N GLY A 55 29.43 -14.20 -4.75
CA GLY A 55 30.46 -14.96 -5.42
C GLY A 55 31.31 -15.86 -4.55
N ASP A 56 30.81 -16.25 -3.37
CA ASP A 56 31.58 -17.06 -2.43
C ASP A 56 30.78 -18.32 -2.10
N GLY A 57 31.35 -19.14 -1.24
CA GLY A 57 30.66 -20.34 -0.77
C GLY A 57 31.33 -21.62 -1.23
N PRO A 58 30.78 -22.76 -0.83
CA PRO A 58 31.27 -24.07 -1.32
C PRO A 58 31.31 -24.17 -2.83
N ASP A 59 31.85 -25.28 -3.31
CA ASP A 59 31.69 -25.66 -4.71
C ASP A 59 30.42 -26.47 -4.91
N ILE A 60 30.24 -27.53 -4.13
CA ILE A 60 29.08 -28.39 -4.28
C ILE A 60 28.31 -28.39 -2.97
N ILE A 61 26.98 -28.54 -3.05
CA ILE A 61 26.13 -28.41 -1.89
C ILE A 61 25.02 -29.45 -1.99
N PHE A 62 24.87 -30.27 -0.95
CA PHE A 62 23.92 -31.36 -0.96
C PHE A 62 22.64 -30.89 -0.26
N TRP A 63 21.56 -30.84 -1.03
CA TRP A 63 20.31 -30.29 -0.53
C TRP A 63 19.16 -30.93 -1.28
N ALA A 64 17.98 -30.86 -0.69
CA ALA A 64 16.79 -31.35 -1.37
C ALA A 64 16.55 -30.53 -2.65
N HIS A 65 16.03 -31.21 -3.67
CA HIS A 65 15.90 -30.59 -4.98
C HIS A 65 14.88 -29.45 -5.00
N ASP A 66 13.94 -29.44 -4.05
CA ASP A 66 12.82 -28.50 -4.13
C ASP A 66 13.31 -27.06 -4.03
N ARG A 67 14.32 -26.79 -3.22
CA ARG A 67 14.84 -25.44 -3.08
C ARG A 67 15.89 -25.10 -4.13
N PHE A 68 16.42 -26.10 -4.85
CA PHE A 68 17.35 -25.79 -5.94
C PHE A 68 16.67 -24.99 -7.04
N GLY A 69 15.36 -25.19 -7.24
CA GLY A 69 14.65 -24.40 -8.23
C GLY A 69 14.54 -22.94 -7.83
N GLY A 70 14.30 -22.68 -6.54
CA GLY A 70 14.29 -21.31 -6.06
C GLY A 70 15.66 -20.66 -6.12
N TYR A 71 16.72 -21.46 -6.05
CA TYR A 71 18.07 -20.94 -6.22
C TYR A 71 18.30 -20.48 -7.66
N ALA A 72 18.00 -21.35 -8.63
CA ALA A 72 18.44 -21.15 -10.00
C ALA A 72 17.72 -20.02 -10.71
N GLN A 73 16.57 -19.56 -10.20
CA GLN A 73 15.96 -18.37 -10.75
C GLN A 73 16.86 -17.15 -10.54
N SER A 74 17.53 -17.10 -9.39
CA SER A 74 18.53 -16.07 -9.10
C SER A 74 19.88 -16.38 -9.75
N GLY A 75 20.01 -17.50 -10.44
CA GLY A 75 21.28 -17.85 -11.05
C GLY A 75 22.37 -18.07 -10.02
N LEU A 76 22.01 -18.67 -8.90
CA LEU A 76 22.96 -18.95 -7.83
C LEU A 76 23.87 -20.12 -8.19
N LEU A 77 23.43 -20.93 -9.15
CA LEU A 77 24.20 -22.08 -9.59
C LEU A 77 24.74 -21.89 -11.00
N ALA A 78 25.22 -22.98 -11.60
CA ALA A 78 25.75 -22.93 -12.96
C ALA A 78 25.22 -24.08 -13.80
N GLU A 79 25.33 -23.95 -15.12
CA GLU A 79 24.86 -24.98 -16.03
C GLU A 79 25.47 -26.33 -15.68
N ILE A 80 24.67 -27.37 -15.80
CA ILE A 80 25.17 -28.72 -15.62
C ILE A 80 25.60 -29.23 -16.98
N THR A 81 26.49 -30.21 -16.98
CA THR A 81 26.97 -30.70 -18.27
C THR A 81 27.02 -32.23 -18.31
N PRO A 82 25.98 -32.94 -17.85
CA PRO A 82 26.05 -34.41 -17.88
C PRO A 82 26.12 -34.92 -19.30
N ALA A 83 26.93 -35.94 -19.48
CA ALA A 83 26.87 -36.71 -20.69
C ALA A 83 25.61 -37.58 -20.70
N ALA A 84 25.03 -37.74 -21.89
CA ALA A 84 23.82 -38.53 -22.02
C ALA A 84 24.08 -40.03 -21.89
N ALA A 85 25.32 -40.47 -22.07
CA ALA A 85 25.61 -41.89 -21.96
C ALA A 85 25.55 -42.36 -20.51
N PHE A 86 26.05 -41.55 -19.59
CA PHE A 86 26.05 -41.88 -18.16
C PHE A 86 24.76 -41.44 -17.47
N GLN A 87 23.94 -40.61 -18.13
CA GLN A 87 22.70 -40.13 -17.53
C GLN A 87 21.77 -41.28 -17.15
N ASP A 88 21.85 -42.41 -17.85
CA ASP A 88 20.93 -43.53 -17.64
C ASP A 88 21.25 -44.29 -16.36
N LYS A 89 22.51 -44.31 -15.93
CA LYS A 89 22.90 -45.02 -14.72
C LYS A 89 22.05 -44.65 -13.50
N LEU A 90 21.29 -43.56 -13.57
CA LEU A 90 20.43 -43.10 -12.50
C LEU A 90 18.98 -43.41 -12.86
N TYR A 91 18.07 -43.01 -12.00
CA TYR A 91 16.68 -43.27 -12.38
C TYR A 91 16.12 -42.08 -13.15
N PRO A 92 15.50 -42.30 -14.32
CA PRO A 92 15.18 -41.16 -15.20
C PRO A 92 14.27 -40.14 -14.55
N PHE A 93 13.44 -40.55 -13.59
CA PHE A 93 12.54 -39.59 -12.95
C PHE A 93 13.30 -38.66 -12.01
N THR A 94 14.44 -39.10 -11.47
CA THR A 94 15.25 -38.23 -10.64
C THR A 94 15.83 -37.07 -11.45
N TRP A 95 16.13 -37.31 -12.73
CA TRP A 95 16.58 -36.22 -13.59
C TRP A 95 15.49 -35.17 -13.78
N ASP A 96 14.23 -35.58 -13.79
CA ASP A 96 13.13 -34.62 -13.88
C ASP A 96 12.92 -33.91 -12.55
N ALA A 97 13.32 -34.54 -11.44
CA ALA A 97 13.19 -33.89 -10.14
C ALA A 97 14.13 -32.70 -10.04
N VAL A 98 15.37 -32.86 -10.50
CA VAL A 98 16.34 -31.78 -10.44
C VAL A 98 16.31 -30.92 -11.70
N ARG A 99 15.78 -31.43 -12.81
CA ARG A 99 15.56 -30.59 -13.97
C ARG A 99 14.64 -29.44 -13.60
N TYR A 100 15.09 -28.22 -13.89
CA TYR A 100 14.29 -27.04 -13.62
C TYR A 100 14.32 -26.13 -14.83
N ASN A 101 13.13 -25.66 -15.26
CA ASN A 101 12.96 -24.64 -16.29
C ASN A 101 13.34 -25.16 -17.68
N GLY A 102 13.86 -26.38 -17.79
CA GLY A 102 14.44 -26.89 -19.01
C GLY A 102 15.93 -27.15 -18.92
N LYS A 103 16.48 -27.08 -17.71
CA LYS A 103 17.91 -27.19 -17.42
C LYS A 103 18.16 -28.35 -16.49
N LEU A 104 19.43 -28.58 -16.20
CA LEU A 104 19.78 -29.43 -15.08
C LEU A 104 20.32 -28.52 -13.99
N ILE A 105 20.36 -29.02 -12.76
CA ILE A 105 20.81 -28.20 -11.63
C ILE A 105 21.82 -28.95 -10.77
N ALA A 106 21.61 -30.26 -10.59
CA ALA A 106 22.38 -31.04 -9.63
C ALA A 106 22.46 -32.47 -10.12
N TYR A 107 23.23 -33.29 -9.40
CA TYR A 107 23.41 -34.71 -9.71
C TYR A 107 22.70 -35.54 -8.69
N PRO A 108 21.89 -36.52 -9.09
CA PRO A 108 21.04 -37.20 -8.12
C PRO A 108 21.88 -38.02 -7.16
N ILE A 109 21.46 -38.03 -5.89
CA ILE A 109 22.14 -38.86 -4.90
C ILE A 109 21.14 -39.84 -4.33
N ALA A 110 20.24 -39.36 -3.50
CA ALA A 110 19.30 -40.20 -2.78
C ALA A 110 17.86 -39.85 -3.16
N VAL A 111 17.00 -40.87 -3.18
CA VAL A 111 15.57 -40.73 -3.38
C VAL A 111 14.88 -40.95 -2.04
N GLU A 112 13.95 -40.07 -1.69
CA GLU A 112 13.32 -40.08 -0.38
C GLU A 112 11.83 -39.88 -0.51
N ALA A 113 11.06 -40.77 0.13
CA ALA A 113 9.61 -40.74 0.06
C ALA A 113 9.05 -41.41 1.30
N LEU A 114 7.78 -41.11 1.60
CA LEU A 114 7.11 -41.71 2.75
C LEU A 114 6.76 -43.17 2.47
N SER A 115 6.53 -43.92 3.54
CA SER A 115 6.17 -45.32 3.42
C SER A 115 5.37 -45.75 4.64
N LEU A 116 4.64 -46.85 4.48
CA LEU A 116 3.81 -47.40 5.55
C LEU A 116 4.70 -48.23 6.47
N ILE A 117 4.81 -47.80 7.73
CA ILE A 117 5.57 -48.52 8.74
C ILE A 117 4.58 -49.13 9.72
N TYR A 118 4.71 -50.44 9.96
CA TYR A 118 3.77 -51.17 10.79
C TYR A 118 4.52 -51.98 11.86
N ASN A 119 3.76 -52.37 12.88
CA ASN A 119 4.24 -53.25 13.94
C ASN A 119 3.80 -54.68 13.60
N LYS A 120 4.76 -55.58 13.45
CA LYS A 120 4.44 -56.94 13.02
C LYS A 120 3.92 -57.81 14.16
N ASP A 121 4.41 -57.58 15.39
CA ASP A 121 3.86 -58.31 16.52
C ASP A 121 2.39 -57.97 16.72
N LEU A 122 2.03 -56.70 16.52
CA LEU A 122 0.64 -56.28 16.59
C LEU A 122 -0.12 -56.61 15.31
N LEU A 123 0.51 -56.36 14.17
CA LEU A 123 -0.15 -56.43 12.87
C LEU A 123 0.73 -57.29 11.97
N PRO A 124 0.44 -58.59 11.87
CA PRO A 124 1.29 -59.47 11.06
C PRO A 124 1.29 -59.13 9.59
N ASN A 125 0.13 -58.97 8.95
CA ASN A 125 0.15 -58.56 7.54
C ASN A 125 -0.52 -57.18 7.38
N PRO A 126 0.22 -56.18 6.85
CA PRO A 126 -0.33 -54.84 6.76
C PRO A 126 -1.55 -54.81 5.85
N PRO A 127 -2.47 -53.88 6.07
CA PRO A 127 -3.53 -53.68 5.07
C PRO A 127 -2.98 -52.95 3.85
N LYS A 128 -3.44 -53.38 2.67
CA LYS A 128 -3.04 -52.74 1.42
C LYS A 128 -4.04 -51.73 0.92
N THR A 129 -5.12 -51.49 1.65
CA THR A 129 -6.12 -50.50 1.28
C THR A 129 -6.39 -49.59 2.48
N TRP A 130 -6.73 -48.34 2.19
CA TRP A 130 -7.16 -47.43 3.25
C TRP A 130 -8.54 -47.78 3.75
N GLU A 131 -9.37 -48.41 2.91
CA GLU A 131 -10.77 -48.64 3.26
C GLU A 131 -10.92 -49.60 4.42
N GLU A 132 -10.00 -50.55 4.59
CA GLU A 132 -10.09 -51.50 5.68
C GLU A 132 -9.36 -51.03 6.94
N ILE A 133 -8.83 -49.80 6.93
CA ILE A 133 -8.24 -49.25 8.16
C ILE A 133 -9.27 -49.08 9.28
N PRO A 134 -10.44 -48.48 9.05
CA PRO A 134 -11.37 -48.27 10.17
C PRO A 134 -11.82 -49.56 10.85
N ALA A 135 -12.00 -50.64 10.08
CA ALA A 135 -12.38 -51.91 10.69
C ALA A 135 -11.24 -52.50 11.52
N LEU A 136 -10.00 -52.34 11.05
CA LEU A 136 -8.85 -52.87 11.79
C LEU A 136 -8.65 -52.10 13.09
N ASP A 137 -8.85 -50.76 13.07
CA ASP A 137 -8.71 -49.99 14.29
C ASP A 137 -9.83 -50.30 15.27
N LYS A 138 -10.99 -50.74 14.77
CA LYS A 138 -12.06 -51.15 15.67
C LYS A 138 -11.67 -52.37 16.49
N GLU A 139 -10.89 -53.28 15.92
CA GLU A 139 -10.44 -54.45 16.67
C GLU A 139 -9.34 -54.08 17.67
N LEU A 140 -8.41 -53.21 17.26
CA LEU A 140 -7.31 -52.85 18.14
C LEU A 140 -7.75 -51.94 19.27
N LYS A 141 -8.79 -51.12 19.05
CA LYS A 141 -9.31 -50.30 20.13
C LYS A 141 -9.91 -51.16 21.23
N ALA A 142 -10.45 -52.33 20.88
CA ALA A 142 -10.95 -53.25 21.89
C ALA A 142 -9.82 -53.77 22.77
N LYS A 143 -8.61 -53.88 22.22
CA LYS A 143 -7.43 -54.34 22.96
C LYS A 143 -6.59 -53.18 23.47
N GLY A 144 -7.14 -51.97 23.48
CA GLY A 144 -6.45 -50.82 24.06
C GLY A 144 -5.44 -50.15 23.17
N LYS A 145 -5.48 -50.40 21.86
CA LYS A 145 -4.52 -49.78 20.96
C LYS A 145 -5.20 -49.12 19.77
N SER A 146 -4.41 -48.68 18.80
CA SER A 146 -4.93 -48.05 17.59
C SER A 146 -4.22 -48.63 16.38
N ALA A 147 -4.82 -48.43 15.20
CA ALA A 147 -4.26 -48.99 13.98
C ALA A 147 -3.17 -48.10 13.40
N LEU A 148 -3.46 -46.81 13.26
CA LEU A 148 -2.57 -45.92 12.53
C LEU A 148 -2.49 -44.57 13.24
N MET A 149 -1.26 -44.06 13.39
CA MET A 149 -1.02 -42.74 13.94
C MET A 149 0.12 -42.10 13.16
N PHE A 150 -0.14 -40.94 12.56
CA PHE A 150 0.92 -40.21 11.88
C PHE A 150 0.62 -38.71 11.96
N ASN A 151 1.64 -37.91 11.67
CA ASN A 151 1.53 -36.46 11.78
C ASN A 151 0.47 -35.93 10.81
N LEU A 152 -0.56 -35.29 11.36
CA LEU A 152 -1.61 -34.69 10.55
C LEU A 152 -1.49 -33.17 10.45
N GLN A 153 -0.53 -32.57 11.15
CA GLN A 153 -0.40 -31.12 11.14
C GLN A 153 0.33 -30.60 9.91
N GLU A 154 1.25 -31.39 9.34
CA GLU A 154 1.97 -30.96 8.16
C GLU A 154 1.46 -31.70 6.94
N PRO A 155 1.05 -30.97 5.89
CA PRO A 155 0.43 -31.64 4.72
C PRO A 155 1.34 -32.61 3.99
N TYR A 156 2.65 -32.59 4.24
CA TYR A 156 3.53 -33.56 3.58
C TYR A 156 3.18 -34.99 3.96
N PHE A 157 2.70 -35.21 5.19
CA PHE A 157 2.31 -36.54 5.61
C PHE A 157 0.89 -36.90 5.18
N THR A 158 0.01 -35.91 5.09
CA THR A 158 -1.37 -36.16 4.68
C THR A 158 -1.56 -36.12 3.17
N TRP A 159 -0.58 -35.61 2.42
CA TRP A 159 -0.73 -35.51 0.97
C TRP A 159 -0.90 -36.84 0.26
N PRO A 160 -0.21 -37.94 0.62
CA PRO A 160 -0.41 -39.20 -0.13
C PRO A 160 -1.86 -39.63 -0.25
N LEU A 161 -2.65 -39.53 0.82
CA LEU A 161 -4.03 -39.97 0.75
C LEU A 161 -4.91 -38.93 0.05
N ILE A 162 -4.66 -37.64 0.28
CA ILE A 162 -5.41 -36.59 -0.39
C ILE A 162 -5.18 -36.60 -1.89
N ALA A 163 -4.16 -37.29 -2.38
CA ALA A 163 -3.81 -37.27 -3.79
C ALA A 163 -3.97 -38.60 -4.51
N ALA A 164 -4.44 -39.64 -3.83
CA ALA A 164 -4.47 -40.98 -4.44
C ALA A 164 -5.37 -40.99 -5.68
N ASP A 165 -6.62 -40.59 -5.54
CA ASP A 165 -7.59 -40.61 -6.64
C ASP A 165 -7.42 -39.36 -7.52
N GLY A 166 -6.24 -39.24 -8.12
CA GLY A 166 -6.01 -38.14 -9.03
C GLY A 166 -5.90 -36.80 -8.34
N GLY A 167 -4.98 -36.69 -7.40
CA GLY A 167 -4.63 -35.41 -6.80
C GLY A 167 -3.20 -35.07 -7.16
N TYR A 168 -2.96 -33.80 -7.46
CA TYR A 168 -1.63 -33.33 -7.83
C TYR A 168 -1.41 -31.93 -7.27
N ALA A 169 -0.15 -31.59 -7.05
CA ALA A 169 0.18 -30.25 -6.57
C ALA A 169 0.06 -29.23 -7.70
N PHE A 170 0.97 -29.32 -8.67
CA PHE A 170 0.94 -28.47 -9.85
C PHE A 170 1.10 -29.34 -11.09
N LYS A 171 0.23 -29.15 -12.06
CA LYS A 171 0.18 -30.01 -13.23
C LYS A 171 1.40 -29.76 -14.14
N TYR A 172 2.17 -30.82 -14.40
CA TYR A 172 3.31 -30.73 -15.31
C TYR A 172 2.80 -30.61 -16.73
N ALA A 173 3.03 -29.47 -17.37
CA ALA A 173 2.49 -29.20 -18.70
C ALA A 173 3.49 -29.54 -19.80
N ALA A 174 4.41 -28.62 -20.07
CA ALA A 174 5.45 -28.87 -21.06
C ALA A 174 6.78 -29.16 -20.37
N GLY A 175 7.44 -28.12 -19.88
CA GLY A 175 8.56 -28.27 -18.99
C GLY A 175 8.30 -27.49 -17.72
N LYS A 176 7.04 -27.53 -17.26
CA LYS A 176 6.54 -26.51 -16.35
C LYS A 176 5.27 -27.01 -15.67
N TYR A 177 5.22 -26.82 -14.35
CA TYR A 177 4.09 -27.18 -13.47
C TYR A 177 3.02 -26.08 -13.52
N ASP A 178 1.92 -26.32 -14.21
CA ASP A 178 0.93 -25.26 -14.44
C ASP A 178 0.47 -24.62 -13.13
N ILE A 179 0.64 -23.29 -13.04
CA ILE A 179 0.38 -22.57 -11.80
C ILE A 179 -1.05 -22.06 -11.70
N LYS A 180 -1.75 -21.91 -12.82
CA LYS A 180 -3.18 -21.66 -12.80
C LYS A 180 -4.00 -22.94 -12.72
N ASP A 181 -3.33 -24.10 -12.76
CA ASP A 181 -3.98 -25.40 -12.61
C ASP A 181 -3.52 -25.98 -11.27
N VAL A 182 -4.41 -25.94 -10.28
CA VAL A 182 -4.14 -26.46 -8.94
C VAL A 182 -4.98 -27.71 -8.74
N GLY A 183 -4.34 -28.79 -8.31
CA GLY A 183 -5.02 -30.07 -8.22
C GLY A 183 -5.38 -30.52 -6.82
N VAL A 184 -5.47 -29.57 -5.88
CA VAL A 184 -5.95 -29.89 -4.54
C VAL A 184 -7.46 -29.74 -4.42
N ASP A 185 -8.14 -29.34 -5.49
CA ASP A 185 -9.59 -29.23 -5.51
C ASP A 185 -10.24 -30.20 -6.48
N ASN A 186 -9.47 -31.14 -7.03
CA ASN A 186 -9.97 -32.12 -7.98
C ASN A 186 -10.86 -33.14 -7.27
N ALA A 187 -11.68 -33.82 -8.07
CA ALA A 187 -12.66 -34.77 -7.55
C ALA A 187 -12.04 -35.75 -6.56
N GLY A 188 -10.83 -36.25 -6.86
CA GLY A 188 -10.20 -37.19 -5.95
C GLY A 188 -9.47 -36.55 -4.80
N ALA A 189 -9.12 -35.26 -4.91
CA ALA A 189 -8.60 -34.54 -3.75
C ALA A 189 -9.65 -34.52 -2.64
N LYS A 190 -10.89 -34.17 -2.98
CA LYS A 190 -11.97 -34.23 -2.02
C LYS A 190 -12.17 -35.65 -1.51
N ALA A 191 -12.21 -36.61 -2.43
CA ALA A 191 -12.41 -38.01 -2.03
C ALA A 191 -11.36 -38.45 -1.02
N GLY A 192 -10.11 -38.03 -1.21
CA GLY A 192 -9.07 -38.36 -0.25
C GLY A 192 -9.16 -37.53 1.02
N LEU A 193 -9.67 -36.30 0.93
CA LEU A 193 -9.66 -35.43 2.10
C LEU A 193 -10.78 -35.79 3.08
N THR A 194 -12.00 -36.04 2.59
CA THR A 194 -13.07 -36.40 3.52
C THR A 194 -12.74 -37.68 4.26
N PHE A 195 -12.34 -38.73 3.52
CA PHE A 195 -11.96 -39.99 4.16
C PHE A 195 -10.87 -39.77 5.19
N LEU A 196 -9.99 -38.79 4.97
CA LEU A 196 -9.00 -38.44 5.98
C LEU A 196 -9.66 -37.90 7.23
N VAL A 197 -10.69 -37.06 7.07
CA VAL A 197 -11.31 -36.45 8.26
C VAL A 197 -12.49 -37.26 8.80
N ASP A 198 -13.11 -38.12 8.00
CA ASP A 198 -14.02 -39.11 8.58
C ASP A 198 -13.26 -40.11 9.45
N LEU A 199 -11.99 -40.36 9.14
CA LEU A 199 -11.12 -41.06 10.07
C LEU A 199 -11.03 -40.31 11.39
N ILE A 200 -11.07 -38.98 11.34
CA ILE A 200 -10.89 -38.18 12.54
C ILE A 200 -12.19 -37.99 13.29
N LYS A 201 -13.31 -37.88 12.56
CA LYS A 201 -14.60 -37.67 13.22
C LYS A 201 -15.17 -38.96 13.79
N ASN A 202 -14.86 -40.10 13.18
CA ASN A 202 -15.27 -41.39 13.73
C ASN A 202 -14.30 -41.91 14.80
N LYS A 203 -13.39 -41.04 15.28
CA LYS A 203 -12.45 -41.36 16.34
C LYS A 203 -11.45 -42.45 15.95
N HIS A 204 -11.20 -42.64 14.66
CA HIS A 204 -10.15 -43.56 14.25
C HIS A 204 -8.77 -42.89 14.33
N MET A 205 -8.71 -41.60 14.04
CA MET A 205 -7.52 -40.79 14.26
C MET A 205 -7.91 -39.53 15.01
N ASN A 206 -6.92 -38.70 15.32
CA ASN A 206 -7.13 -37.53 16.18
C ASN A 206 -6.40 -36.32 15.60
N ALA A 207 -7.11 -35.20 15.50
CA ALA A 207 -6.56 -34.00 14.87
C ALA A 207 -5.39 -33.39 15.62
N ASP A 208 -5.16 -33.76 16.88
CA ASP A 208 -4.07 -33.17 17.65
C ASP A 208 -2.75 -33.90 17.47
N THR A 209 -2.76 -35.11 16.90
CA THR A 209 -1.51 -35.85 16.71
C THR A 209 -0.57 -35.08 15.78
N ASP A 210 0.63 -34.79 16.28
CA ASP A 210 1.70 -34.22 15.49
C ASP A 210 2.76 -35.29 15.25
N TYR A 211 3.91 -34.87 14.73
CA TYR A 211 4.97 -35.83 14.46
C TYR A 211 5.50 -36.45 15.74
N SER A 212 5.63 -35.66 16.81
CA SER A 212 6.17 -36.18 18.06
C SER A 212 5.20 -37.14 18.73
N ILE A 213 3.91 -36.81 18.71
CA ILE A 213 2.91 -37.70 19.32
C ILE A 213 2.87 -39.04 18.59
N ALA A 214 3.01 -39.01 17.27
CA ALA A 214 2.93 -40.24 16.50
C ALA A 214 4.16 -41.10 16.67
N GLU A 215 5.34 -40.48 16.71
CA GLU A 215 6.58 -41.26 16.81
C GLU A 215 6.68 -41.97 18.16
N ALA A 216 6.32 -41.28 19.24
CA ALA A 216 6.39 -41.90 20.55
C ALA A 216 5.35 -42.99 20.70
N ALA A 217 4.14 -42.77 20.20
CA ALA A 217 3.09 -43.79 20.30
C ALA A 217 3.40 -44.99 19.44
N PHE A 218 4.14 -44.81 18.35
CA PHE A 218 4.45 -45.93 17.46
C PHE A 218 5.59 -46.79 17.99
N ASN A 219 6.58 -46.19 18.65
CA ASN A 219 7.72 -46.93 19.16
C ASN A 219 7.49 -47.50 20.56
N LYS A 220 6.43 -47.08 21.25
CA LYS A 220 6.04 -47.70 22.50
C LYS A 220 5.05 -48.85 22.29
N GLY A 221 4.75 -49.19 21.05
CA GLY A 221 3.81 -50.26 20.76
C GLY A 221 2.35 -49.88 20.92
N GLU A 222 2.04 -48.59 20.99
CA GLU A 222 0.68 -48.15 21.25
C GLU A 222 -0.18 -48.07 19.99
N THR A 223 0.44 -48.05 18.81
CA THR A 223 -0.30 -48.08 17.56
C THR A 223 0.33 -49.11 16.62
N ALA A 224 -0.50 -49.66 15.74
CA ALA A 224 -0.03 -50.73 14.86
C ALA A 224 0.72 -50.22 13.64
N MET A 225 0.42 -49.01 13.19
CA MET A 225 1.03 -48.47 11.99
C MET A 225 1.36 -47.00 12.18
N THR A 226 2.22 -46.50 11.29
CA THR A 226 2.53 -45.07 11.22
C THR A 226 3.12 -44.79 9.85
N ILE A 227 3.11 -43.51 9.47
CA ILE A 227 3.61 -43.06 8.17
C ILE A 227 4.82 -42.19 8.41
N ASN A 228 5.97 -42.62 7.89
CA ASN A 228 7.21 -41.88 8.07
C ASN A 228 8.17 -42.27 6.95
N GLY A 229 9.34 -41.65 6.94
CA GLY A 229 10.34 -41.90 5.93
C GLY A 229 11.55 -42.64 6.48
N PRO A 230 12.61 -42.72 5.68
CA PRO A 230 13.82 -43.44 6.13
C PRO A 230 14.53 -42.76 7.29
N TRP A 231 14.29 -41.47 7.52
CA TRP A 231 14.98 -40.76 8.60
C TRP A 231 14.59 -41.29 9.97
N ALA A 232 13.32 -41.68 10.12
CA ALA A 232 12.83 -42.15 11.41
C ALA A 232 13.22 -43.58 11.73
N TRP A 233 13.92 -44.27 10.82
CA TRP A 233 14.16 -45.70 11.00
C TRP A 233 15.02 -45.99 12.22
N SER A 234 16.11 -45.24 12.40
CA SER A 234 17.04 -45.54 13.48
C SER A 234 16.41 -45.36 14.85
N ASN A 235 15.49 -44.40 14.99
CA ASN A 235 14.73 -44.29 16.23
C ASN A 235 13.89 -45.52 16.48
N ILE A 236 13.42 -46.18 15.41
CA ILE A 236 12.63 -47.40 15.57
C ILE A 236 13.51 -48.62 15.79
N ASP A 237 14.80 -48.55 15.47
CA ASP A 237 15.70 -49.64 15.81
C ASP A 237 16.15 -49.56 17.26
N THR A 238 16.26 -48.34 17.80
CA THR A 238 16.41 -48.20 19.25
C THR A 238 15.15 -48.66 19.98
N SER A 239 14.00 -48.56 19.33
CA SER A 239 12.74 -48.96 19.96
C SER A 239 12.70 -50.47 20.17
N ALA A 240 11.72 -50.89 20.98
CA ALA A 240 11.51 -52.29 21.29
C ALA A 240 10.56 -52.98 20.32
N VAL A 241 10.23 -52.36 19.20
CA VAL A 241 9.25 -52.89 18.28
C VAL A 241 9.95 -53.67 17.17
N ASN A 242 9.39 -54.81 16.81
CA ASN A 242 9.77 -55.51 15.60
C ASN A 242 8.90 -54.96 14.47
N TYR A 243 9.52 -54.18 13.58
CA TYR A 243 8.77 -53.42 12.59
C TYR A 243 9.26 -53.74 11.19
N GLY A 244 8.45 -53.37 10.22
CA GLY A 244 8.84 -53.39 8.83
C GLY A 244 8.04 -52.33 8.10
N VAL A 245 8.57 -51.89 6.97
CA VAL A 245 7.88 -50.91 6.13
C VAL A 245 7.51 -51.58 4.82
N THR A 246 6.49 -51.03 4.17
CA THR A 246 5.96 -51.64 2.96
C THR A 246 5.26 -50.56 2.12
N VAL A 247 4.59 -51.01 1.07
CA VAL A 247 3.75 -50.18 0.24
C VAL A 247 2.79 -49.35 1.09
N LEU A 248 2.48 -48.14 0.62
CA LEU A 248 1.40 -47.40 1.22
C LEU A 248 0.06 -47.94 0.72
N PRO A 249 -0.96 -48.00 1.58
CA PRO A 249 -2.26 -48.54 1.16
C PRO A 249 -2.85 -47.78 -0.02
N THR A 250 -3.59 -48.50 -0.83
CA THR A 250 -4.32 -47.89 -1.93
C THR A 250 -5.62 -47.27 -1.42
N PHE A 251 -6.13 -46.30 -2.20
CA PHE A 251 -7.40 -45.67 -1.90
C PHE A 251 -8.24 -45.63 -3.17
N LYS A 252 -9.46 -46.18 -3.08
CA LYS A 252 -10.37 -46.31 -4.22
C LYS A 252 -9.68 -47.05 -5.37
N GLY A 253 -8.85 -48.02 -5.02
CA GLY A 253 -8.13 -48.82 -6.00
C GLY A 253 -6.81 -48.23 -6.45
N GLN A 254 -6.67 -46.90 -6.38
CA GLN A 254 -5.42 -46.28 -6.81
C GLN A 254 -4.45 -46.16 -5.65
N PRO A 255 -3.15 -46.30 -5.92
CA PRO A 255 -2.16 -46.12 -4.86
C PRO A 255 -1.97 -44.65 -4.51
N SER A 256 -1.52 -44.43 -3.30
CA SER A 256 -1.29 -43.09 -2.81
C SER A 256 -0.02 -42.55 -3.42
N LYS A 257 0.04 -41.24 -3.56
CA LYS A 257 1.19 -40.59 -4.16
C LYS A 257 1.89 -39.72 -3.17
N PRO A 258 2.96 -40.19 -2.58
CA PRO A 258 3.67 -39.35 -1.64
C PRO A 258 4.61 -38.43 -2.36
N PHE A 259 4.92 -37.28 -1.80
CA PHE A 259 5.85 -36.35 -2.42
C PHE A 259 7.25 -36.93 -2.40
N VAL A 260 7.91 -36.94 -3.57
CA VAL A 260 9.22 -37.54 -3.72
C VAL A 260 10.24 -36.41 -3.81
N GLY A 261 11.02 -36.26 -2.75
CA GLY A 261 12.16 -35.35 -2.75
C GLY A 261 13.44 -36.14 -2.97
N VAL A 262 14.39 -35.49 -3.64
CA VAL A 262 15.69 -36.10 -3.89
C VAL A 262 16.77 -35.25 -3.23
N LEU A 263 17.70 -35.91 -2.58
CA LEU A 263 18.80 -35.20 -1.99
C LEU A 263 19.79 -35.19 -3.09
N SER A 264 20.23 -34.03 -3.52
CA SER A 264 21.18 -33.99 -4.60
C SER A 264 22.10 -32.83 -4.44
N ALA A 265 23.02 -32.67 -5.39
CA ALA A 265 24.00 -31.59 -5.25
C ALA A 265 24.27 -30.70 -6.47
N GLY A 266 24.73 -29.48 -6.22
CA GLY A 266 25.03 -28.49 -7.24
C GLY A 266 26.48 -27.99 -7.26
N ILE A 267 26.81 -27.12 -8.20
CA ILE A 267 28.21 -26.62 -8.37
C ILE A 267 28.17 -25.08 -8.49
N ASN A 268 28.69 -24.35 -7.47
CA ASN A 268 28.41 -22.92 -7.31
C ASN A 268 28.58 -22.13 -8.62
N ALA A 269 27.68 -21.16 -8.79
CA ALA A 269 27.63 -20.40 -10.05
C ALA A 269 28.91 -19.58 -10.28
N ALA A 270 29.28 -18.79 -9.27
CA ALA A 270 30.53 -18.07 -9.24
C ALA A 270 31.66 -18.92 -8.70
N SER A 271 31.44 -20.23 -8.55
CA SER A 271 32.50 -21.11 -8.08
C SER A 271 33.69 -21.04 -9.02
N PRO A 272 34.91 -21.01 -8.45
CA PRO A 272 36.15 -20.93 -9.23
C PRO A 272 36.47 -22.25 -9.90
N ASN A 273 35.95 -23.34 -9.36
CA ASN A 273 36.19 -24.67 -9.92
C ASN A 273 34.87 -25.41 -10.15
N LYS A 274 34.41 -25.40 -11.39
CA LYS A 274 33.16 -26.08 -11.74
C LYS A 274 33.43 -27.45 -12.34
N GLU A 275 34.57 -27.58 -13.03
CA GLU A 275 34.94 -28.84 -13.65
C GLU A 275 35.58 -29.79 -12.64
N LEU A 276 36.05 -29.22 -11.56
CA LEU A 276 36.70 -29.98 -10.52
C LEU A 276 35.69 -30.77 -9.71
N ALA A 277 34.45 -30.33 -9.70
CA ALA A 277 33.45 -31.05 -8.95
C ALA A 277 33.13 -32.29 -9.73
N LYS A 278 32.54 -32.04 -10.90
CA LYS A 278 32.06 -33.03 -11.87
C LYS A 278 32.74 -34.37 -11.84
N GLU A 279 33.99 -34.39 -11.41
CA GLU A 279 34.64 -35.67 -11.30
C GLU A 279 34.31 -36.29 -9.95
N PHE A 280 34.42 -35.48 -8.91
CA PHE A 280 34.15 -35.98 -7.59
C PHE A 280 32.78 -36.57 -7.67
N LEU A 281 31.89 -35.85 -8.33
CA LEU A 281 30.53 -36.30 -8.50
C LEU A 281 30.45 -37.42 -9.53
N GLU A 282 30.40 -37.06 -10.81
CA GLU A 282 30.27 -38.01 -11.90
C GLU A 282 31.04 -39.31 -11.85
N ASN A 283 32.22 -39.30 -11.27
CA ASN A 283 33.10 -40.46 -11.27
C ASN A 283 33.27 -41.13 -9.91
N TYR A 284 32.89 -40.48 -8.81
CA TYR A 284 33.40 -40.95 -7.53
C TYR A 284 32.33 -41.14 -6.47
N LEU A 285 31.81 -40.02 -5.99
CA LEU A 285 30.79 -40.04 -4.98
C LEU A 285 29.76 -40.98 -5.47
N LEU A 286 29.41 -40.83 -6.74
CA LEU A 286 28.38 -41.63 -7.38
C LEU A 286 28.77 -43.02 -7.89
N THR A 287 29.64 -43.72 -7.18
CA THR A 287 30.06 -45.06 -7.53
C THR A 287 29.66 -45.96 -6.40
N ASP A 288 29.68 -47.24 -6.66
CA ASP A 288 29.19 -48.19 -5.66
C ASP A 288 29.83 -47.95 -4.29
N GLU A 289 31.16 -47.81 -4.24
CA GLU A 289 31.81 -47.53 -2.97
C GLU A 289 31.77 -46.05 -2.60
N GLY A 290 31.46 -45.17 -3.57
CA GLY A 290 31.33 -43.76 -3.29
C GLY A 290 30.22 -43.46 -2.30
N LEU A 291 29.00 -43.88 -2.62
CA LEU A 291 27.89 -43.72 -1.69
C LEU A 291 27.90 -44.74 -0.57
N GLU A 292 28.60 -45.86 -0.75
CA GLU A 292 28.67 -46.86 0.31
C GLU A 292 29.36 -46.29 1.54
N ALA A 293 30.36 -45.43 1.35
CA ALA A 293 31.10 -44.88 2.48
C ALA A 293 30.29 -43.81 3.22
N VAL A 294 29.39 -43.12 2.53
CA VAL A 294 28.51 -42.19 3.23
C VAL A 294 27.25 -42.90 3.73
N ASN A 295 26.76 -43.91 3.01
CA ASN A 295 25.77 -44.80 3.59
C ASN A 295 26.36 -45.62 4.73
N LYS A 296 27.69 -45.73 4.79
CA LYS A 296 28.33 -46.38 5.93
C LYS A 296 28.05 -45.63 7.23
N ASP A 297 28.12 -44.30 7.20
CA ASP A 297 27.92 -43.51 8.41
C ASP A 297 26.43 -43.29 8.68
N LYS A 298 25.79 -42.40 7.90
CA LYS A 298 24.37 -42.15 8.02
C LYS A 298 23.68 -42.66 6.76
N PRO A 299 22.71 -43.57 6.87
CA PRO A 299 22.12 -44.16 5.67
C PRO A 299 21.43 -43.12 4.79
N LEU A 300 21.53 -43.32 3.47
CA LEU A 300 20.93 -42.43 2.49
C LEU A 300 19.53 -42.87 2.08
N GLY A 301 19.05 -44.00 2.59
CA GLY A 301 17.78 -44.51 2.11
C GLY A 301 17.93 -45.05 0.70
N ALA A 302 17.05 -44.64 -0.19
CA ALA A 302 17.09 -45.06 -1.58
C ALA A 302 17.97 -44.13 -2.39
N VAL A 303 18.81 -44.70 -3.25
CA VAL A 303 19.76 -43.93 -4.05
C VAL A 303 19.35 -43.95 -5.50
N ALA A 304 19.73 -42.90 -6.23
CA ALA A 304 19.35 -42.84 -7.64
C ALA A 304 20.15 -43.82 -8.49
N LEU A 305 21.37 -44.17 -8.08
CA LEU A 305 22.15 -45.15 -8.81
C LEU A 305 21.61 -46.56 -8.56
N LYS A 306 21.68 -47.41 -9.59
CA LYS A 306 21.11 -48.76 -9.58
C LYS A 306 22.02 -49.80 -8.93
N SER A 307 23.28 -49.89 -9.37
CA SER A 307 24.18 -50.94 -8.91
C SER A 307 24.43 -50.89 -7.41
N TYR A 308 24.11 -49.79 -6.74
CA TYR A 308 24.16 -49.90 -5.30
C TYR A 308 22.77 -49.87 -4.69
N GLU A 309 21.78 -49.24 -5.36
CA GLU A 309 20.39 -49.39 -4.96
C GLU A 309 19.97 -50.84 -5.03
N GLU A 310 20.31 -51.51 -6.13
CA GLU A 310 20.01 -52.93 -6.27
C GLU A 310 20.63 -53.74 -5.13
N GLU A 311 21.79 -53.33 -4.64
CA GLU A 311 22.35 -53.93 -3.43
C GLU A 311 21.57 -53.50 -2.19
N LEU A 312 21.04 -52.28 -2.19
CA LEU A 312 20.22 -51.82 -1.07
C LEU A 312 18.82 -52.41 -1.09
N ALA A 313 18.28 -52.67 -2.28
CA ALA A 313 16.89 -53.12 -2.39
C ALA A 313 16.67 -54.49 -1.76
N LYS A 314 17.73 -55.26 -1.51
CA LYS A 314 17.55 -56.56 -0.88
C LYS A 314 17.07 -56.44 0.56
N ASP A 315 17.29 -55.29 1.19
CA ASP A 315 16.58 -54.96 2.41
C ASP A 315 15.24 -54.35 2.01
N PRO A 316 14.12 -55.02 2.32
CA PRO A 316 12.83 -54.60 1.75
C PRO A 316 12.39 -53.20 2.16
N ARG A 317 13.04 -52.60 3.17
CA ARG A 317 12.63 -51.28 3.62
C ARG A 317 12.98 -50.21 2.60
N ILE A 318 14.16 -50.32 1.99
CA ILE A 318 14.54 -49.36 0.97
C ILE A 318 13.87 -49.71 -0.36
N ALA A 319 13.56 -50.99 -0.57
CA ALA A 319 12.78 -51.37 -1.75
C ALA A 319 11.36 -50.79 -1.65
N ALA A 320 10.79 -50.78 -0.45
CA ALA A 320 9.48 -50.16 -0.26
C ALA A 320 9.57 -48.64 -0.40
N THR A 321 10.69 -48.04 0.00
CA THR A 321 10.85 -46.60 -0.15
C THR A 321 10.91 -46.20 -1.63
N MET A 322 11.68 -46.95 -2.42
CA MET A 322 11.79 -46.64 -3.84
C MET A 322 10.48 -46.90 -4.57
N GLU A 323 9.80 -47.99 -4.24
CA GLU A 323 8.54 -48.33 -4.89
C GLU A 323 7.45 -47.31 -4.55
N ASN A 324 7.35 -46.92 -3.28
CA ASN A 324 6.44 -45.84 -2.91
C ASN A 324 6.83 -44.54 -3.60
N ALA A 325 8.11 -44.37 -3.94
CA ALA A 325 8.55 -43.18 -4.66
C ALA A 325 8.18 -43.25 -6.13
N GLN A 326 8.08 -44.44 -6.71
CA GLN A 326 7.71 -44.55 -8.11
C GLN A 326 6.28 -44.11 -8.33
N LYS A 327 5.34 -44.61 -7.52
CA LYS A 327 3.95 -44.16 -7.62
C LYS A 327 3.78 -42.72 -7.17
N GLY A 328 4.52 -42.31 -6.14
CA GLY A 328 4.59 -40.89 -5.84
C GLY A 328 5.19 -40.11 -6.99
N GLU A 329 4.97 -38.80 -6.97
CA GLU A 329 5.46 -37.95 -8.04
C GLU A 329 6.15 -36.70 -7.50
N ILE A 330 7.05 -36.17 -8.32
CA ILE A 330 8.08 -35.24 -7.86
C ILE A 330 7.47 -33.97 -7.28
N MET A 331 8.13 -33.43 -6.26
CA MET A 331 7.71 -32.18 -5.63
C MET A 331 8.15 -30.99 -6.50
N PRO A 332 7.23 -30.09 -6.84
CA PRO A 332 7.60 -28.92 -7.66
C PRO A 332 8.73 -28.09 -7.05
N ASN A 333 9.31 -27.23 -7.89
CA ASN A 333 10.48 -26.43 -7.54
C ASN A 333 10.16 -24.96 -7.26
N ILE A 334 8.89 -24.56 -7.30
CA ILE A 334 8.59 -23.15 -7.54
C ILE A 334 8.14 -22.44 -6.27
N PRO A 335 8.49 -21.15 -6.12
CA PRO A 335 8.01 -20.36 -4.96
C PRO A 335 6.55 -20.53 -4.59
N GLN A 336 5.66 -20.75 -5.56
CA GLN A 336 4.25 -20.90 -5.22
C GLN A 336 3.95 -22.18 -4.46
N MET A 337 4.95 -23.04 -4.22
CA MET A 337 4.73 -24.25 -3.44
C MET A 337 4.36 -23.92 -2.00
N SER A 338 4.87 -22.82 -1.46
CA SER A 338 4.51 -22.43 -0.09
C SER A 338 3.04 -22.05 0.00
N ALA A 339 2.50 -21.41 -1.04
CA ALA A 339 1.06 -21.19 -1.10
C ALA A 339 0.30 -22.50 -1.16
N PHE A 340 0.89 -23.51 -1.81
CA PHE A 340 0.32 -24.85 -1.80
C PHE A 340 0.36 -25.44 -0.40
N TRP A 341 1.52 -25.40 0.26
CA TRP A 341 1.63 -25.93 1.61
C TRP A 341 0.64 -25.26 2.56
N TYR A 342 0.45 -23.96 2.41
CA TYR A 342 -0.51 -23.25 3.25
C TYR A 342 -1.94 -23.66 2.91
N ALA A 343 -2.27 -23.76 1.62
CA ALA A 343 -3.64 -24.06 1.22
C ALA A 343 -4.06 -25.45 1.67
N VAL A 344 -3.21 -26.46 1.45
CA VAL A 344 -3.57 -27.83 1.79
C VAL A 344 -3.71 -27.99 3.29
N ARG A 345 -2.87 -27.29 4.06
CA ARG A 345 -2.87 -27.50 5.51
C ARG A 345 -4.08 -26.86 6.18
N THR A 346 -4.35 -25.58 5.89
CA THR A 346 -5.49 -24.92 6.51
C THR A 346 -6.80 -25.59 6.12
N ALA A 347 -6.84 -26.21 4.93
CA ALA A 347 -8.00 -26.99 4.54
C ALA A 347 -8.16 -28.22 5.43
N VAL A 348 -7.05 -28.90 5.73
CA VAL A 348 -7.11 -30.09 6.56
C VAL A 348 -7.57 -29.74 7.98
N ILE A 349 -7.03 -28.66 8.54
CA ILE A 349 -7.31 -28.33 9.94
C ILE A 349 -8.77 -28.00 10.15
N ASN A 350 -9.32 -27.13 9.30
CA ASN A 350 -10.72 -26.74 9.45
C ASN A 350 -11.68 -27.83 8.98
N ALA A 351 -11.24 -28.75 8.12
CA ALA A 351 -12.07 -29.90 7.79
C ALA A 351 -11.99 -30.96 8.89
N ALA A 352 -10.81 -31.16 9.47
CA ALA A 352 -10.65 -32.11 10.57
C ALA A 352 -11.30 -31.62 11.85
N SER A 353 -11.62 -30.33 11.94
CA SER A 353 -12.30 -29.78 13.11
C SER A 353 -13.81 -29.74 12.94
N GLY A 354 -14.33 -30.15 11.78
CA GLY A 354 -15.75 -29.98 11.51
C GLY A 354 -16.19 -28.55 11.35
N ARG A 355 -15.24 -27.60 11.37
CA ARG A 355 -15.58 -26.19 11.27
C ARG A 355 -16.22 -25.87 9.93
N GLN A 356 -15.71 -26.48 8.86
CA GLN A 356 -16.26 -26.33 7.53
C GLN A 356 -16.33 -27.71 6.88
N THR A 357 -17.12 -27.80 5.81
CA THR A 357 -17.14 -29.03 5.05
C THR A 357 -15.88 -29.14 4.20
N VAL A 358 -15.73 -30.26 3.50
CA VAL A 358 -14.49 -30.52 2.77
C VAL A 358 -14.42 -29.68 1.50
N ASP A 359 -15.51 -29.61 0.75
CA ASP A 359 -15.54 -28.72 -0.41
C ASP A 359 -15.36 -27.26 0.01
N ALA A 360 -15.93 -26.89 1.16
CA ALA A 360 -15.89 -25.51 1.61
C ALA A 360 -14.52 -25.13 2.18
N ALA A 361 -13.93 -26.02 2.99
CA ALA A 361 -12.62 -25.72 3.56
C ALA A 361 -11.54 -25.68 2.49
N LEU A 362 -11.73 -26.42 1.39
CA LEU A 362 -10.75 -26.41 0.32
C LEU A 362 -10.77 -25.09 -0.45
N ALA A 363 -11.95 -24.57 -0.73
CA ALA A 363 -12.05 -23.30 -1.48
C ALA A 363 -11.62 -22.13 -0.63
N ALA A 364 -12.09 -22.07 0.62
CA ALA A 364 -11.69 -20.97 1.51
C ALA A 364 -10.19 -20.98 1.77
N ALA A 365 -9.56 -22.15 1.72
CA ALA A 365 -8.13 -22.23 1.95
C ALA A 365 -7.34 -21.73 0.75
N GLN A 366 -7.82 -22.03 -0.46
CA GLN A 366 -7.04 -21.74 -1.66
C GLN A 366 -6.90 -20.24 -1.90
N THR A 367 -8.02 -19.52 -1.90
CA THR A 367 -7.92 -18.07 -2.09
C THR A 367 -7.43 -17.35 -0.85
N ASN A 368 -7.60 -17.94 0.34
CA ASN A 368 -6.88 -17.43 1.50
C ASN A 368 -5.38 -17.47 1.27
N ALA A 369 -4.91 -18.51 0.58
CA ALA A 369 -3.48 -18.68 0.34
C ALA A 369 -2.95 -17.60 -0.59
N VAL A 370 -3.60 -17.39 -1.74
CA VAL A 370 -3.08 -16.43 -2.69
C VAL A 370 -3.41 -14.99 -2.28
N ASP A 371 -4.52 -14.76 -1.57
CA ASP A 371 -4.75 -13.45 -1.00
C ASP A 371 -3.75 -13.16 0.11
N LEU A 372 -3.21 -14.20 0.75
CA LEU A 372 -2.20 -14.02 1.78
C LEU A 372 -0.87 -13.61 1.18
N LYS A 373 -0.50 -14.21 0.04
CA LYS A 373 0.75 -13.86 -0.61
C LYS A 373 0.66 -12.51 -1.30
N VAL A 374 -0.55 -12.09 -1.68
CA VAL A 374 -0.73 -10.73 -2.18
C VAL A 374 -0.33 -9.72 -1.11
N LEU A 375 -0.75 -9.95 0.14
CA LEU A 375 -0.32 -9.09 1.23
C LEU A 375 1.18 -9.22 1.50
N GLU A 376 1.75 -10.40 1.21
CA GLU A 376 3.19 -10.57 1.41
C GLU A 376 3.98 -9.70 0.45
N GLN A 377 3.66 -9.76 -0.85
CA GLN A 377 4.36 -8.94 -1.82
C GLN A 377 4.14 -7.46 -1.54
N LEU A 378 2.89 -7.07 -1.22
CA LEU A 378 2.64 -5.70 -0.81
C LEU A 378 3.41 -5.33 0.45
N GLY A 379 3.62 -6.31 1.34
CA GLY A 379 4.47 -6.06 2.50
C GLY A 379 5.94 -5.97 2.15
N LYS A 380 6.37 -6.70 1.12
CA LYS A 380 7.77 -6.63 0.70
C LYS A 380 8.08 -5.33 -0.03
N GLU A 381 7.10 -4.77 -0.74
CA GLU A 381 7.37 -3.57 -1.53
C GLU A 381 7.43 -2.32 -0.66
N VAL A 382 6.49 -2.17 0.29
CA VAL A 382 6.58 -1.03 1.20
C VAL A 382 7.81 -1.17 2.10
N LEU A 383 8.22 -2.41 2.38
CA LEU A 383 9.48 -2.62 3.09
C LEU A 383 10.66 -2.21 2.20
N THR A 384 10.65 -2.66 0.94
CA THR A 384 11.75 -2.36 0.03
C THR A 384 11.92 -0.84 -0.14
N GLU A 385 10.83 -0.13 -0.42
CA GLU A 385 10.90 1.32 -0.53
C GLU A 385 11.26 1.98 0.80
N TYR A 386 11.00 1.30 1.92
CA TYR A 386 11.27 1.86 3.23
C TYR A 386 12.76 1.88 3.54
N LEU A 387 13.48 0.81 3.20
CA LEU A 387 14.91 0.75 3.42
C LEU A 387 15.70 1.49 2.37
N GLU A 388 15.13 1.67 1.17
CA GLU A 388 15.74 2.56 0.19
C GLU A 388 15.86 3.97 0.76
N LYS A 389 14.84 4.42 1.49
CA LYS A 389 14.90 5.71 2.16
C LYS A 389 15.88 5.71 3.34
N LEU A 390 16.24 4.53 3.85
CA LEU A 390 17.19 4.48 4.97
C LEU A 390 18.63 4.64 4.50
N VAL A 391 19.02 3.96 3.42
CA VAL A 391 20.41 4.06 2.97
C VAL A 391 20.65 5.30 2.14
N GLN A 392 19.64 5.76 1.38
CA GLN A 392 19.79 7.00 0.63
C GLN A 392 19.99 8.18 1.55
N SER A 393 19.44 8.11 2.76
CA SER A 393 19.56 9.17 3.75
C SER A 393 20.86 9.10 4.54
N ASN A 394 21.63 8.01 4.41
CA ASN A 394 22.93 7.86 5.07
C ASN A 394 22.83 7.92 6.59
N VAL A 395 21.71 7.43 7.14
CA VAL A 395 21.54 7.50 8.59
C VAL A 395 22.46 6.50 9.30
N LEU A 396 22.83 5.41 8.62
CA LEU A 396 23.71 4.39 9.20
C LEU A 396 25.09 4.39 8.56
N LYS A 397 25.53 5.55 8.06
CA LYS A 397 26.91 5.92 7.77
C LYS A 397 27.54 5.22 6.58
N LEU A 398 26.84 4.30 5.93
CA LEU A 398 27.46 3.61 4.82
C LEU A 398 27.37 4.39 3.53
N LYS A 399 28.26 4.04 2.61
CA LYS A 399 28.33 4.60 1.27
C LYS A 399 29.43 3.81 0.61
N GLU A 400 30.65 4.31 0.79
CA GLU A 400 31.90 3.73 0.33
C GLU A 400 31.84 2.81 -0.88
N GLU A 401 31.45 1.58 -0.62
CA GLU A 401 31.34 0.57 -1.64
C GLU A 401 30.05 -0.18 -1.40
N ASP A 402 29.55 -0.06 -0.18
CA ASP A 402 28.32 -0.74 0.21
C ASP A 402 27.04 -0.02 -0.16
N LYS A 403 27.12 1.23 -0.62
CA LYS A 403 25.92 1.97 -0.96
C LYS A 403 25.52 1.82 -2.42
N GLN A 404 26.44 2.10 -3.35
CA GLN A 404 26.12 1.95 -4.77
C GLN A 404 25.89 0.49 -5.13
N LYS A 405 26.54 -0.44 -4.43
CA LYS A 405 26.27 -1.86 -4.62
C LYS A 405 24.80 -2.17 -4.38
N PHE A 406 24.30 -1.81 -3.21
CA PHE A 406 22.89 -2.00 -2.88
C PHE A 406 21.97 -1.36 -3.93
N ASN A 407 22.28 -0.11 -4.31
CA ASN A 407 21.40 0.61 -5.21
C ASN A 407 21.42 0.04 -6.63
N ASN A 408 22.55 -0.52 -7.05
CA ASN A 408 22.62 -1.11 -8.38
C ASN A 408 21.94 -2.47 -8.46
N ALA A 409 21.75 -3.13 -7.31
CA ALA A 409 21.04 -4.40 -7.30
C ALA A 409 19.59 -4.20 -7.72
N GLU A 410 19.06 -5.20 -8.43
CA GLU A 410 17.67 -5.15 -8.88
C GLU A 410 16.72 -5.06 -7.70
N ARG A 411 15.58 -4.40 -7.92
CA ARG A 411 14.66 -4.06 -6.85
C ARG A 411 14.20 -5.27 -6.04
N SER A 412 14.11 -6.45 -6.68
CA SER A 412 13.46 -7.59 -6.05
C SER A 412 14.20 -8.03 -4.79
N ASP A 413 15.54 -8.06 -4.84
CA ASP A 413 16.37 -8.41 -3.70
C ASP A 413 17.11 -7.19 -3.18
N LYS A 414 16.46 -6.02 -3.22
CA LYS A 414 17.04 -4.92 -2.47
C LYS A 414 16.96 -5.13 -0.97
N ARG A 415 16.42 -6.27 -0.52
CA ARG A 415 16.31 -6.57 0.91
C ARG A 415 17.51 -7.40 1.38
N TRP A 416 17.61 -8.66 0.94
CA TRP A 416 18.74 -9.52 1.28
C TRP A 416 20.06 -8.77 1.11
N VAL A 417 20.19 -8.00 0.02
CA VAL A 417 21.39 -7.20 -0.17
C VAL A 417 21.56 -6.22 0.99
N PHE A 418 20.46 -5.66 1.48
CA PHE A 418 20.58 -4.63 2.51
C PHE A 418 20.97 -5.23 3.85
N VAL A 419 20.42 -6.39 4.23
CA VAL A 419 20.78 -6.89 5.56
C VAL A 419 22.02 -7.78 5.54
N ASP A 420 22.60 -8.05 4.37
CA ASP A 420 24.00 -8.48 4.35
C ASP A 420 24.94 -7.30 4.16
N ALA A 421 24.46 -6.09 4.45
CA ALA A 421 25.27 -4.88 4.52
C ALA A 421 25.42 -4.40 5.96
N MET A 422 25.36 -5.35 6.90
CA MET A 422 25.38 -5.13 8.34
C MET A 422 26.78 -5.17 8.93
N LYS A 423 27.81 -4.96 8.10
CA LYS A 423 29.23 -5.04 8.46
C LYS A 423 29.54 -5.97 9.64
N MET A 432 20.84 -4.71 13.59
CA MET A 432 20.82 -3.54 14.45
C MET A 432 19.43 -2.90 14.43
N LEU A 433 19.05 -2.35 13.29
CA LEU A 433 17.64 -2.04 13.05
C LEU A 433 16.94 -3.37 12.82
N LEU A 434 16.31 -3.91 13.87
CA LEU A 434 15.60 -5.15 13.65
C LEU A 434 14.09 -4.87 13.73
N GLN A 435 13.34 -5.70 14.44
CA GLN A 435 11.87 -5.61 14.41
C GLN A 435 11.43 -4.29 15.06
N THR A 436 11.48 -3.23 14.26
CA THR A 436 10.94 -1.94 14.64
C THR A 436 9.46 -1.81 14.27
N PHE A 437 8.91 -2.80 13.61
CA PHE A 437 7.49 -2.84 13.27
C PHE A 437 6.67 -3.42 14.41
N PHE A 438 7.34 -3.86 15.48
CA PHE A 438 6.68 -4.43 16.65
C PHE A 438 6.86 -3.46 17.83
N SER A 439 6.59 -2.19 17.59
CA SER A 439 6.77 -1.14 18.61
C SER A 439 5.75 -0.01 18.48
N ILE B 3 -5.87 -5.16 -37.77
CA ILE B 3 -5.01 -4.43 -38.70
C ILE B 3 -5.25 -4.94 -40.11
N GLU B 4 -5.09 -4.06 -41.08
CA GLU B 4 -5.42 -4.36 -42.46
C GLU B 4 -4.23 -3.98 -43.36
N GLU B 5 -4.17 -4.51 -44.57
CA GLU B 5 -3.11 -4.20 -45.50
C GLU B 5 -3.74 -3.92 -46.85
N GLY B 6 -3.03 -3.13 -47.64
CA GLY B 6 -3.44 -2.72 -48.97
C GLY B 6 -3.44 -1.21 -49.06
N LYS B 7 -3.63 -0.54 -47.93
CA LYS B 7 -3.68 0.91 -47.90
C LYS B 7 -3.09 1.55 -46.65
N LEU B 8 -2.93 2.87 -46.68
CA LEU B 8 -2.40 3.61 -45.54
C LEU B 8 -3.39 4.60 -44.95
N VAL B 9 -3.11 5.07 -43.74
CA VAL B 9 -4.10 5.86 -43.01
C VAL B 9 -3.41 6.93 -42.16
N ILE B 10 -4.21 7.83 -41.60
CA ILE B 10 -3.65 8.85 -40.72
C ILE B 10 -4.65 9.30 -39.65
N TRP B 11 -4.14 9.52 -38.44
CA TRP B 11 -4.98 9.94 -37.32
C TRP B 11 -4.53 11.29 -36.76
N ILE B 12 -5.33 12.33 -36.99
CA ILE B 12 -5.00 13.66 -36.48
C ILE B 12 -6.20 14.34 -35.83
N ASN B 13 -5.93 15.34 -34.99
CA ASN B 13 -6.91 16.11 -34.23
C ASN B 13 -7.34 17.34 -35.01
N GLY B 14 -7.93 18.31 -34.31
CA GLY B 14 -8.27 19.57 -34.92
C GLY B 14 -7.30 20.71 -34.66
N ASP B 15 -6.04 20.42 -34.31
CA ASP B 15 -5.04 21.48 -34.22
C ASP B 15 -4.75 22.01 -35.62
N LYS B 16 -4.17 21.17 -36.46
CA LYS B 16 -3.82 21.54 -37.82
C LYS B 16 -4.87 20.98 -38.78
N GLY B 17 -5.07 21.69 -39.89
CA GLY B 17 -6.11 21.39 -40.84
C GLY B 17 -6.29 19.93 -41.19
N TYR B 18 -7.42 19.35 -40.76
CA TYR B 18 -7.65 17.92 -41.00
C TYR B 18 -7.77 17.62 -42.48
N ASN B 19 -8.23 18.58 -43.29
CA ASN B 19 -8.35 18.35 -44.73
C ASN B 19 -7.13 18.80 -45.51
N GLY B 20 -6.33 19.72 -44.96
CA GLY B 20 -5.06 20.04 -45.59
C GLY B 20 -4.22 18.79 -45.81
N LEU B 21 -4.16 17.93 -44.80
CA LEU B 21 -3.47 16.65 -44.94
C LEU B 21 -4.19 15.75 -45.92
N ALA B 22 -5.53 15.76 -45.91
CA ALA B 22 -6.28 15.06 -46.94
C ALA B 22 -5.95 15.63 -48.32
N GLU B 23 -5.97 16.95 -48.43
CA GLU B 23 -5.62 17.62 -49.70
C GLU B 23 -4.22 17.21 -50.18
N VAL B 24 -3.28 16.98 -49.27
CA VAL B 24 -2.02 16.36 -49.66
C VAL B 24 -2.13 14.84 -49.65
N GLY B 25 -3.18 14.29 -49.02
CA GLY B 25 -3.31 12.84 -48.94
C GLY B 25 -3.52 12.17 -50.29
N LYS B 26 -4.35 12.75 -51.15
CA LYS B 26 -4.67 12.04 -52.38
C LYS B 26 -3.59 12.27 -53.44
N LYS B 27 -2.75 13.31 -53.29
CA LYS B 27 -1.55 13.41 -54.11
C LYS B 27 -0.78 12.11 -54.11
N PHE B 28 -0.64 11.50 -52.93
CA PHE B 28 -0.01 10.19 -52.83
C PHE B 28 -0.75 9.17 -53.69
N GLU B 29 -2.02 8.92 -53.39
CA GLU B 29 -2.77 7.87 -54.09
C GLU B 29 -3.05 8.24 -55.54
N LYS B 30 -3.17 9.53 -55.87
CA LYS B 30 -3.30 9.90 -57.28
C LYS B 30 -2.06 9.48 -58.05
N ASP B 31 -0.89 9.66 -57.45
CA ASP B 31 0.38 9.34 -58.08
C ASP B 31 0.81 7.89 -57.86
N THR B 32 0.21 7.19 -56.88
CA THR B 32 0.62 5.82 -56.57
C THR B 32 -0.49 4.80 -56.77
N GLY B 33 -1.72 5.08 -56.30
CA GLY B 33 -2.80 4.11 -56.34
C GLY B 33 -3.10 3.41 -55.03
N ILE B 34 -2.38 3.72 -53.96
CA ILE B 34 -2.66 3.16 -52.63
C ILE B 34 -3.53 4.17 -51.89
N LYS B 35 -4.80 3.82 -51.67
CA LYS B 35 -5.71 4.71 -50.97
C LYS B 35 -5.15 5.10 -49.61
N VAL B 36 -5.32 6.37 -49.27
CA VAL B 36 -4.93 6.88 -47.96
C VAL B 36 -6.18 7.50 -47.34
N THR B 37 -6.81 6.79 -46.42
CA THR B 37 -7.87 7.40 -45.64
C THR B 37 -7.24 8.34 -44.65
N VAL B 38 -7.91 9.45 -44.38
CA VAL B 38 -7.47 10.40 -43.35
C VAL B 38 -8.62 10.59 -42.37
N GLU B 39 -8.36 10.30 -41.10
CA GLU B 39 -9.39 10.31 -40.08
C GLU B 39 -8.97 11.21 -38.93
N HIS B 40 -9.97 11.65 -38.17
CA HIS B 40 -9.74 12.51 -37.01
C HIS B 40 -10.54 11.96 -35.85
N PRO B 41 -10.00 10.96 -35.16
CA PRO B 41 -10.70 10.41 -34.00
C PRO B 41 -10.64 11.39 -32.86
N ASP B 42 -11.79 11.67 -32.33
CA ASP B 42 -11.86 12.26 -31.03
C ASP B 42 -11.03 11.44 -30.05
N LYS B 43 -10.23 12.15 -29.25
CA LYS B 43 -9.35 11.57 -28.24
C LYS B 43 -8.27 10.70 -28.89
N LEU B 44 -7.45 11.34 -29.73
CA LEU B 44 -6.41 10.60 -30.42
C LEU B 44 -5.33 10.11 -29.46
N GLU B 45 -4.85 10.99 -28.59
CA GLU B 45 -3.84 10.63 -27.61
C GLU B 45 -4.33 9.59 -26.61
N GLU B 46 -5.63 9.36 -26.54
CA GLU B 46 -6.20 8.35 -25.65
C GLU B 46 -6.69 7.12 -26.37
N LYS B 47 -6.62 7.08 -27.69
CA LYS B 47 -6.99 5.90 -28.43
C LYS B 47 -5.80 5.08 -28.91
N PHE B 48 -4.63 5.72 -29.15
CA PHE B 48 -3.56 5.02 -29.87
C PHE B 48 -2.99 3.83 -29.09
N PRO B 49 -2.51 4.00 -27.85
CA PRO B 49 -2.04 2.82 -27.12
C PRO B 49 -3.12 1.79 -26.87
N GLN B 50 -4.39 2.18 -26.94
CA GLN B 50 -5.49 1.23 -26.93
C GLN B 50 -5.65 0.55 -28.28
N VAL B 51 -5.63 1.32 -29.36
CA VAL B 51 -5.86 0.79 -30.71
C VAL B 51 -4.67 0.01 -31.24
N ALA B 52 -3.50 0.10 -30.57
CA ALA B 52 -2.28 -0.46 -31.12
C ALA B 52 -1.72 -1.64 -30.35
N ALA B 53 -1.94 -1.73 -29.03
CA ALA B 53 -1.27 -2.73 -28.21
C ALA B 53 -1.55 -4.16 -28.70
N THR B 54 -2.69 -4.38 -29.33
CA THR B 54 -3.00 -5.68 -29.92
C THR B 54 -2.62 -5.78 -31.39
N GLY B 55 -1.99 -4.74 -31.95
CA GLY B 55 -1.50 -4.79 -33.31
C GLY B 55 -2.39 -4.10 -34.33
N ASP B 56 -3.62 -3.77 -33.98
CA ASP B 56 -4.53 -3.13 -34.93
C ASP B 56 -4.19 -1.65 -35.06
N GLY B 57 -5.08 -0.88 -35.70
CA GLY B 57 -4.92 0.54 -35.81
C GLY B 57 -4.32 1.01 -37.11
N PRO B 58 -3.59 2.13 -37.04
CA PRO B 58 -2.93 2.67 -38.22
C PRO B 58 -1.74 1.91 -38.71
N ASP B 59 -1.24 2.51 -39.76
CA ASP B 59 0.17 2.28 -39.91
C ASP B 59 0.97 3.52 -39.48
N ILE B 60 0.51 4.77 -39.74
CA ILE B 60 1.23 6.00 -39.36
C ILE B 60 0.36 6.82 -38.40
N ILE B 61 0.93 7.83 -37.76
CA ILE B 61 0.11 8.67 -36.90
C ILE B 61 0.79 9.92 -36.37
N PHE B 62 -0.02 10.91 -36.04
CA PHE B 62 0.44 12.22 -35.60
C PHE B 62 0.09 12.71 -34.21
N TRP B 63 1.10 13.15 -33.46
CA TRP B 63 0.93 13.80 -32.16
C TRP B 63 2.17 14.54 -31.73
N ALA B 64 2.12 15.16 -30.56
CA ALA B 64 3.24 15.91 -30.06
C ALA B 64 4.36 15.03 -29.52
N HIS B 65 5.45 15.70 -29.18
CA HIS B 65 6.67 15.13 -28.58
C HIS B 65 6.82 15.26 -27.08
N ASP B 66 5.94 16.05 -26.46
CA ASP B 66 5.97 16.29 -25.02
C ASP B 66 5.10 15.28 -24.28
N ARG B 67 4.03 14.85 -24.95
CA ARG B 67 3.11 13.87 -24.41
C ARG B 67 3.39 12.52 -25.08
N PHE B 68 4.57 12.38 -25.70
CA PHE B 68 4.93 11.15 -26.40
C PHE B 68 5.52 10.03 -25.53
N GLY B 69 5.55 10.26 -24.22
CA GLY B 69 6.07 9.30 -23.25
C GLY B 69 5.14 8.18 -22.79
N GLY B 70 4.08 7.94 -23.55
CA GLY B 70 3.11 6.90 -23.28
C GLY B 70 3.17 5.91 -24.42
N TYR B 71 3.76 6.32 -25.55
CA TYR B 71 3.86 5.43 -26.70
C TYR B 71 5.18 4.66 -26.73
N ALA B 72 6.29 5.38 -26.58
CA ALA B 72 7.60 4.77 -26.61
C ALA B 72 7.84 3.82 -25.46
N GLN B 73 7.13 4.00 -24.34
CA GLN B 73 7.35 3.13 -23.20
C GLN B 73 6.83 1.73 -23.47
N SER B 74 5.74 1.60 -24.24
CA SER B 74 5.21 0.31 -24.64
C SER B 74 5.86 -0.21 -25.92
N GLY B 75 6.85 0.50 -26.44
CA GLY B 75 7.53 0.09 -27.66
C GLY B 75 6.55 -0.36 -28.73
N LEU B 76 6.11 0.59 -29.56
CA LEU B 76 5.18 0.28 -30.63
C LEU B 76 5.66 0.86 -31.96
N LEU B 77 5.92 2.16 -31.97
CA LEU B 77 6.38 2.85 -33.17
C LEU B 77 7.66 2.22 -33.71
N ALA B 78 7.60 1.69 -34.93
CA ALA B 78 8.75 1.07 -35.56
C ALA B 78 9.79 2.11 -35.98
N GLU B 79 11.00 1.64 -36.25
CA GLU B 79 12.09 2.53 -36.66
C GLU B 79 11.99 2.86 -38.15
N ILE B 80 12.83 3.79 -38.59
CA ILE B 80 12.83 4.21 -39.99
C ILE B 80 14.31 4.41 -40.34
N THR B 81 14.72 3.84 -41.47
CA THR B 81 16.10 3.98 -41.93
C THR B 81 15.98 5.08 -42.97
N PRO B 82 15.99 6.35 -42.55
CA PRO B 82 15.95 7.44 -43.53
C PRO B 82 17.34 7.68 -44.09
N ALA B 83 17.37 8.09 -45.35
CA ALA B 83 18.63 8.30 -46.03
C ALA B 83 19.39 9.46 -45.40
N ALA B 84 20.72 9.34 -45.39
CA ALA B 84 21.50 10.48 -44.94
C ALA B 84 21.14 11.73 -45.73
N ALA B 85 20.89 11.61 -47.05
CA ALA B 85 20.47 12.80 -47.79
C ALA B 85 19.16 13.36 -47.28
N PHE B 86 18.30 12.52 -46.68
CA PHE B 86 17.03 13.02 -46.14
C PHE B 86 17.20 13.66 -44.77
N GLN B 87 18.12 13.12 -43.97
CA GLN B 87 18.37 13.66 -42.63
C GLN B 87 19.07 15.00 -42.70
N ASP B 88 19.27 15.50 -43.92
CA ASP B 88 19.93 16.79 -44.12
C ASP B 88 18.95 17.84 -44.61
N LYS B 89 17.66 17.50 -44.59
CA LYS B 89 16.62 18.42 -45.03
C LYS B 89 16.07 19.22 -43.86
N LEU B 90 16.33 18.75 -42.64
CA LEU B 90 15.88 19.43 -41.44
C LEU B 90 17.04 19.64 -40.49
N TYR B 91 16.86 20.60 -39.57
CA TYR B 91 17.93 21.04 -38.70
C TYR B 91 18.54 19.85 -37.96
N PRO B 92 19.86 19.80 -37.83
CA PRO B 92 20.50 18.61 -37.22
C PRO B 92 20.02 18.31 -35.81
N PHE B 93 19.54 19.30 -35.07
CA PHE B 93 19.05 19.07 -33.72
C PHE B 93 17.61 18.60 -33.68
N THR B 94 16.92 18.53 -34.83
CA THR B 94 15.52 18.11 -34.81
C THR B 94 15.39 16.61 -34.58
N TRP B 95 16.31 15.81 -35.13
CA TRP B 95 16.19 14.36 -35.03
C TRP B 95 16.46 13.84 -33.62
N ASP B 96 17.05 14.66 -32.75
CA ASP B 96 17.26 14.26 -31.37
C ASP B 96 15.98 14.29 -30.56
N ALA B 97 15.03 15.14 -30.94
CA ALA B 97 13.75 15.22 -30.24
C ALA B 97 12.89 13.99 -30.46
N VAL B 98 13.30 13.11 -31.35
CA VAL B 98 12.51 11.94 -31.61
C VAL B 98 13.38 10.71 -31.67
N ARG B 99 14.46 10.85 -30.91
CA ARG B 99 15.51 9.86 -30.77
C ARG B 99 15.19 9.01 -29.60
N TYR B 100 15.37 7.72 -29.78
CA TYR B 100 15.06 6.80 -28.73
C TYR B 100 15.82 5.54 -28.94
N ASN B 101 16.23 4.98 -27.82
CA ASN B 101 16.97 3.74 -27.82
C ASN B 101 18.15 3.76 -28.75
N GLY B 102 18.29 4.81 -29.55
CA GLY B 102 19.40 4.91 -30.48
C GLY B 102 18.94 5.16 -31.91
N LYS B 103 17.82 4.55 -32.28
CA LYS B 103 17.28 4.70 -33.62
C LYS B 103 16.17 5.74 -33.66
N LEU B 104 15.51 5.86 -34.81
CA LEU B 104 14.43 6.83 -34.99
C LEU B 104 13.13 6.32 -34.37
N ILE B 105 12.15 7.21 -34.25
CA ILE B 105 10.86 6.84 -33.68
C ILE B 105 9.71 7.55 -34.39
N ALA B 106 10.05 8.59 -35.15
CA ALA B 106 9.04 9.35 -35.88
C ALA B 106 9.74 10.43 -36.69
N TYR B 107 8.94 11.20 -37.43
CA TYR B 107 9.50 12.25 -38.26
C TYR B 107 9.14 13.60 -37.69
N PRO B 108 10.13 14.45 -37.44
CA PRO B 108 9.86 15.87 -37.20
C PRO B 108 9.07 16.48 -38.36
N ILE B 109 8.19 17.42 -38.02
CA ILE B 109 7.58 18.28 -39.03
C ILE B 109 7.79 19.75 -38.69
N ALA B 110 7.25 20.21 -37.56
CA ALA B 110 7.38 21.59 -37.15
C ALA B 110 7.91 21.64 -35.73
N VAL B 111 7.78 22.80 -35.07
CA VAL B 111 8.47 23.03 -33.80
C VAL B 111 7.72 24.11 -33.03
N GLU B 112 7.78 24.02 -31.69
CA GLU B 112 7.10 24.94 -30.80
C GLU B 112 7.98 25.21 -29.59
N ALA B 113 8.05 26.48 -29.19
CA ALA B 113 8.88 26.86 -28.05
C ALA B 113 8.41 28.20 -27.50
N LEU B 114 8.77 28.46 -26.25
CA LEU B 114 8.46 29.74 -25.63
C LEU B 114 9.35 30.84 -26.20
N SER B 115 8.76 32.02 -26.41
CA SER B 115 9.48 33.14 -26.98
C SER B 115 9.23 34.38 -26.13
N LEU B 116 10.18 35.32 -26.21
CA LEU B 116 10.05 36.58 -25.49
C LEU B 116 9.17 37.53 -26.29
N ILE B 117 8.04 37.92 -25.70
CA ILE B 117 7.08 38.81 -26.32
C ILE B 117 7.13 40.14 -25.58
N TYR B 118 7.20 41.24 -26.33
CA TYR B 118 7.34 42.57 -25.75
C TYR B 118 6.50 43.57 -26.52
N ASN B 119 5.88 44.49 -25.79
CA ASN B 119 5.17 45.60 -26.42
C ASN B 119 6.19 46.54 -27.06
N LYS B 120 6.07 46.74 -28.37
CA LYS B 120 7.09 47.52 -29.08
C LYS B 120 6.98 49.01 -28.80
N ASP B 121 5.80 49.51 -28.41
CA ASP B 121 5.68 50.92 -28.07
C ASP B 121 6.17 51.20 -26.66
N LEU B 122 5.85 50.31 -25.71
CA LEU B 122 6.33 50.51 -24.35
C LEU B 122 7.83 50.21 -24.25
N LEU B 123 8.31 49.22 -24.98
CA LEU B 123 9.70 48.78 -24.93
C LEU B 123 10.20 48.63 -26.37
N PRO B 124 10.76 49.70 -26.95
CA PRO B 124 11.22 49.59 -28.34
C PRO B 124 12.37 48.61 -28.52
N ASN B 125 13.28 48.55 -27.55
CA ASN B 125 14.38 47.59 -27.57
C ASN B 125 14.26 46.70 -26.34
N PRO B 126 13.73 45.49 -26.46
CA PRO B 126 13.54 44.66 -25.28
C PRO B 126 14.88 44.28 -24.68
N PRO B 127 14.92 44.06 -23.37
CA PRO B 127 16.17 43.63 -22.74
C PRO B 127 16.63 42.28 -23.27
N LYS B 128 17.94 42.12 -23.38
CA LYS B 128 18.56 40.85 -23.71
C LYS B 128 19.09 40.14 -22.48
N THR B 129 18.82 40.67 -21.29
CA THR B 129 19.43 40.21 -20.05
C THR B 129 18.40 40.23 -18.94
N TRP B 130 18.38 39.16 -18.13
CA TRP B 130 17.44 39.09 -17.02
C TRP B 130 17.79 40.09 -15.92
N GLU B 131 19.08 40.34 -15.70
CA GLU B 131 19.51 41.14 -14.56
C GLU B 131 19.13 42.61 -14.71
N GLU B 132 18.82 43.08 -15.92
CA GLU B 132 18.47 44.48 -16.14
C GLU B 132 16.98 44.73 -16.12
N ILE B 133 16.16 43.70 -15.94
CA ILE B 133 14.71 43.88 -15.86
C ILE B 133 14.26 44.43 -14.51
N PRO B 134 14.91 44.17 -13.38
CA PRO B 134 14.37 44.78 -12.13
C PRO B 134 14.49 46.30 -12.11
N ALA B 135 15.64 46.83 -12.58
CA ALA B 135 15.76 48.28 -12.70
C ALA B 135 14.85 48.83 -13.79
N LEU B 136 14.65 48.07 -14.87
CA LEU B 136 13.71 48.49 -15.91
C LEU B 136 12.28 48.51 -15.39
N ASP B 137 11.92 47.52 -14.56
CA ASP B 137 10.56 47.47 -14.03
C ASP B 137 10.28 48.64 -13.11
N LYS B 138 11.25 49.02 -12.28
CA LYS B 138 11.08 50.18 -11.40
C LYS B 138 10.83 51.44 -12.20
N GLU B 139 11.51 51.58 -13.35
CA GLU B 139 11.24 52.70 -14.24
C GLU B 139 9.83 52.63 -14.82
N LEU B 140 9.35 51.43 -15.14
CA LEU B 140 8.04 51.28 -15.78
C LEU B 140 6.90 51.35 -14.78
N LYS B 141 7.13 51.03 -13.51
CA LYS B 141 6.05 51.12 -12.52
C LYS B 141 5.76 52.56 -12.11
N ALA B 142 6.69 53.48 -12.36
CA ALA B 142 6.40 54.90 -12.17
C ALA B 142 5.54 55.46 -13.30
N LYS B 143 5.40 54.74 -14.40
CA LYS B 143 4.52 55.11 -15.50
C LYS B 143 3.22 54.32 -15.50
N GLY B 144 3.03 53.44 -14.53
CA GLY B 144 1.81 52.66 -14.42
C GLY B 144 1.84 51.29 -15.04
N LYS B 145 3.01 50.79 -15.43
CA LYS B 145 3.13 49.52 -16.13
C LYS B 145 4.09 48.61 -15.37
N SER B 146 4.11 47.34 -15.78
CA SER B 146 5.08 46.38 -15.29
C SER B 146 5.91 45.88 -16.45
N ALA B 147 7.14 45.43 -16.15
CA ALA B 147 8.04 44.98 -17.20
C ALA B 147 7.63 43.62 -17.74
N LEU B 148 7.63 42.60 -16.88
CA LEU B 148 7.45 41.22 -17.30
C LEU B 148 6.39 40.55 -16.45
N MET B 149 5.39 39.96 -17.10
CA MET B 149 4.35 39.18 -16.42
C MET B 149 4.08 37.92 -17.24
N PHE B 150 4.47 36.77 -16.71
CA PHE B 150 4.13 35.50 -17.32
C PHE B 150 3.70 34.53 -16.23
N ASN B 151 3.18 33.38 -16.66
CA ASN B 151 2.64 32.39 -15.73
C ASN B 151 3.76 31.83 -14.86
N LEU B 152 3.64 32.05 -13.55
CA LEU B 152 4.57 31.50 -12.58
C LEU B 152 4.06 30.22 -11.95
N GLN B 153 2.83 29.80 -12.27
CA GLN B 153 2.24 28.62 -11.64
C GLN B 153 2.77 27.33 -12.27
N GLU B 154 2.87 27.29 -13.58
CA GLU B 154 3.30 26.07 -14.27
C GLU B 154 4.81 26.05 -14.43
N PRO B 155 5.48 24.94 -14.08
CA PRO B 155 6.93 24.87 -14.26
C PRO B 155 7.36 25.00 -15.71
N TYR B 156 6.45 24.78 -16.67
CA TYR B 156 6.82 24.87 -18.08
C TYR B 156 7.35 26.25 -18.43
N PHE B 157 6.80 27.29 -17.82
CA PHE B 157 7.24 28.66 -18.08
C PHE B 157 8.44 29.06 -17.23
N THR B 158 8.48 28.61 -15.97
CA THR B 158 9.49 29.09 -15.03
C THR B 158 10.80 28.31 -15.08
N TRP B 159 10.81 27.12 -15.67
CA TRP B 159 12.02 26.30 -15.69
C TRP B 159 13.16 26.90 -16.53
N PRO B 160 12.89 27.52 -17.68
CA PRO B 160 14.02 28.10 -18.45
C PRO B 160 14.95 29.00 -17.65
N LEU B 161 14.41 29.84 -16.75
CA LEU B 161 15.28 30.69 -15.95
C LEU B 161 15.95 29.92 -14.83
N ILE B 162 15.23 28.99 -14.20
CA ILE B 162 15.83 28.17 -13.15
C ILE B 162 16.95 27.32 -13.72
N ALA B 163 16.82 26.86 -14.96
CA ALA B 163 17.85 26.09 -15.63
C ALA B 163 18.79 26.94 -16.47
N ALA B 164 18.72 28.27 -16.34
CA ALA B 164 19.57 29.13 -17.15
C ALA B 164 21.04 28.98 -16.80
N ASP B 165 21.35 28.86 -15.50
CA ASP B 165 22.72 28.73 -15.04
C ASP B 165 23.08 27.25 -14.98
N GLY B 166 23.77 26.76 -16.00
CA GLY B 166 24.25 25.39 -16.04
C GLY B 166 23.20 24.32 -15.82
N GLY B 167 21.92 24.68 -16.00
CA GLY B 167 20.82 23.82 -15.67
C GLY B 167 20.17 23.17 -16.88
N TYR B 168 19.62 21.98 -16.65
CA TYR B 168 18.85 21.25 -17.64
C TYR B 168 18.07 20.17 -16.92
N ALA B 169 17.08 19.61 -17.61
CA ALA B 169 16.17 18.64 -17.01
C ALA B 169 16.89 17.40 -16.51
N PHE B 170 17.41 16.60 -17.44
CA PHE B 170 18.03 15.32 -17.12
C PHE B 170 19.53 15.35 -17.38
N LYS B 171 20.20 14.37 -16.79
CA LYS B 171 21.58 14.01 -17.12
C LYS B 171 21.64 12.91 -18.18
N TYR B 172 20.50 12.62 -18.81
CA TYR B 172 20.34 11.50 -19.74
C TYR B 172 20.65 10.18 -19.04
N ASP B 178 15.07 7.63 -19.02
CA ASP B 178 16.09 7.44 -18.01
C ASP B 178 15.88 8.43 -16.86
N ILE B 179 15.61 7.91 -15.66
CA ILE B 179 15.25 8.75 -14.52
C ILE B 179 16.42 8.89 -13.57
N LYS B 180 16.71 7.82 -12.82
CA LYS B 180 17.79 7.76 -11.83
C LYS B 180 17.51 8.64 -10.62
N ASP B 181 16.86 9.79 -10.83
CA ASP B 181 16.53 10.73 -9.77
C ASP B 181 15.70 11.88 -10.33
N VAL B 182 15.33 12.82 -9.48
CA VAL B 182 14.71 14.07 -9.92
C VAL B 182 15.81 15.08 -10.20
N GLY B 183 15.67 15.84 -11.28
CA GLY B 183 16.72 16.71 -11.76
C GLY B 183 16.87 18.05 -11.08
N VAL B 184 16.17 18.29 -9.97
CA VAL B 184 16.22 19.58 -9.27
C VAL B 184 17.12 19.38 -8.06
N ASP B 185 18.41 19.65 -8.24
CA ASP B 185 19.40 19.50 -7.18
C ASP B 185 20.56 20.46 -7.41
N ASN B 186 21.00 20.52 -8.68
CA ASN B 186 22.16 21.29 -9.10
C ASN B 186 22.13 22.71 -8.53
N ALA B 187 23.33 23.21 -8.19
CA ALA B 187 23.47 24.55 -7.61
C ALA B 187 23.30 25.66 -8.63
N GLY B 188 23.22 25.34 -9.92
CA GLY B 188 22.88 26.36 -10.89
C GLY B 188 21.40 26.69 -10.89
N ALA B 189 20.56 25.75 -10.47
CA ALA B 189 19.16 26.05 -10.24
C ALA B 189 18.97 26.95 -9.01
N LYS B 190 19.91 26.92 -8.06
CA LYS B 190 19.82 27.82 -6.93
C LYS B 190 19.88 29.22 -7.51
N ALA B 191 20.94 29.55 -8.24
CA ALA B 191 21.03 30.85 -8.89
C ALA B 191 19.82 31.32 -9.70
N GLY B 192 19.24 30.44 -10.50
CA GLY B 192 18.08 30.82 -11.29
C GLY B 192 16.83 30.97 -10.45
N LEU B 193 16.62 30.07 -9.49
CA LEU B 193 15.43 30.17 -8.64
C LEU B 193 15.53 31.35 -7.68
N THR B 194 16.74 31.63 -7.17
CA THR B 194 16.92 32.82 -6.35
C THR B 194 16.47 34.07 -7.09
N PHE B 195 17.01 34.28 -8.30
CA PHE B 195 16.66 35.45 -9.08
C PHE B 195 15.15 35.57 -9.28
N LEU B 196 14.47 34.45 -9.48
CA LEU B 196 13.02 34.49 -9.71
C LEU B 196 12.26 34.86 -8.45
N VAL B 197 12.62 34.24 -7.31
CA VAL B 197 11.92 34.58 -6.07
C VAL B 197 12.25 36.00 -5.62
N ASP B 198 13.36 36.56 -6.08
CA ASP B 198 13.64 37.97 -5.82
C ASP B 198 12.69 38.85 -6.59
N LEU B 199 12.57 38.64 -7.91
CA LEU B 199 11.60 39.40 -8.70
C LEU B 199 10.21 39.41 -8.07
N ILE B 200 9.90 38.41 -7.23
CA ILE B 200 8.63 38.36 -6.53
C ILE B 200 8.69 39.10 -5.20
N LYS B 201 9.72 38.83 -4.38
CA LYS B 201 9.78 39.43 -3.05
C LYS B 201 10.06 40.93 -3.11
N ASN B 202 10.84 41.38 -4.09
CA ASN B 202 11.06 42.81 -4.28
C ASN B 202 9.96 43.47 -5.09
N LYS B 203 8.89 42.72 -5.41
CA LYS B 203 7.65 43.25 -5.98
C LYS B 203 7.82 43.73 -7.42
N HIS B 204 8.77 43.17 -8.16
CA HIS B 204 8.74 43.30 -9.61
C HIS B 204 7.84 42.26 -10.25
N MET B 205 7.35 41.31 -9.46
CA MET B 205 6.45 40.27 -9.92
C MET B 205 5.61 39.81 -8.74
N ASN B 206 4.41 39.32 -9.04
CA ASN B 206 3.50 38.78 -8.05
C ASN B 206 3.50 37.25 -8.16
N ALA B 207 3.47 36.58 -7.01
CA ALA B 207 3.48 35.12 -6.98
C ALA B 207 2.15 34.51 -7.40
N ASP B 208 1.09 35.30 -7.54
CA ASP B 208 -0.23 34.82 -7.93
C ASP B 208 -0.49 34.96 -9.43
N THR B 209 0.48 35.42 -10.21
CA THR B 209 0.26 35.64 -11.63
C THR B 209 0.16 34.30 -12.36
N ASP B 210 -1.01 34.02 -12.93
CA ASP B 210 -1.24 32.81 -13.70
C ASP B 210 -1.20 33.13 -15.19
N TYR B 211 -1.63 32.16 -16.00
CA TYR B 211 -1.64 32.36 -17.45
C TYR B 211 -2.64 33.42 -17.86
N SER B 212 -3.84 33.40 -17.26
CA SER B 212 -4.88 34.35 -17.65
C SER B 212 -4.53 35.77 -17.25
N ILE B 213 -4.00 35.95 -16.04
CA ILE B 213 -3.63 37.29 -15.59
C ILE B 213 -2.50 37.85 -16.43
N ALA B 214 -1.50 37.02 -16.75
CA ALA B 214 -0.39 37.46 -17.59
C ALA B 214 -0.86 37.76 -19.01
N GLU B 215 -1.86 37.03 -19.51
CA GLU B 215 -2.38 37.30 -20.85
C GLU B 215 -3.24 38.55 -20.86
N ALA B 216 -4.03 38.76 -19.80
CA ALA B 216 -4.91 39.92 -19.75
C ALA B 216 -4.10 41.21 -19.59
N ALA B 217 -3.01 41.15 -18.82
CA ALA B 217 -2.19 42.34 -18.61
C ALA B 217 -1.51 42.79 -19.89
N PHE B 218 -1.15 41.86 -20.77
CA PHE B 218 -0.39 42.25 -21.96
C PHE B 218 -1.27 42.81 -23.07
N ASN B 219 -2.44 42.20 -23.31
CA ASN B 219 -3.28 42.67 -24.42
C ASN B 219 -4.10 43.90 -24.02
N LYS B 220 -4.24 44.16 -22.74
CA LYS B 220 -4.72 45.43 -22.26
C LYS B 220 -3.61 46.46 -22.14
N GLY B 221 -2.38 46.09 -22.53
CA GLY B 221 -1.28 47.04 -22.55
C GLY B 221 -0.77 47.45 -21.19
N GLU B 222 -1.02 46.65 -20.16
CA GLU B 222 -0.61 46.99 -18.80
C GLU B 222 0.78 46.48 -18.46
N THR B 223 1.35 45.58 -19.25
CA THR B 223 2.70 45.08 -19.03
C THR B 223 3.51 45.22 -20.31
N ALA B 224 4.83 45.32 -20.15
CA ALA B 224 5.69 45.55 -21.30
C ALA B 224 6.08 44.24 -21.98
N MET B 225 6.26 43.17 -21.21
CA MET B 225 6.74 41.91 -21.75
C MET B 225 5.94 40.75 -21.17
N THR B 226 5.95 39.63 -21.88
CA THR B 226 5.33 38.40 -21.39
C THR B 226 6.00 37.22 -22.08
N ILE B 227 5.82 36.04 -21.48
CA ILE B 227 6.39 34.79 -21.95
C ILE B 227 5.25 33.93 -22.47
N ASN B 228 5.29 33.58 -23.75
CA ASN B 228 4.24 32.74 -24.33
C ASN B 228 4.76 32.10 -25.61
N GLY B 229 3.94 31.22 -26.17
CA GLY B 229 4.29 30.53 -27.38
C GLY B 229 3.48 31.00 -28.57
N PRO B 230 3.65 30.34 -29.71
CA PRO B 230 2.90 30.74 -30.92
C PRO B 230 1.40 30.60 -30.78
N TRP B 231 0.91 29.79 -29.84
CA TRP B 231 -0.52 29.62 -29.67
C TRP B 231 -1.20 30.90 -29.21
N ALA B 232 -0.48 31.76 -28.49
CA ALA B 232 -1.03 32.99 -27.96
C ALA B 232 -1.00 34.15 -28.95
N TRP B 233 -0.41 33.95 -30.13
CA TRP B 233 -0.34 35.03 -31.11
C TRP B 233 -1.70 35.44 -31.62
N SER B 234 -2.66 34.52 -31.64
CA SER B 234 -3.98 34.83 -32.17
C SER B 234 -4.68 35.89 -31.34
N ASN B 235 -4.61 35.78 -30.01
CA ASN B 235 -5.39 36.65 -29.15
C ASN B 235 -4.75 38.01 -28.91
N ILE B 236 -3.45 38.18 -29.20
CA ILE B 236 -2.85 39.51 -29.11
C ILE B 236 -3.00 40.30 -30.40
N ASP B 237 -3.45 39.67 -31.47
CA ASP B 237 -3.77 40.38 -32.70
C ASP B 237 -5.22 40.85 -32.73
N THR B 238 -6.11 40.21 -31.96
CA THR B 238 -7.44 40.77 -31.75
C THR B 238 -7.34 42.11 -31.06
N SER B 239 -6.54 42.19 -29.99
CA SER B 239 -6.09 43.47 -29.49
C SER B 239 -5.11 44.09 -30.48
N ALA B 240 -4.96 45.41 -30.40
CA ALA B 240 -4.10 46.12 -31.34
C ALA B 240 -2.73 46.42 -30.75
N VAL B 241 -2.31 45.70 -29.71
CA VAL B 241 -1.00 45.90 -29.13
C VAL B 241 0.07 45.57 -30.16
N ASN B 242 0.97 46.53 -30.40
CA ASN B 242 2.08 46.30 -31.30
C ASN B 242 3.17 45.57 -30.52
N TYR B 243 3.42 44.32 -30.88
CA TYR B 243 4.34 43.46 -30.15
C TYR B 243 5.37 42.88 -31.10
N GLY B 244 6.57 42.65 -30.58
CA GLY B 244 7.59 41.90 -31.26
C GLY B 244 7.79 40.56 -30.57
N VAL B 245 8.58 39.70 -31.22
CA VAL B 245 8.94 38.40 -30.66
C VAL B 245 10.42 38.18 -30.90
N THR B 246 11.18 37.93 -29.83
CA THR B 246 12.63 37.86 -29.89
C THR B 246 13.09 36.70 -29.00
N VAL B 247 14.41 36.56 -28.88
CA VAL B 247 14.98 35.49 -28.07
C VAL B 247 14.75 35.78 -26.59
N LEU B 248 14.65 34.72 -25.80
CA LEU B 248 14.51 34.86 -24.36
C LEU B 248 15.75 35.52 -23.76
N PRO B 249 15.61 36.25 -22.66
CA PRO B 249 16.78 36.89 -22.06
C PRO B 249 17.74 35.87 -21.49
N THR B 250 19.03 36.22 -21.49
CA THR B 250 20.05 35.36 -20.92
C THR B 250 20.23 35.65 -19.44
N PHE B 251 20.92 34.74 -18.76
CA PHE B 251 21.19 34.87 -17.33
C PHE B 251 22.58 34.33 -17.05
N LYS B 252 23.41 35.15 -16.41
CA LYS B 252 24.82 34.83 -16.15
C LYS B 252 25.57 34.49 -17.44
N GLY B 253 25.08 35.01 -18.56
CA GLY B 253 25.69 34.77 -19.85
C GLY B 253 25.10 33.63 -20.65
N GLN B 254 24.46 32.62 -19.96
CA GLN B 254 23.90 31.48 -20.67
C GLN B 254 22.45 31.75 -21.06
N PRO B 255 22.05 31.35 -22.27
CA PRO B 255 20.70 31.68 -22.74
C PRO B 255 19.62 30.85 -22.04
N SER B 256 18.45 31.47 -21.91
CA SER B 256 17.29 30.75 -21.39
C SER B 256 16.82 29.74 -22.41
N LYS B 257 16.75 28.48 -22.02
CA LYS B 257 16.44 27.39 -22.94
C LYS B 257 15.08 26.79 -22.59
N PRO B 258 14.03 27.05 -23.35
CA PRO B 258 12.70 26.53 -23.04
C PRO B 258 12.58 25.08 -23.52
N PHE B 259 11.41 24.49 -23.21
CA PHE B 259 11.10 23.16 -23.71
C PHE B 259 10.58 23.26 -25.13
N VAL B 260 10.91 22.27 -25.94
CA VAL B 260 10.58 22.24 -27.36
C VAL B 260 9.56 21.13 -27.58
N GLY B 261 8.34 21.52 -27.96
CA GLY B 261 7.35 20.57 -28.42
C GLY B 261 7.46 20.44 -29.93
N VAL B 262 7.55 19.20 -30.41
CA VAL B 262 7.57 18.94 -31.84
C VAL B 262 6.52 17.89 -32.17
N LEU B 263 5.59 18.25 -33.04
CA LEU B 263 4.77 17.28 -33.74
C LEU B 263 5.66 16.31 -34.50
N SER B 264 5.26 15.04 -34.47
CA SER B 264 6.05 14.00 -35.10
C SER B 264 5.14 13.00 -35.79
N ALA B 265 5.57 12.53 -36.95
CA ALA B 265 4.83 11.55 -37.74
C ALA B 265 5.43 10.18 -37.40
N GLY B 266 4.87 9.53 -36.38
CA GLY B 266 5.22 8.18 -36.09
C GLY B 266 4.45 7.23 -36.94
N ILE B 267 4.94 5.99 -37.02
CA ILE B 267 4.34 4.94 -37.86
C ILE B 267 4.38 3.66 -37.05
N ASN B 268 3.37 2.81 -37.19
CA ASN B 268 3.17 1.68 -36.28
C ASN B 268 4.14 0.52 -36.56
N ALA B 269 4.52 -0.25 -35.52
CA ALA B 269 5.35 -1.44 -35.78
C ALA B 269 4.54 -2.63 -36.25
N ALA B 270 3.29 -2.77 -35.78
CA ALA B 270 2.37 -3.73 -36.36
C ALA B 270 1.93 -3.31 -37.76
N SER B 271 2.44 -2.20 -38.24
CA SER B 271 2.15 -1.71 -39.57
C SER B 271 2.82 -2.57 -40.62
N PRO B 272 2.07 -3.19 -41.53
CA PRO B 272 2.72 -3.90 -42.63
C PRO B 272 3.12 -3.02 -43.79
N ASN B 273 2.68 -1.76 -43.85
CA ASN B 273 3.07 -0.90 -44.95
C ASN B 273 4.12 0.10 -44.51
N LYS B 274 5.15 -0.41 -43.85
CA LYS B 274 6.23 0.40 -43.33
C LYS B 274 6.80 1.34 -44.37
N GLU B 275 7.41 0.77 -45.39
CA GLU B 275 8.00 1.59 -46.42
C GLU B 275 7.01 2.53 -47.06
N LEU B 276 5.92 2.02 -47.59
CA LEU B 276 5.04 2.94 -48.29
C LEU B 276 4.70 4.14 -47.40
N ALA B 277 4.67 3.92 -46.09
CA ALA B 277 4.51 5.02 -45.16
C ALA B 277 5.71 5.95 -45.18
N LYS B 278 6.91 5.41 -45.39
CA LYS B 278 8.09 6.25 -45.54
C LYS B 278 8.00 7.09 -46.80
N GLU B 279 7.63 6.46 -47.92
CA GLU B 279 7.55 7.18 -49.19
C GLU B 279 6.55 8.33 -49.12
N PHE B 280 5.43 8.12 -48.42
CA PHE B 280 4.42 9.17 -48.31
C PHE B 280 4.89 10.32 -47.43
N LEU B 281 5.48 10.00 -46.28
CA LEU B 281 5.90 11.06 -45.36
C LEU B 281 7.15 11.76 -45.88
N GLU B 282 8.17 10.99 -46.28
CA GLU B 282 9.45 11.60 -46.66
C GLU B 282 9.34 12.34 -47.98
N ASN B 283 8.86 11.67 -49.03
CA ASN B 283 8.91 12.21 -50.38
C ASN B 283 7.71 13.09 -50.73
N TYR B 284 6.63 13.03 -49.95
CA TYR B 284 5.43 13.79 -50.24
C TYR B 284 5.08 14.76 -49.12
N LEU B 285 4.90 14.28 -47.90
CA LEU B 285 4.54 15.16 -46.79
C LEU B 285 5.67 16.13 -46.46
N LEU B 286 6.84 15.59 -46.11
CA LEU B 286 7.89 16.33 -45.42
C LEU B 286 8.73 17.21 -46.33
N THR B 287 8.25 17.57 -47.52
CA THR B 287 8.92 18.58 -48.33
C THR B 287 7.97 19.77 -48.53
N ASP B 288 8.54 20.83 -49.10
CA ASP B 288 7.86 22.11 -49.32
C ASP B 288 6.41 22.08 -49.76
N GLU B 289 6.07 21.17 -50.66
CA GLU B 289 4.71 21.11 -51.19
C GLU B 289 3.73 20.49 -50.20
N GLY B 290 4.19 19.52 -49.40
CA GLY B 290 3.27 18.82 -48.52
C GLY B 290 2.85 19.64 -47.31
N LEU B 291 3.82 20.28 -46.66
CA LEU B 291 3.53 21.03 -45.44
C LEU B 291 2.58 22.18 -45.70
N GLU B 292 2.80 22.90 -46.80
CA GLU B 292 2.01 24.09 -47.05
C GLU B 292 0.55 23.73 -47.32
N ALA B 293 0.30 22.56 -47.90
CA ALA B 293 -1.06 22.03 -47.92
C ALA B 293 -1.62 21.93 -46.50
N VAL B 294 -0.81 21.42 -45.57
CA VAL B 294 -1.22 21.38 -44.17
C VAL B 294 -1.24 22.79 -43.58
N ASN B 295 -0.19 23.57 -43.84
CA ASN B 295 -0.06 24.90 -43.26
C ASN B 295 -1.14 25.87 -43.73
N LYS B 296 -1.77 25.60 -44.87
CA LYS B 296 -2.80 26.50 -45.38
C LYS B 296 -4.05 26.47 -44.51
N ASP B 297 -4.56 25.28 -44.21
CA ASP B 297 -5.80 25.17 -43.45
C ASP B 297 -5.64 25.69 -42.03
N LYS B 298 -4.48 25.44 -41.42
CA LYS B 298 -4.15 25.93 -40.10
C LYS B 298 -2.62 25.99 -40.04
N PRO B 299 -2.04 27.04 -39.47
CA PRO B 299 -0.58 27.15 -39.50
C PRO B 299 0.08 26.11 -38.59
N LEU B 300 1.11 25.48 -39.11
CA LEU B 300 1.96 24.59 -38.32
C LEU B 300 2.89 25.35 -37.38
N GLY B 301 2.90 26.68 -37.45
CA GLY B 301 3.92 27.44 -36.77
C GLY B 301 5.24 27.36 -37.53
N ALA B 302 6.33 27.47 -36.79
CA ALA B 302 7.64 27.23 -37.38
C ALA B 302 7.81 25.75 -37.68
N VAL B 303 8.14 25.42 -38.93
CA VAL B 303 8.37 24.04 -39.32
C VAL B 303 9.87 23.81 -39.43
N ALA B 304 10.30 22.60 -39.15
CA ALA B 304 11.73 22.38 -38.96
C ALA B 304 12.50 22.15 -40.25
N LEU B 305 11.73 22.07 -41.34
CA LEU B 305 12.25 21.84 -42.67
C LEU B 305 12.84 23.13 -43.12
N LYS B 306 14.15 23.12 -43.31
CA LYS B 306 14.87 24.28 -43.71
C LYS B 306 14.29 24.93 -44.94
N SER B 307 14.01 24.13 -45.96
CA SER B 307 13.48 24.62 -47.22
C SER B 307 12.34 25.58 -46.96
N TYR B 308 11.29 25.09 -46.35
CA TYR B 308 10.12 25.90 -46.07
C TYR B 308 10.19 26.86 -44.91
N GLU B 309 10.86 26.48 -43.84
CA GLU B 309 10.88 27.34 -42.66
C GLU B 309 11.35 28.75 -43.03
N GLU B 310 12.38 28.83 -43.87
CA GLU B 310 12.99 30.12 -44.17
C GLU B 310 12.01 31.06 -44.84
N GLU B 311 11.19 30.53 -45.76
CA GLU B 311 10.23 31.39 -46.45
C GLU B 311 9.12 31.83 -45.50
N LEU B 312 8.80 31.02 -44.49
CA LEU B 312 7.93 31.46 -43.42
C LEU B 312 8.68 32.26 -42.36
N ALA B 313 10.00 32.10 -42.28
CA ALA B 313 10.81 32.86 -41.34
C ALA B 313 10.87 34.35 -41.67
N LYS B 314 10.35 34.76 -42.83
CA LYS B 314 10.17 36.18 -43.11
C LYS B 314 9.32 36.83 -42.03
N ASP B 315 8.35 36.10 -41.49
CA ASP B 315 7.64 36.52 -40.29
C ASP B 315 8.63 36.49 -39.13
N PRO B 316 8.95 37.63 -38.51
CA PRO B 316 9.92 37.62 -37.41
C PRO B 316 9.43 36.87 -36.18
N ARG B 317 8.12 36.74 -35.98
CA ARG B 317 7.61 35.95 -34.87
C ARG B 317 7.97 34.48 -35.03
N ILE B 318 7.83 33.95 -36.24
CA ILE B 318 8.11 32.54 -36.49
C ILE B 318 9.61 32.27 -36.47
N ALA B 319 10.42 33.24 -36.90
CA ALA B 319 11.86 33.04 -36.90
C ALA B 319 12.42 33.02 -35.48
N ALA B 320 11.95 33.90 -34.60
CA ALA B 320 12.44 33.93 -33.23
C ALA B 320 11.89 32.77 -32.42
N THR B 321 10.66 32.33 -32.72
CA THR B 321 10.13 31.12 -32.09
C THR B 321 11.07 29.94 -32.32
N MET B 322 11.55 29.79 -33.55
CA MET B 322 12.50 28.72 -33.84
C MET B 322 13.84 28.95 -33.18
N GLU B 323 14.34 30.20 -33.20
CA GLU B 323 15.64 30.49 -32.61
C GLU B 323 15.68 30.13 -31.13
N ASN B 324 14.59 30.41 -30.40
CA ASN B 324 14.50 29.96 -29.02
C ASN B 324 14.48 28.44 -28.93
N ALA B 325 13.95 27.77 -29.96
CA ALA B 325 13.85 26.32 -29.94
C ALA B 325 15.19 25.64 -30.17
N GLN B 326 16.00 26.19 -31.07
CA GLN B 326 17.31 25.59 -31.34
C GLN B 326 18.18 25.59 -30.09
N LYS B 327 18.19 26.70 -29.35
CA LYS B 327 18.91 26.74 -28.09
C LYS B 327 18.16 25.96 -27.01
N GLY B 328 16.84 26.04 -27.01
CA GLY B 328 16.06 25.36 -25.99
C GLY B 328 16.27 23.86 -26.01
N GLU B 329 16.23 23.27 -24.83
CA GLU B 329 16.47 21.84 -24.74
C GLU B 329 15.15 21.07 -24.81
N ILE B 330 15.29 19.80 -25.17
CA ILE B 330 14.20 18.97 -25.67
C ILE B 330 13.28 18.57 -24.53
N MET B 331 11.98 18.55 -24.82
CA MET B 331 11.01 18.13 -23.83
C MET B 331 11.22 16.67 -23.50
N PRO B 332 11.37 16.34 -22.22
CA PRO B 332 11.67 15.02 -21.66
C PRO B 332 10.81 13.86 -22.14
N ASN B 333 11.42 12.68 -22.15
CA ASN B 333 10.79 11.44 -22.57
C ASN B 333 10.09 10.75 -21.42
N ILE B 334 10.24 11.30 -20.22
CA ILE B 334 9.61 10.78 -19.02
C ILE B 334 8.68 11.90 -18.63
N PRO B 335 7.42 11.81 -19.04
CA PRO B 335 6.57 12.94 -18.74
C PRO B 335 5.25 12.73 -18.00
N GLN B 336 4.16 12.74 -18.75
CA GLN B 336 2.80 12.66 -18.22
C GLN B 336 2.67 13.76 -17.19
N MET B 337 3.72 14.55 -17.04
CA MET B 337 3.68 15.62 -16.06
C MET B 337 3.56 15.13 -14.63
N SER B 338 4.67 14.60 -14.14
CA SER B 338 4.71 14.11 -12.77
C SER B 338 6.18 14.06 -12.33
N ALA B 339 6.40 13.58 -11.11
CA ALA B 339 7.74 13.44 -10.54
C ALA B 339 8.52 14.75 -10.63
N PHE B 340 9.39 14.87 -11.65
CA PHE B 340 10.19 16.07 -11.83
C PHE B 340 9.32 17.31 -11.91
N TRP B 341 8.22 17.23 -12.66
CA TRP B 341 7.28 18.35 -12.76
C TRP B 341 6.81 18.79 -11.38
N TYR B 342 6.60 17.83 -10.48
CA TYR B 342 6.11 18.16 -9.15
C TYR B 342 7.17 18.85 -8.29
N ALA B 343 8.44 18.49 -8.49
CA ALA B 343 9.50 19.08 -7.67
C ALA B 343 9.72 20.54 -8.01
N VAL B 344 9.67 20.89 -9.29
CA VAL B 344 9.89 22.29 -9.68
C VAL B 344 8.79 23.17 -9.13
N ARG B 345 7.53 22.77 -9.36
CA ARG B 345 6.39 23.62 -9.00
C ARG B 345 6.35 23.89 -7.50
N THR B 346 6.47 22.83 -6.68
CA THR B 346 6.44 23.01 -5.24
C THR B 346 7.63 23.81 -4.75
N ALA B 347 8.76 23.74 -5.45
CA ALA B 347 9.92 24.54 -5.07
C ALA B 347 9.67 26.02 -5.34
N VAL B 348 9.05 26.35 -6.47
CA VAL B 348 8.79 27.75 -6.80
C VAL B 348 7.76 28.34 -5.85
N ILE B 349 6.73 27.57 -5.50
CA ILE B 349 5.63 28.09 -4.71
C ILE B 349 6.09 28.39 -3.28
N ASN B 350 6.80 27.45 -2.66
CA ASN B 350 7.21 27.64 -1.27
C ASN B 350 8.29 28.71 -1.13
N ALA B 351 9.17 28.84 -2.12
CA ALA B 351 10.22 29.86 -2.05
C ALA B 351 9.69 31.24 -2.37
N ALA B 352 8.65 31.33 -3.21
CA ALA B 352 8.11 32.64 -3.59
C ALA B 352 7.30 33.27 -2.48
N SER B 353 6.75 32.48 -1.56
CA SER B 353 5.95 33.00 -0.45
C SER B 353 6.78 33.20 0.81
N GLY B 354 8.05 32.84 0.80
CA GLY B 354 8.94 33.13 1.91
C GLY B 354 8.99 32.09 3.01
N ARG B 355 8.30 30.95 2.85
CA ARG B 355 8.35 29.93 3.89
C ARG B 355 9.73 29.32 4.01
N GLN B 356 10.45 29.20 2.90
CA GLN B 356 11.79 28.66 2.90
C GLN B 356 12.68 29.56 2.06
N THR B 357 13.96 29.61 2.43
CA THR B 357 14.96 30.05 1.47
C THR B 357 14.97 29.06 0.30
N VAL B 358 15.48 29.51 -0.84
CA VAL B 358 15.43 28.66 -2.03
C VAL B 358 16.26 27.40 -1.82
N ASP B 359 17.29 27.46 -0.98
CA ASP B 359 18.09 26.27 -0.71
C ASP B 359 17.27 25.20 -0.02
N ALA B 360 16.44 25.59 0.94
CA ALA B 360 15.60 24.61 1.63
C ALA B 360 14.39 24.21 0.80
N ALA B 361 13.87 25.12 -0.02
CA ALA B 361 12.64 24.86 -0.76
C ALA B 361 12.81 23.70 -1.74
N LEU B 362 13.76 23.82 -2.65
CA LEU B 362 13.92 22.81 -3.69
C LEU B 362 14.54 21.52 -3.17
N ALA B 363 15.28 21.58 -2.06
CA ALA B 363 15.77 20.35 -1.44
C ALA B 363 14.62 19.54 -0.86
N ALA B 364 13.68 20.19 -0.19
CA ALA B 364 12.50 19.50 0.32
C ALA B 364 11.53 19.16 -0.80
N ALA B 365 11.34 20.10 -1.73
CA ALA B 365 10.39 19.87 -2.82
C ALA B 365 10.77 18.68 -3.68
N GLN B 366 12.07 18.39 -3.79
CA GLN B 366 12.47 17.27 -4.63
C GLN B 366 12.24 15.93 -3.92
N THR B 367 12.57 15.84 -2.63
CA THR B 367 12.30 14.60 -1.91
C THR B 367 10.83 14.48 -1.54
N ASN B 368 10.10 15.59 -1.52
CA ASN B 368 8.65 15.51 -1.48
C ASN B 368 8.09 15.03 -2.81
N ALA B 369 8.86 15.14 -3.89
CA ALA B 369 8.40 14.64 -5.19
C ALA B 369 8.66 13.14 -5.33
N VAL B 370 9.88 12.70 -5.02
CA VAL B 370 10.19 11.28 -5.16
C VAL B 370 9.39 10.44 -4.18
N ASP B 371 9.08 10.99 -2.99
CA ASP B 371 8.26 10.27 -2.04
C ASP B 371 6.77 10.44 -2.29
N LEU B 372 6.37 11.35 -3.17
CA LEU B 372 4.99 11.35 -3.64
C LEU B 372 4.73 10.22 -4.63
N LYS B 373 5.75 9.88 -5.42
CA LYS B 373 5.60 8.84 -6.44
C LYS B 373 5.93 7.44 -5.92
N VAL B 374 6.56 7.32 -4.75
CA VAL B 374 6.57 6.02 -4.11
C VAL B 374 5.21 5.74 -3.50
N LEU B 375 4.49 6.78 -3.07
CA LEU B 375 3.12 6.57 -2.58
C LEU B 375 2.17 6.30 -3.73
N GLU B 376 2.34 7.00 -4.85
CA GLU B 376 1.46 6.80 -5.99
C GLU B 376 1.59 5.39 -6.55
N GLN B 377 2.83 4.93 -6.76
CA GLN B 377 3.00 3.60 -7.34
C GLN B 377 2.64 2.51 -6.34
N LEU B 378 2.78 2.78 -5.03
CA LEU B 378 2.26 1.85 -4.04
C LEU B 378 0.75 1.75 -4.13
N GLY B 379 0.07 2.87 -4.29
CA GLY B 379 -1.38 2.84 -4.43
C GLY B 379 -1.83 2.19 -5.72
N LYS B 380 -1.03 2.27 -6.78
CA LYS B 380 -1.37 1.61 -8.03
C LYS B 380 -1.34 0.10 -7.90
N GLU B 381 -0.46 -0.43 -7.05
CA GLU B 381 -0.30 -1.88 -6.92
C GLU B 381 -1.44 -2.51 -6.14
N VAL B 382 -1.77 -1.97 -4.96
CA VAL B 382 -2.86 -2.52 -4.17
C VAL B 382 -4.16 -2.43 -4.95
N LEU B 383 -4.32 -1.38 -5.77
CA LEU B 383 -5.49 -1.31 -6.63
C LEU B 383 -5.36 -2.23 -7.83
N THR B 384 -4.13 -2.47 -8.31
CA THR B 384 -3.92 -3.56 -9.26
C THR B 384 -4.29 -4.90 -8.64
N GLU B 385 -3.91 -5.11 -7.39
CA GLU B 385 -4.35 -6.30 -6.67
C GLU B 385 -5.84 -6.25 -6.38
N TYR B 386 -6.36 -5.07 -6.08
CA TYR B 386 -7.81 -4.90 -5.99
C TYR B 386 -8.48 -5.36 -7.28
N LEU B 387 -8.06 -4.79 -8.41
CA LEU B 387 -8.68 -5.10 -9.69
C LEU B 387 -8.54 -6.56 -10.07
N GLU B 388 -7.43 -7.20 -9.69
CA GLU B 388 -7.22 -8.59 -10.04
C GLU B 388 -8.14 -9.53 -9.29
N LYS B 389 -8.74 -9.07 -8.18
CA LYS B 389 -9.62 -9.94 -7.40
C LYS B 389 -11.03 -10.01 -7.97
N LEU B 390 -11.55 -8.88 -8.48
CA LEU B 390 -12.89 -8.86 -9.05
C LEU B 390 -12.90 -9.22 -10.54
N VAL B 391 -11.76 -9.67 -11.08
CA VAL B 391 -11.75 -10.20 -12.44
C VAL B 391 -12.62 -11.45 -12.53
N GLN B 392 -12.71 -12.21 -11.43
CA GLN B 392 -13.57 -13.39 -11.38
C GLN B 392 -15.02 -13.05 -11.67
N SER B 393 -15.43 -11.79 -11.54
CA SER B 393 -16.79 -11.39 -11.86
C SER B 393 -16.81 -10.34 -12.97
N GLY B 430 -14.23 2.72 -15.47
CA GLY B 430 -12.89 3.00 -14.99
C GLY B 430 -12.87 4.03 -13.87
N GLU B 431 -13.99 4.73 -13.70
CA GLU B 431 -14.10 5.75 -12.67
C GLU B 431 -14.88 5.28 -11.45
N MET B 432 -15.49 4.09 -11.50
CA MET B 432 -16.15 3.59 -10.29
C MET B 432 -15.12 3.32 -9.20
N LEU B 433 -13.86 3.15 -9.57
CA LEU B 433 -12.78 3.06 -8.59
C LEU B 433 -12.62 4.34 -7.79
N LEU B 434 -13.16 5.46 -8.27
CA LEU B 434 -13.10 6.68 -7.49
C LEU B 434 -14.14 6.69 -6.38
N GLN B 435 -15.39 6.33 -6.68
CA GLN B 435 -16.42 6.33 -5.63
C GLN B 435 -16.30 5.12 -4.70
N THR B 436 -15.57 4.06 -5.08
CA THR B 436 -15.33 2.98 -4.13
C THR B 436 -14.24 3.33 -3.14
N PHE B 437 -13.25 4.12 -3.55
CA PHE B 437 -12.14 4.51 -2.69
C PHE B 437 -12.31 5.90 -2.09
N PHE B 438 -12.91 6.84 -2.82
CA PHE B 438 -13.35 8.10 -2.25
C PHE B 438 -14.77 8.03 -1.70
N SER B 439 -15.20 6.87 -1.21
CA SER B 439 -16.56 6.69 -0.76
C SER B 439 -16.80 7.48 0.53
N VAL B 440 -17.89 7.14 1.20
CA VAL B 440 -18.26 7.83 2.42
C VAL B 440 -17.55 7.28 3.65
N ASP B 441 -17.95 6.07 4.06
CA ASP B 441 -17.36 5.46 5.23
C ASP B 441 -15.85 5.27 5.14
N PRO B 442 -15.18 5.41 6.27
CA PRO B 442 -13.73 5.24 6.47
C PRO B 442 -13.08 4.28 5.51
N LYS C 2 -23.63 31.82 -8.58
CA LYS C 2 -24.87 31.48 -9.26
C LYS C 2 -26.02 31.34 -8.28
N ILE C 3 -25.70 31.45 -6.99
CA ILE C 3 -26.72 31.36 -5.94
C ILE C 3 -27.56 32.62 -5.96
N GLU C 4 -28.70 32.57 -5.28
CA GLU C 4 -29.63 33.70 -5.27
C GLU C 4 -30.55 33.57 -4.07
N GLU C 5 -30.99 34.71 -3.55
CA GLU C 5 -31.99 34.77 -2.48
C GLU C 5 -33.29 35.31 -3.06
N GLY C 6 -34.36 34.53 -2.92
CA GLY C 6 -35.65 34.90 -3.45
C GLY C 6 -36.17 33.98 -4.55
N LYS C 7 -35.31 33.15 -5.13
CA LYS C 7 -35.73 32.11 -6.05
C LYS C 7 -35.51 30.74 -5.42
N LEU C 8 -36.24 29.77 -5.94
CA LEU C 8 -36.06 28.37 -5.58
C LEU C 8 -35.74 27.61 -6.87
N VAL C 9 -34.63 26.87 -6.85
CA VAL C 9 -34.20 26.09 -8.01
C VAL C 9 -34.15 24.63 -7.61
N ILE C 10 -34.75 23.78 -8.43
CA ILE C 10 -34.85 22.35 -8.13
C ILE C 10 -34.34 21.56 -9.32
N TRP C 11 -33.60 20.50 -9.02
CA TRP C 11 -33.00 19.64 -10.03
C TRP C 11 -33.50 18.22 -9.81
N ILE C 12 -33.82 17.54 -10.91
CA ILE C 12 -34.31 16.17 -10.86
C ILE C 12 -33.89 15.46 -12.14
N ASN C 13 -33.76 14.14 -12.05
CA ASN C 13 -33.50 13.32 -13.21
C ASN C 13 -34.63 13.43 -14.20
N GLY C 14 -34.35 13.09 -15.46
CA GLY C 14 -35.45 13.04 -16.40
C GLY C 14 -36.16 11.69 -16.41
N ASP C 15 -35.60 10.71 -15.70
CA ASP C 15 -36.44 9.64 -15.19
C ASP C 15 -37.77 10.24 -14.75
N LYS C 16 -37.76 11.02 -13.68
CA LYS C 16 -39.02 11.48 -13.12
C LYS C 16 -39.61 12.59 -13.99
N GLY C 17 -40.94 12.72 -13.90
CA GLY C 17 -41.62 13.79 -14.57
C GLY C 17 -40.94 15.03 -14.04
N TYR C 18 -40.31 15.80 -14.92
CA TYR C 18 -39.73 17.08 -14.51
C TYR C 18 -40.80 18.11 -14.84
N ASN C 19 -41.71 17.79 -15.76
CA ASN C 19 -42.85 18.67 -16.03
C ASN C 19 -43.83 18.65 -14.88
N GLY C 20 -44.04 17.48 -14.27
CA GLY C 20 -44.88 17.43 -13.09
C GLY C 20 -44.41 18.38 -12.01
N LEU C 21 -43.10 18.38 -11.74
CA LEU C 21 -42.57 19.31 -10.75
C LEU C 21 -42.71 20.75 -11.23
N ALA C 22 -42.50 20.97 -12.53
CA ALA C 22 -42.86 22.24 -13.13
C ALA C 22 -44.32 22.56 -12.90
N GLU C 23 -45.20 21.58 -13.10
CA GLU C 23 -46.62 21.77 -12.87
C GLU C 23 -46.87 22.17 -11.41
N VAL C 24 -46.29 21.43 -10.46
CA VAL C 24 -46.40 21.80 -9.05
C VAL C 24 -45.59 23.04 -8.73
N GLY C 25 -44.57 23.36 -9.53
CA GLY C 25 -43.68 24.44 -9.23
C GLY C 25 -44.30 25.81 -9.36
N LYS C 26 -44.84 26.14 -10.53
CA LYS C 26 -45.33 27.49 -10.75
C LYS C 26 -46.61 27.76 -9.96
N LYS C 27 -47.45 26.74 -9.73
CA LYS C 27 -48.58 26.93 -8.82
C LYS C 27 -48.12 27.43 -7.47
N PHE C 28 -46.94 26.98 -7.04
CA PHE C 28 -46.30 27.55 -5.85
C PHE C 28 -46.06 29.04 -6.02
N GLU C 29 -45.44 29.45 -7.14
CA GLU C 29 -45.14 30.87 -7.37
C GLU C 29 -46.39 31.70 -7.61
N LYS C 30 -47.54 31.06 -7.81
CA LYS C 30 -48.79 31.79 -8.00
C LYS C 30 -49.40 32.19 -6.67
N ASP C 31 -49.51 31.25 -5.73
CA ASP C 31 -49.99 31.53 -4.40
C ASP C 31 -48.96 32.24 -3.52
N THR C 32 -47.72 32.35 -3.98
CA THR C 32 -46.64 32.91 -3.18
C THR C 32 -45.96 34.09 -3.86
N GLY C 33 -45.49 33.92 -5.09
CA GLY C 33 -44.70 34.92 -5.77
C GLY C 33 -43.24 34.58 -5.94
N ILE C 34 -42.83 33.38 -5.55
CA ILE C 34 -41.43 32.97 -5.58
C ILE C 34 -41.24 32.12 -6.84
N LYS C 35 -40.65 32.72 -7.88
CA LYS C 35 -40.46 32.01 -9.13
C LYS C 35 -39.54 30.81 -8.93
N VAL C 36 -40.00 29.64 -9.40
CA VAL C 36 -39.30 28.38 -9.22
C VAL C 36 -38.81 27.88 -10.57
N THR C 37 -37.63 27.28 -10.59
CA THR C 37 -37.09 26.70 -11.81
C THR C 37 -36.73 25.24 -11.58
N VAL C 38 -37.25 24.38 -12.44
CA VAL C 38 -37.13 22.94 -12.30
C VAL C 38 -36.41 22.43 -13.55
N GLU C 39 -35.15 22.06 -13.37
CA GLU C 39 -34.35 21.55 -14.47
C GLU C 39 -33.86 20.16 -14.13
N HIS C 40 -33.49 19.43 -15.17
CA HIS C 40 -32.94 18.09 -15.07
C HIS C 40 -31.64 18.09 -15.87
N PRO C 41 -30.59 18.69 -15.31
CA PRO C 41 -29.24 18.87 -15.88
C PRO C 41 -28.55 17.61 -16.41
N ASP C 42 -27.62 17.82 -17.34
CA ASP C 42 -26.87 16.73 -17.95
C ASP C 42 -26.26 15.81 -16.91
N LYS C 43 -27.01 14.76 -16.58
CA LYS C 43 -26.60 13.78 -15.58
C LYS C 43 -26.32 14.32 -14.19
N LEU C 44 -27.36 14.56 -13.42
CA LEU C 44 -27.25 15.16 -12.08
C LEU C 44 -26.71 14.30 -10.96
N GLU C 45 -26.48 13.02 -11.20
CA GLU C 45 -25.99 12.18 -10.12
C GLU C 45 -24.61 12.60 -9.59
N GLU C 46 -23.75 13.11 -10.46
CA GLU C 46 -22.43 13.55 -10.03
C GLU C 46 -22.28 15.07 -9.96
N LYS C 47 -22.80 15.78 -10.97
CA LYS C 47 -22.71 17.24 -11.05
C LYS C 47 -23.10 17.92 -9.74
N PHE C 48 -24.02 17.33 -9.02
CA PHE C 48 -24.44 17.90 -7.75
C PHE C 48 -23.33 18.00 -6.69
N PRO C 49 -22.65 16.90 -6.33
CA PRO C 49 -21.66 17.01 -5.24
C PRO C 49 -20.57 18.02 -5.54
N GLN C 50 -20.14 18.07 -6.79
CA GLN C 50 -19.23 19.10 -7.29
C GLN C 50 -19.74 20.49 -6.95
N VAL C 51 -20.89 20.87 -7.52
CA VAL C 51 -21.44 22.21 -7.38
C VAL C 51 -22.02 22.49 -6.01
N ALA C 52 -22.32 21.45 -5.23
CA ALA C 52 -22.67 21.67 -3.83
C ALA C 52 -21.50 22.30 -3.10
N ALA C 53 -20.31 21.69 -3.22
CA ALA C 53 -19.13 22.16 -2.48
C ALA C 53 -18.76 23.60 -2.80
N THR C 54 -18.95 24.04 -4.04
CA THR C 54 -18.60 25.43 -4.33
C THR C 54 -19.71 26.40 -3.96
N GLY C 55 -20.85 25.89 -3.48
CA GLY C 55 -21.94 26.69 -2.94
C GLY C 55 -23.12 26.86 -3.87
N ASP C 56 -22.90 26.73 -5.18
CA ASP C 56 -23.95 26.98 -6.15
C ASP C 56 -24.80 25.72 -6.32
N GLY C 57 -25.65 25.72 -7.34
CA GLY C 57 -26.45 24.55 -7.66
C GLY C 57 -27.89 24.66 -7.18
N PRO C 58 -28.58 23.53 -7.13
CA PRO C 58 -29.97 23.54 -6.65
C PRO C 58 -30.07 24.09 -5.24
N ASP C 59 -31.22 24.69 -4.93
CA ASP C 59 -31.60 24.87 -3.53
C ASP C 59 -32.22 23.59 -3.01
N ILE C 60 -33.10 22.98 -3.80
CA ILE C 60 -33.69 21.69 -3.50
C ILE C 60 -33.18 20.70 -4.54
N ILE C 61 -32.66 19.57 -4.07
CA ILE C 61 -32.24 18.48 -4.94
C ILE C 61 -33.18 17.31 -4.72
N PHE C 62 -33.67 16.75 -5.80
CA PHE C 62 -34.62 15.66 -5.71
C PHE C 62 -34.00 14.32 -6.01
N TRP C 63 -33.81 13.52 -4.97
CA TRP C 63 -33.27 12.19 -5.19
C TRP C 63 -33.57 11.20 -4.10
N ALA C 64 -33.23 9.96 -4.43
CA ALA C 64 -33.41 8.83 -3.54
C ALA C 64 -32.36 8.82 -2.44
N HIS C 65 -32.59 7.92 -1.47
CA HIS C 65 -31.78 7.76 -0.28
C HIS C 65 -30.80 6.59 -0.39
N ASP C 66 -30.57 6.18 -1.63
CA ASP C 66 -29.64 5.13 -1.97
C ASP C 66 -28.27 5.77 -1.90
N ARG C 67 -28.10 6.91 -2.54
CA ARG C 67 -26.81 7.56 -2.51
C ARG C 67 -26.77 8.88 -1.76
N PHE C 68 -27.32 8.94 -0.54
CA PHE C 68 -27.25 10.20 0.18
C PHE C 68 -26.15 10.11 1.22
N GLY C 69 -25.49 8.96 1.30
CA GLY C 69 -24.30 8.85 2.15
C GLY C 69 -23.27 9.91 1.83
N GLY C 70 -22.97 10.09 0.54
CA GLY C 70 -21.96 11.07 0.15
C GLY C 70 -22.35 12.51 0.39
N TYR C 71 -23.64 12.78 0.52
CA TYR C 71 -24.11 14.17 0.54
C TYR C 71 -24.22 14.76 1.94
N ALA C 72 -24.74 14.01 2.91
CA ALA C 72 -24.96 14.55 4.24
C ALA C 72 -23.65 14.73 5.01
N GLN C 73 -22.72 13.81 4.85
CA GLN C 73 -21.55 13.78 5.71
C GLN C 73 -20.48 14.77 5.24
N SER C 74 -20.36 14.95 3.93
CA SER C 74 -19.66 16.11 3.41
C SER C 74 -20.30 17.40 3.94
N GLY C 75 -21.57 17.34 4.33
CA GLY C 75 -22.17 18.38 5.14
C GLY C 75 -22.82 19.52 4.38
N LEU C 76 -23.22 19.31 3.14
CA LEU C 76 -23.73 20.42 2.33
C LEU C 76 -25.20 20.25 1.96
N LEU C 77 -25.91 19.36 2.64
CA LEU C 77 -27.36 19.24 2.53
C LEU C 77 -27.95 19.56 3.90
N ALA C 78 -28.51 20.76 4.03
CA ALA C 78 -28.87 21.31 5.33
C ALA C 78 -29.78 20.38 6.11
N GLU C 79 -29.68 20.47 7.43
CA GLU C 79 -30.55 19.76 8.34
C GLU C 79 -31.99 20.18 8.20
N ILE C 80 -32.89 19.30 8.58
CA ILE C 80 -34.32 19.51 8.33
C ILE C 80 -35.03 19.83 9.65
N THR C 81 -36.14 20.55 9.55
CA THR C 81 -36.96 20.91 10.73
C THR C 81 -38.46 20.67 10.46
N PRO C 82 -38.85 19.41 10.26
CA PRO C 82 -40.27 19.11 9.95
C PRO C 82 -41.13 19.14 11.20
N ALA C 83 -42.14 20.02 11.19
CA ALA C 83 -43.02 20.21 12.35
C ALA C 83 -43.67 18.89 12.77
N ALA C 84 -43.96 18.79 14.07
CA ALA C 84 -44.60 17.59 14.60
C ALA C 84 -46.03 17.43 14.09
N ALA C 85 -46.69 18.54 13.74
CA ALA C 85 -48.05 18.47 13.21
C ALA C 85 -48.09 17.89 11.81
N PHE C 86 -47.01 18.08 11.06
CA PHE C 86 -46.82 17.52 9.72
C PHE C 86 -46.15 16.15 9.80
N GLN C 87 -45.40 15.88 10.86
CA GLN C 87 -45.09 14.49 11.17
C GLN C 87 -46.37 13.80 11.64
N ASP C 88 -46.34 12.47 11.62
CA ASP C 88 -47.49 11.66 12.00
C ASP C 88 -48.26 11.20 10.76
N LYS C 89 -47.89 11.75 9.61
CA LYS C 89 -48.52 11.41 8.34
C LYS C 89 -47.65 10.44 7.54
N LEU C 90 -46.45 10.89 7.19
CA LEU C 90 -45.51 10.06 6.44
C LEU C 90 -45.27 8.75 7.17
N TYR C 91 -45.32 7.64 6.45
CA TYR C 91 -45.14 6.33 7.07
C TYR C 91 -43.98 6.29 8.08
N PRO C 92 -44.22 5.67 9.24
CA PRO C 92 -43.18 5.55 10.29
C PRO C 92 -41.82 5.21 9.71
N PHE C 93 -41.81 4.45 8.62
CA PHE C 93 -40.59 3.90 8.06
C PHE C 93 -40.09 4.69 6.85
N THR C 94 -40.90 5.50 6.23
CA THR C 94 -40.44 6.16 5.03
C THR C 94 -39.41 7.26 5.30
N TRP C 95 -38.98 7.42 6.54
CA TRP C 95 -37.95 8.40 6.82
C TRP C 95 -36.72 7.69 7.28
N ASP C 96 -36.96 6.59 7.98
CA ASP C 96 -35.87 5.82 8.56
C ASP C 96 -34.84 5.69 7.45
N ALA C 97 -35.33 5.45 6.24
CA ALA C 97 -34.50 5.44 5.04
C ALA C 97 -33.76 6.76 4.84
N VAL C 98 -34.44 7.89 5.06
CA VAL C 98 -33.79 9.19 4.88
C VAL C 98 -33.11 9.68 6.16
N ARG C 99 -33.55 9.21 7.33
CA ARG C 99 -32.87 9.56 8.58
C ARG C 99 -31.44 9.05 8.56
N TYR C 100 -30.48 9.97 8.67
CA TYR C 100 -29.07 9.63 8.60
C TYR C 100 -28.32 10.32 9.72
N ASN C 101 -27.58 9.54 10.52
CA ASN C 101 -26.72 10.06 11.58
C ASN C 101 -27.53 10.81 12.63
N GLY C 102 -28.69 10.25 12.98
CA GLY C 102 -29.58 10.83 13.98
C GLY C 102 -30.35 12.06 13.53
N LYS C 103 -29.94 12.68 12.44
CA LYS C 103 -30.55 13.90 11.94
C LYS C 103 -31.13 13.64 10.55
N LEU C 104 -32.15 14.41 10.19
CA LEU C 104 -32.88 14.18 8.96
C LEU C 104 -32.22 14.96 7.83
N ILE C 105 -32.10 14.32 6.66
CA ILE C 105 -31.48 14.96 5.51
C ILE C 105 -32.52 15.66 4.64
N ALA C 106 -33.60 14.94 4.32
CA ALA C 106 -34.66 15.49 3.48
C ALA C 106 -35.96 14.73 3.67
N TYR C 107 -36.94 15.03 2.83
CA TYR C 107 -38.25 14.36 2.90
C TYR C 107 -38.45 13.43 1.71
N PRO C 108 -38.86 12.19 2.00
CA PRO C 108 -39.10 11.18 0.96
C PRO C 108 -40.42 11.42 0.22
N ILE C 109 -40.47 11.01 -1.04
CA ILE C 109 -41.66 11.17 -1.83
C ILE C 109 -42.26 9.84 -2.25
N ALA C 110 -41.51 9.10 -3.04
CA ALA C 110 -41.92 7.80 -3.55
C ALA C 110 -41.17 6.69 -2.85
N VAL C 111 -41.74 5.49 -2.96
CA VAL C 111 -41.13 4.27 -2.46
C VAL C 111 -41.15 3.24 -3.57
N GLU C 112 -40.00 2.65 -3.86
CA GLU C 112 -39.84 1.73 -4.98
C GLU C 112 -39.26 0.42 -4.47
N ALA C 113 -39.87 -0.69 -4.89
CA ALA C 113 -39.43 -2.01 -4.43
C ALA C 113 -39.82 -3.05 -5.47
N LEU C 114 -39.13 -4.19 -5.41
CA LEU C 114 -39.42 -5.30 -6.31
C LEU C 114 -40.77 -5.93 -5.98
N SER C 115 -41.44 -6.44 -7.01
CA SER C 115 -42.73 -7.08 -6.85
C SER C 115 -42.86 -8.21 -7.84
N LEU C 116 -43.54 -9.27 -7.42
CA LEU C 116 -43.77 -10.43 -8.28
C LEU C 116 -44.76 -10.06 -9.37
N ILE C 117 -44.32 -10.15 -10.62
CA ILE C 117 -45.12 -9.76 -11.77
C ILE C 117 -45.53 -11.03 -12.52
N TYR C 118 -46.84 -11.26 -12.61
CA TYR C 118 -47.40 -12.39 -13.31
C TYR C 118 -48.46 -11.89 -14.28
N ASN C 119 -48.66 -12.63 -15.36
CA ASN C 119 -49.80 -12.36 -16.22
C ASN C 119 -50.98 -13.23 -15.78
N LYS C 120 -52.18 -12.73 -16.04
CA LYS C 120 -53.39 -13.47 -15.69
C LYS C 120 -53.84 -14.41 -16.79
N ASP C 121 -53.20 -14.37 -17.97
CA ASP C 121 -53.59 -15.25 -19.05
C ASP C 121 -52.96 -16.64 -18.91
N LEU C 122 -51.67 -16.70 -18.56
CA LEU C 122 -51.00 -17.99 -18.49
C LEU C 122 -51.40 -18.79 -17.25
N LEU C 123 -51.58 -18.11 -16.12
CA LEU C 123 -52.01 -18.78 -14.90
C LEU C 123 -52.83 -17.78 -14.10
N PRO C 124 -54.01 -18.18 -13.59
CA PRO C 124 -54.91 -17.19 -12.99
C PRO C 124 -54.41 -16.56 -11.70
N ASN C 125 -53.82 -17.34 -10.80
CA ASN C 125 -53.48 -16.84 -9.47
C ASN C 125 -52.05 -17.22 -9.10
N PRO C 126 -51.23 -16.28 -8.65
CA PRO C 126 -49.81 -16.55 -8.53
C PRO C 126 -49.50 -17.44 -7.34
N PRO C 127 -48.43 -18.23 -7.41
CA PRO C 127 -47.99 -18.96 -6.21
C PRO C 127 -47.40 -18.00 -5.20
N LYS C 128 -47.72 -18.23 -3.93
CA LYS C 128 -47.28 -17.36 -2.85
C LYS C 128 -46.02 -17.85 -2.15
N THR C 129 -45.41 -18.93 -2.62
CA THR C 129 -44.14 -19.37 -2.05
C THR C 129 -43.28 -19.98 -3.15
N TRP C 130 -41.96 -19.89 -2.96
CA TRP C 130 -41.01 -20.29 -3.99
C TRP C 130 -41.06 -21.79 -4.24
N GLU C 131 -41.29 -22.59 -3.20
CA GLU C 131 -41.05 -24.02 -3.28
C GLU C 131 -41.98 -24.71 -4.28
N GLU C 132 -43.14 -24.14 -4.56
CA GLU C 132 -44.07 -24.77 -5.49
C GLU C 132 -43.81 -24.38 -6.94
N ILE C 133 -42.92 -23.42 -7.20
CA ILE C 133 -42.64 -23.00 -8.57
C ILE C 133 -42.16 -24.16 -9.45
N PRO C 134 -41.22 -25.03 -8.99
CA PRO C 134 -40.83 -26.15 -9.85
C PRO C 134 -41.98 -27.08 -10.22
N ALA C 135 -42.95 -27.25 -9.33
CA ALA C 135 -44.07 -28.15 -9.62
C ALA C 135 -45.01 -27.54 -10.64
N LEU C 136 -45.33 -26.25 -10.50
CA LEU C 136 -46.21 -25.59 -11.47
C LEU C 136 -45.56 -25.52 -12.84
N ASP C 137 -44.25 -25.23 -12.89
CA ASP C 137 -43.50 -25.21 -14.13
C ASP C 137 -43.52 -26.54 -14.86
N LYS C 138 -43.96 -27.62 -14.20
CA LYS C 138 -43.89 -28.95 -14.79
C LYS C 138 -44.76 -29.09 -16.04
N GLU C 139 -45.93 -28.44 -16.07
CA GLU C 139 -46.83 -28.60 -17.21
C GLU C 139 -47.11 -27.29 -17.93
N LEU C 140 -46.25 -26.29 -17.77
CA LEU C 140 -46.30 -25.11 -18.63
C LEU C 140 -45.44 -25.28 -19.88
N LYS C 141 -44.74 -26.41 -20.02
CA LYS C 141 -43.96 -26.70 -21.21
C LYS C 141 -44.76 -27.50 -22.25
N ALA C 142 -45.77 -28.29 -21.85
CA ALA C 142 -46.62 -28.90 -22.86
C ALA C 142 -47.05 -27.85 -23.88
N LYS C 143 -47.45 -26.66 -23.41
CA LYS C 143 -47.65 -25.51 -24.28
C LYS C 143 -46.33 -24.93 -24.78
N GLY C 144 -45.22 -25.21 -24.11
CA GLY C 144 -43.90 -24.77 -24.53
C GLY C 144 -43.28 -23.66 -23.72
N LYS C 145 -43.98 -23.18 -22.71
CA LYS C 145 -43.64 -21.95 -22.01
C LYS C 145 -42.96 -22.24 -20.68
N SER C 146 -42.52 -21.17 -19.99
CA SER C 146 -41.84 -21.29 -18.72
C SER C 146 -42.55 -20.48 -17.66
N ALA C 147 -42.33 -20.86 -16.40
CA ALA C 147 -43.04 -20.23 -15.29
C ALA C 147 -42.37 -18.95 -14.83
N LEU C 148 -41.04 -18.94 -14.74
CA LEU C 148 -40.33 -17.87 -14.05
C LEU C 148 -39.02 -17.57 -14.76
N MET C 149 -38.81 -16.28 -15.08
CA MET C 149 -37.54 -15.81 -15.61
C MET C 149 -37.30 -14.40 -15.08
N PHE C 150 -36.24 -14.21 -14.29
CA PHE C 150 -35.85 -12.89 -13.83
C PHE C 150 -34.34 -12.76 -13.91
N ASN C 151 -33.85 -11.55 -13.64
CA ASN C 151 -32.42 -11.26 -13.74
C ASN C 151 -31.67 -11.93 -12.59
N LEU C 152 -30.72 -12.81 -12.92
CA LEU C 152 -29.92 -13.49 -11.92
C LEU C 152 -28.53 -12.89 -11.76
N GLN C 153 -28.13 -11.99 -12.65
CA GLN C 153 -26.79 -11.41 -12.58
C GLN C 153 -26.68 -10.40 -11.44
N GLU C 154 -27.73 -9.61 -11.23
CA GLU C 154 -27.68 -8.55 -10.22
C GLU C 154 -28.07 -9.10 -8.85
N PRO C 155 -27.26 -8.87 -7.82
CA PRO C 155 -27.68 -9.23 -6.46
C PRO C 155 -28.94 -8.50 -6.01
N TYR C 156 -29.29 -7.38 -6.63
CA TYR C 156 -30.51 -6.67 -6.27
C TYR C 156 -31.73 -7.56 -6.42
N PHE C 157 -31.74 -8.43 -7.43
CA PHE C 157 -32.86 -9.33 -7.67
C PHE C 157 -32.72 -10.64 -6.91
N THR C 158 -31.50 -11.15 -6.79
CA THR C 158 -31.31 -12.48 -6.20
C THR C 158 -31.35 -12.42 -4.68
N TRP C 159 -30.81 -11.36 -4.08
CA TRP C 159 -30.73 -11.29 -2.62
C TRP C 159 -32.07 -11.47 -1.90
N PRO C 160 -33.21 -10.97 -2.42
CA PRO C 160 -34.49 -11.28 -1.75
C PRO C 160 -34.74 -12.75 -1.52
N LEU C 161 -34.28 -13.62 -2.43
CA LEU C 161 -34.41 -15.06 -2.23
C LEU C 161 -33.25 -15.63 -1.41
N ILE C 162 -32.05 -15.08 -1.58
CA ILE C 162 -30.87 -15.60 -0.90
C ILE C 162 -31.05 -15.50 0.61
N ALA C 163 -31.34 -14.28 1.09
CA ALA C 163 -31.52 -14.02 2.52
C ALA C 163 -32.94 -14.21 2.98
N ALA C 164 -33.79 -14.84 2.17
CA ALA C 164 -35.18 -15.05 2.57
C ALA C 164 -35.27 -15.87 3.84
N ASP C 165 -34.37 -16.85 4.00
CA ASP C 165 -34.27 -17.62 5.22
C ASP C 165 -33.22 -16.99 6.12
N GLY C 166 -33.65 -16.52 7.29
CA GLY C 166 -32.74 -15.89 8.23
C GLY C 166 -32.30 -14.50 7.81
N ASP C 181 -17.83 -9.29 10.71
CA ASP C 181 -19.24 -9.17 11.07
C ASP C 181 -19.91 -10.54 11.07
N VAL C 182 -21.06 -10.64 10.39
CA VAL C 182 -21.77 -11.90 10.24
C VAL C 182 -21.37 -12.52 8.91
N GLY C 183 -21.71 -11.86 7.82
CA GLY C 183 -21.28 -12.28 6.50
C GLY C 183 -22.43 -12.85 5.68
N VAL C 184 -22.22 -12.84 4.35
CA VAL C 184 -23.21 -13.40 3.44
C VAL C 184 -23.30 -14.92 3.59
N ASP C 185 -22.28 -15.54 4.17
CA ASP C 185 -22.27 -16.99 4.38
C ASP C 185 -22.94 -17.29 5.71
N ASN C 186 -24.17 -17.79 5.66
CA ASN C 186 -24.91 -18.22 6.83
C ASN C 186 -25.65 -19.50 6.50
N ALA C 187 -26.31 -20.08 7.50
CA ALA C 187 -27.02 -21.34 7.29
C ALA C 187 -28.27 -21.16 6.43
N GLY C 188 -28.89 -19.98 6.47
CA GLY C 188 -30.08 -19.75 5.68
C GLY C 188 -29.78 -19.28 4.28
N ALA C 189 -28.63 -18.64 4.09
CA ALA C 189 -28.22 -18.24 2.74
C ALA C 189 -27.91 -19.46 1.88
N LYS C 190 -27.41 -20.55 2.48
CA LYS C 190 -27.29 -21.80 1.73
C LYS C 190 -28.68 -22.13 1.22
N ALA C 191 -29.64 -22.28 2.13
CA ALA C 191 -30.99 -22.71 1.74
C ALA C 191 -31.56 -22.00 0.53
N GLY C 192 -31.52 -20.66 0.54
CA GLY C 192 -32.03 -19.91 -0.60
C GLY C 192 -31.20 -20.11 -1.86
N LEU C 193 -29.88 -20.06 -1.70
CA LEU C 193 -28.97 -20.23 -2.83
C LEU C 193 -29.07 -21.63 -3.41
N THR C 194 -29.24 -22.63 -2.54
CA THR C 194 -29.36 -24.01 -2.98
C THR C 194 -30.61 -24.21 -3.83
N PHE C 195 -31.70 -23.56 -3.43
CA PHE C 195 -32.95 -23.65 -4.17
C PHE C 195 -32.88 -22.92 -5.50
N LEU C 196 -32.13 -21.81 -5.52
CA LEU C 196 -31.99 -21.02 -6.74
C LEU C 196 -31.24 -21.79 -7.81
N VAL C 197 -30.14 -22.47 -7.44
CA VAL C 197 -29.34 -23.13 -8.46
C VAL C 197 -29.94 -24.49 -8.86
N ASP C 198 -30.69 -25.12 -7.96
CA ASP C 198 -31.36 -26.37 -8.34
C ASP C 198 -32.45 -26.10 -9.38
N LEU C 199 -33.04 -24.90 -9.36
CA LEU C 199 -33.93 -24.50 -10.44
C LEU C 199 -33.18 -24.40 -11.76
N ILE C 200 -31.88 -24.13 -11.72
CA ILE C 200 -31.10 -23.96 -12.93
C ILE C 200 -30.68 -25.30 -13.52
N LYS C 201 -30.31 -26.25 -12.66
CA LYS C 201 -29.87 -27.56 -13.15
C LYS C 201 -31.01 -28.38 -13.72
N ASN C 202 -32.26 -28.04 -13.40
CA ASN C 202 -33.43 -28.71 -13.96
C ASN C 202 -34.00 -27.97 -15.16
N LYS C 203 -33.34 -26.90 -15.61
CA LYS C 203 -33.76 -26.12 -16.78
C LYS C 203 -35.14 -25.50 -16.59
N HIS C 204 -35.47 -25.11 -15.37
CA HIS C 204 -36.54 -24.14 -15.15
C HIS C 204 -36.04 -22.72 -15.28
N MET C 205 -34.72 -22.53 -15.17
CA MET C 205 -34.08 -21.23 -15.25
C MET C 205 -32.65 -21.48 -15.72
N ASN C 206 -32.05 -20.44 -16.31
CA ASN C 206 -30.68 -20.54 -16.81
C ASN C 206 -29.82 -19.45 -16.17
N ALA C 207 -28.58 -19.82 -15.84
CA ALA C 207 -27.70 -18.93 -15.07
C ALA C 207 -27.39 -17.63 -15.80
N ASP C 208 -27.52 -17.60 -17.13
CA ASP C 208 -27.15 -16.43 -17.92
C ASP C 208 -28.33 -15.50 -18.19
N THR C 209 -29.48 -15.75 -17.58
CA THR C 209 -30.64 -14.89 -17.78
C THR C 209 -30.41 -13.54 -17.10
N ASP C 210 -30.48 -12.47 -17.88
CA ASP C 210 -30.26 -11.12 -17.39
C ASP C 210 -31.56 -10.30 -17.52
N TYR C 211 -31.45 -9.00 -17.25
CA TYR C 211 -32.63 -8.14 -17.26
C TYR C 211 -33.25 -8.05 -18.64
N SER C 212 -32.42 -8.01 -19.69
CA SER C 212 -32.93 -7.87 -21.04
C SER C 212 -33.70 -9.13 -21.46
N ILE C 213 -33.16 -10.31 -21.16
CA ILE C 213 -33.80 -11.55 -21.58
C ILE C 213 -35.08 -11.78 -20.78
N ALA C 214 -35.05 -11.52 -19.47
CA ALA C 214 -36.22 -11.77 -18.62
C ALA C 214 -37.38 -10.86 -19.00
N GLU C 215 -37.11 -9.57 -19.22
CA GLU C 215 -38.18 -8.63 -19.54
C GLU C 215 -38.71 -8.87 -20.95
N ALA C 216 -37.81 -9.17 -21.90
CA ALA C 216 -38.26 -9.42 -23.27
C ALA C 216 -39.12 -10.67 -23.36
N ALA C 217 -38.87 -11.67 -22.52
CA ALA C 217 -39.64 -12.90 -22.59
C ALA C 217 -41.04 -12.70 -22.02
N PHE C 218 -41.15 -11.98 -20.89
CA PHE C 218 -42.45 -11.79 -20.27
C PHE C 218 -43.32 -10.84 -21.07
N ASN C 219 -42.73 -9.78 -21.62
CA ASN C 219 -43.50 -8.80 -22.38
C ASN C 219 -44.07 -9.38 -23.67
N LYS C 220 -43.46 -10.44 -24.20
CA LYS C 220 -44.06 -11.17 -25.31
C LYS C 220 -44.92 -12.33 -24.86
N GLY C 221 -44.92 -12.63 -23.57
CA GLY C 221 -45.90 -13.54 -22.99
C GLY C 221 -45.58 -15.01 -23.01
N GLU C 222 -44.29 -15.39 -23.09
CA GLU C 222 -43.92 -16.79 -22.95
C GLU C 222 -43.39 -17.12 -21.56
N THR C 223 -43.47 -16.18 -20.63
CA THR C 223 -43.15 -16.42 -19.23
C THR C 223 -44.38 -16.10 -18.39
N ALA C 224 -44.64 -16.96 -17.39
CA ALA C 224 -45.81 -16.73 -16.54
C ALA C 224 -45.51 -15.73 -15.43
N MET C 225 -44.28 -15.66 -14.95
CA MET C 225 -43.94 -14.80 -13.83
C MET C 225 -42.59 -14.15 -14.05
N THR C 226 -42.44 -12.94 -13.50
CA THR C 226 -41.21 -12.18 -13.54
C THR C 226 -41.04 -11.48 -12.20
N ILE C 227 -39.85 -10.92 -11.98
CA ILE C 227 -39.57 -10.10 -10.80
C ILE C 227 -38.97 -8.80 -11.30
N ASN C 228 -39.69 -7.71 -11.12
CA ASN C 228 -39.25 -6.40 -11.59
C ASN C 228 -39.94 -5.33 -10.77
N GLY C 229 -39.57 -4.08 -11.01
CA GLY C 229 -40.14 -2.95 -10.30
C GLY C 229 -41.11 -2.17 -11.16
N PRO C 230 -41.69 -1.10 -10.58
CA PRO C 230 -42.62 -0.27 -11.36
C PRO C 230 -41.97 0.49 -12.50
N TRP C 231 -40.63 0.55 -12.55
CA TRP C 231 -39.96 1.17 -13.68
C TRP C 231 -40.17 0.38 -14.96
N ALA C 232 -40.42 -0.93 -14.84
CA ALA C 232 -40.67 -1.75 -16.02
C ALA C 232 -42.09 -1.68 -16.51
N TRP C 233 -43.04 -1.27 -15.65
CA TRP C 233 -44.46 -1.34 -15.99
C TRP C 233 -44.79 -0.53 -17.23
N SER C 234 -44.01 0.52 -17.52
CA SER C 234 -44.24 1.30 -18.74
C SER C 234 -44.13 0.42 -19.98
N ASN C 235 -43.01 -0.30 -20.10
CA ASN C 235 -42.82 -1.19 -21.25
C ASN C 235 -43.85 -2.32 -21.24
N ILE C 236 -44.24 -2.80 -20.07
CA ILE C 236 -45.20 -3.90 -20.00
C ILE C 236 -46.58 -3.42 -20.42
N ASP C 237 -46.99 -2.23 -19.96
CA ASP C 237 -48.25 -1.64 -20.42
C ASP C 237 -48.25 -1.48 -21.93
N THR C 238 -47.14 -0.99 -22.48
CA THR C 238 -47.04 -0.74 -23.92
C THR C 238 -47.06 -2.03 -24.74
N SER C 239 -46.78 -3.18 -24.12
CA SER C 239 -46.78 -4.43 -24.87
C SER C 239 -47.92 -5.35 -24.46
N ALA C 240 -49.15 -4.82 -24.47
CA ALA C 240 -50.35 -5.59 -24.13
C ALA C 240 -50.20 -6.27 -22.76
N VAL C 241 -50.14 -7.60 -22.79
CA VAL C 241 -50.06 -8.51 -21.64
C VAL C 241 -50.93 -7.99 -20.49
N ASN C 242 -52.05 -8.66 -20.27
CA ASN C 242 -52.88 -8.45 -19.09
C ASN C 242 -52.21 -9.10 -17.89
N TYR C 243 -51.60 -8.28 -17.02
CA TYR C 243 -50.74 -8.78 -15.96
C TYR C 243 -51.18 -8.30 -14.59
N GLY C 244 -50.79 -9.06 -13.57
CA GLY C 244 -50.99 -8.69 -12.19
C GLY C 244 -49.67 -8.44 -11.48
N VAL C 245 -49.77 -7.80 -10.32
CA VAL C 245 -48.63 -7.50 -9.46
C VAL C 245 -49.01 -7.89 -8.03
N THR C 246 -48.16 -8.71 -7.40
CA THR C 246 -48.49 -9.28 -6.10
C THR C 246 -47.23 -9.34 -5.25
N VAL C 247 -47.38 -9.86 -4.03
CA VAL C 247 -46.26 -9.99 -3.10
C VAL C 247 -45.29 -11.05 -3.61
N LEU C 248 -44.00 -10.87 -3.32
CA LEU C 248 -42.98 -11.81 -3.76
C LEU C 248 -43.23 -13.19 -3.16
N PRO C 249 -42.80 -14.26 -3.82
CA PRO C 249 -43.01 -15.60 -3.28
C PRO C 249 -42.30 -15.78 -1.95
N THR C 250 -42.92 -16.54 -1.07
CA THR C 250 -42.36 -16.85 0.23
C THR C 250 -41.36 -18.00 0.12
N PHE C 251 -40.34 -17.97 0.99
CA PHE C 251 -39.38 -19.06 1.09
C PHE C 251 -39.41 -19.59 2.51
N LYS C 252 -39.73 -20.89 2.66
CA LYS C 252 -39.67 -21.60 3.93
C LYS C 252 -40.79 -21.19 4.88
N GLY C 253 -41.46 -20.08 4.58
CA GLY C 253 -42.45 -19.50 5.45
C GLY C 253 -42.20 -18.04 5.77
N GLN C 254 -41.00 -17.57 5.54
CA GLN C 254 -40.47 -16.23 5.70
C GLN C 254 -40.64 -15.44 4.41
N PRO C 255 -40.97 -14.16 4.51
CA PRO C 255 -41.20 -13.36 3.31
C PRO C 255 -39.90 -12.96 2.63
N SER C 256 -39.99 -12.68 1.34
CA SER C 256 -38.86 -12.17 0.58
C SER C 256 -38.73 -10.68 0.81
N LYS C 257 -37.52 -10.24 1.17
CA LYS C 257 -37.28 -8.84 1.53
C LYS C 257 -36.46 -8.15 0.45
N PRO C 258 -37.07 -7.37 -0.42
CA PRO C 258 -36.30 -6.67 -1.46
C PRO C 258 -35.68 -5.38 -0.95
N PHE C 259 -34.67 -4.93 -1.67
CA PHE C 259 -34.09 -3.62 -1.38
C PHE C 259 -35.10 -2.54 -1.73
N VAL C 260 -35.31 -1.61 -0.80
CA VAL C 260 -36.33 -0.58 -0.93
C VAL C 260 -35.65 0.76 -1.12
N GLY C 261 -35.93 1.40 -2.24
CA GLY C 261 -35.52 2.77 -2.46
C GLY C 261 -36.68 3.70 -2.15
N VAL C 262 -36.41 4.71 -1.31
CA VAL C 262 -37.34 5.81 -1.12
C VAL C 262 -36.74 7.01 -1.83
N LEU C 263 -37.53 7.63 -2.71
CA LEU C 263 -37.07 8.78 -3.48
C LEU C 263 -37.38 10.05 -2.71
N SER C 264 -36.35 10.82 -2.41
CA SER C 264 -36.44 11.87 -1.43
C SER C 264 -36.16 13.24 -2.03
N ALA C 265 -36.29 14.27 -1.19
CA ALA C 265 -36.09 15.66 -1.56
C ALA C 265 -35.07 16.27 -0.61
N GLY C 266 -33.81 16.30 -1.04
CA GLY C 266 -32.78 17.00 -0.31
C GLY C 266 -32.78 18.48 -0.67
N ILE C 267 -32.39 19.31 0.31
CA ILE C 267 -32.25 20.74 0.09
C ILE C 267 -30.83 21.16 0.47
N ASN C 268 -30.28 22.08 -0.31
CA ASN C 268 -28.88 22.47 -0.17
C ASN C 268 -28.64 23.16 1.17
N ALA C 269 -27.43 23.01 1.68
CA ALA C 269 -27.01 23.73 2.88
C ALA C 269 -26.46 25.11 2.57
N ALA C 270 -26.15 25.41 1.31
CA ALA C 270 -25.68 26.72 0.91
C ALA C 270 -26.80 27.63 0.43
N SER C 271 -28.06 27.23 0.64
CA SER C 271 -29.20 27.97 0.11
C SER C 271 -29.69 28.98 1.12
N PRO C 272 -29.71 30.27 0.79
CA PRO C 272 -30.33 31.26 1.69
C PRO C 272 -31.83 31.07 1.87
N ASN C 273 -32.51 30.36 0.95
CA ASN C 273 -33.97 30.30 0.93
C ASN C 273 -34.51 29.03 1.59
N LYS C 274 -33.78 28.45 2.54
CA LYS C 274 -34.15 27.13 3.01
C LYS C 274 -35.55 27.12 3.64
N GLU C 275 -36.01 28.25 4.17
CA GLU C 275 -37.37 28.30 4.71
C GLU C 275 -38.41 28.10 3.62
N LEU C 276 -38.31 28.86 2.52
CA LEU C 276 -39.26 28.71 1.43
C LEU C 276 -39.07 27.41 0.65
N ALA C 277 -37.88 26.81 0.72
CA ALA C 277 -37.69 25.49 0.13
C ALA C 277 -38.62 24.48 0.77
N LYS C 278 -38.75 24.52 2.09
CA LYS C 278 -39.73 23.67 2.79
C LYS C 278 -41.15 24.05 2.43
N GLU C 279 -41.43 25.36 2.38
CA GLU C 279 -42.76 25.84 2.06
C GLU C 279 -43.29 25.23 0.76
N PHE C 280 -42.38 24.91 -0.16
CA PHE C 280 -42.78 24.27 -1.40
C PHE C 280 -43.01 22.77 -1.22
N LEU C 281 -42.11 22.10 -0.48
CA LEU C 281 -42.24 20.65 -0.33
C LEU C 281 -43.38 20.29 0.62
N GLU C 282 -43.44 20.97 1.77
CA GLU C 282 -44.35 20.58 2.82
C GLU C 282 -45.81 20.84 2.45
N ASN C 283 -46.15 22.10 2.19
CA ASN C 283 -47.53 22.50 2.01
C ASN C 283 -48.01 22.39 0.57
N TYR C 284 -47.12 22.15 -0.39
CA TYR C 284 -47.53 22.19 -1.79
C TYR C 284 -47.17 20.90 -2.53
N LEU C 285 -45.90 20.49 -2.48
CA LEU C 285 -45.49 19.29 -3.20
C LEU C 285 -46.22 18.06 -2.67
N LEU C 286 -45.93 17.67 -1.43
CA LEU C 286 -46.51 16.45 -0.85
C LEU C 286 -47.88 16.79 -0.29
N THR C 287 -48.88 16.72 -1.17
CA THR C 287 -50.29 16.89 -0.82
C THR C 287 -51.06 15.80 -1.54
N ASP C 288 -52.38 15.77 -1.34
CA ASP C 288 -53.20 14.90 -2.16
C ASP C 288 -53.15 15.31 -3.62
N GLU C 289 -52.89 16.59 -3.89
CA GLU C 289 -52.93 17.12 -5.26
C GLU C 289 -51.56 17.09 -5.91
N GLY C 290 -50.66 17.97 -5.46
CA GLY C 290 -49.39 18.15 -6.14
C GLY C 290 -48.57 16.88 -6.30
N LEU C 291 -48.76 15.91 -5.40
CA LEU C 291 -48.11 14.61 -5.55
C LEU C 291 -48.55 13.93 -6.85
N GLU C 292 -49.86 13.76 -7.02
CA GLU C 292 -50.40 13.19 -8.25
C GLU C 292 -49.96 13.98 -9.47
N ALA C 293 -49.64 15.27 -9.30
CA ALA C 293 -49.25 16.10 -10.43
C ALA C 293 -47.97 15.59 -11.10
N VAL C 294 -46.93 15.30 -10.32
CA VAL C 294 -45.73 14.70 -10.89
C VAL C 294 -45.98 13.26 -11.30
N ASN C 295 -46.76 12.53 -10.51
CA ASN C 295 -46.95 11.12 -10.77
C ASN C 295 -47.86 10.88 -11.97
N LYS C 296 -48.66 11.87 -12.37
CA LYS C 296 -49.44 11.74 -13.59
C LYS C 296 -48.54 11.46 -14.79
N ASP C 297 -47.37 12.12 -14.84
CA ASP C 297 -46.47 11.96 -15.96
C ASP C 297 -45.39 10.94 -15.70
N LYS C 298 -45.40 10.31 -14.52
CA LYS C 298 -44.34 9.45 -14.04
C LYS C 298 -44.88 8.53 -12.96
N PRO C 299 -44.91 7.25 -13.18
CA PRO C 299 -45.47 6.34 -12.18
C PRO C 299 -44.58 6.27 -10.96
N LEU C 300 -45.00 6.82 -9.82
CA LEU C 300 -44.08 6.82 -8.69
C LEU C 300 -44.01 5.48 -7.97
N GLY C 301 -44.70 4.47 -8.47
CA GLY C 301 -45.00 3.36 -7.59
C GLY C 301 -45.60 3.91 -6.31
N ALA C 302 -45.22 3.31 -5.18
CA ALA C 302 -45.73 3.79 -3.91
C ALA C 302 -45.14 5.16 -3.58
N VAL C 303 -45.82 5.87 -2.66
CA VAL C 303 -45.43 7.22 -2.28
C VAL C 303 -45.38 7.34 -0.77
N ALA C 304 -44.73 8.41 -0.31
CA ALA C 304 -44.42 8.55 1.10
C ALA C 304 -45.61 9.05 1.91
N LEU C 305 -46.35 10.01 1.35
CA LEU C 305 -47.53 10.53 2.01
C LEU C 305 -48.54 9.40 2.20
N LYS C 306 -49.41 9.55 3.19
CA LYS C 306 -50.42 8.53 3.47
C LYS C 306 -51.83 8.99 3.11
N SER C 307 -52.11 10.27 3.32
CA SER C 307 -53.42 10.82 3.04
C SER C 307 -53.82 10.48 1.60
N TYR C 308 -52.82 10.45 0.71
CA TYR C 308 -53.05 10.20 -0.71
C TYR C 308 -52.26 8.99 -1.23
N GLU C 309 -51.63 8.19 -0.38
CA GLU C 309 -51.08 6.93 -0.92
C GLU C 309 -52.16 5.92 -1.26
N GLU C 310 -53.33 5.98 -0.61
CA GLU C 310 -54.32 4.91 -0.72
C GLU C 310 -55.27 5.07 -1.90
N GLU C 311 -55.41 6.29 -2.44
CA GLU C 311 -55.99 6.49 -3.77
C GLU C 311 -55.31 5.58 -4.77
N LEU C 312 -53.98 5.64 -4.79
CA LEU C 312 -53.22 4.75 -5.65
C LEU C 312 -53.41 3.31 -5.22
N ALA C 313 -53.46 3.05 -3.91
CA ALA C 313 -53.63 1.69 -3.42
C ALA C 313 -54.88 1.01 -3.98
N LYS C 314 -55.82 1.79 -4.52
CA LYS C 314 -56.87 1.21 -5.36
C LYS C 314 -56.24 0.43 -6.52
N ASP C 315 -55.22 0.99 -7.15
CA ASP C 315 -54.45 0.22 -8.13
C ASP C 315 -53.75 -0.91 -7.41
N PRO C 316 -54.12 -2.17 -7.69
CA PRO C 316 -53.50 -3.29 -6.96
C PRO C 316 -52.05 -3.51 -7.31
N ARG C 317 -51.57 -2.99 -8.44
CA ARG C 317 -50.15 -3.09 -8.76
C ARG C 317 -49.32 -2.27 -7.78
N ILE C 318 -49.77 -1.04 -7.52
CA ILE C 318 -49.06 -0.14 -6.62
C ILE C 318 -49.20 -0.59 -5.17
N ALA C 319 -50.29 -1.30 -4.86
CA ALA C 319 -50.48 -1.80 -3.50
C ALA C 319 -49.52 -2.93 -3.19
N ALA C 320 -49.25 -3.79 -4.19
CA ALA C 320 -48.35 -4.91 -3.98
C ALA C 320 -46.94 -4.44 -3.66
N THR C 321 -46.46 -3.39 -4.34
CA THR C 321 -45.12 -2.90 -4.07
C THR C 321 -45.02 -2.28 -2.68
N MET C 322 -46.10 -1.66 -2.20
CA MET C 322 -46.08 -1.09 -0.86
C MET C 322 -45.96 -2.18 0.21
N GLU C 323 -46.71 -3.27 0.04
CA GLU C 323 -46.59 -4.39 0.97
C GLU C 323 -45.21 -5.03 0.88
N ASN C 324 -44.65 -5.10 -0.33
CA ASN C 324 -43.30 -5.61 -0.50
C ASN C 324 -42.26 -4.66 0.09
N ALA C 325 -42.52 -3.35 0.03
CA ALA C 325 -41.58 -2.39 0.57
C ALA C 325 -41.61 -2.37 2.09
N GLN C 326 -42.79 -2.56 2.69
CA GLN C 326 -42.89 -2.57 4.14
C GLN C 326 -42.14 -3.75 4.74
N LYS C 327 -42.03 -4.86 4.00
CA LYS C 327 -41.27 -6.02 4.46
C LYS C 327 -39.80 -5.94 4.07
N GLY C 328 -39.46 -5.15 3.06
CA GLY C 328 -38.12 -5.11 2.54
C GLY C 328 -37.15 -4.37 3.46
N GLU C 329 -35.90 -4.38 3.05
CA GLU C 329 -34.84 -3.70 3.78
C GLU C 329 -34.61 -2.31 3.20
N ILE C 330 -33.80 -1.54 3.89
CA ILE C 330 -33.29 -0.28 3.38
C ILE C 330 -32.03 -0.58 2.57
N MET C 331 -31.95 -0.03 1.36
CA MET C 331 -30.80 -0.21 0.46
C MET C 331 -29.49 0.03 1.23
N PRO C 332 -28.39 -0.55 0.80
CA PRO C 332 -27.11 -0.26 1.46
C PRO C 332 -26.60 1.13 1.09
N ASN C 333 -26.28 1.92 2.11
CA ASN C 333 -25.71 3.26 1.92
C ASN C 333 -24.34 3.38 2.57
N GLN C 336 -20.46 3.41 0.57
CA GLN C 336 -20.22 1.97 0.52
C GLN C 336 -21.06 1.31 -0.56
N MET C 337 -20.48 1.17 -1.74
CA MET C 337 -21.18 0.55 -2.87
C MET C 337 -20.49 -0.72 -3.34
N SER C 338 -19.44 -1.18 -2.66
CA SER C 338 -18.71 -2.35 -3.09
C SER C 338 -18.69 -3.43 -2.01
N ALA C 339 -17.73 -4.35 -2.10
CA ALA C 339 -17.56 -5.47 -1.18
C ALA C 339 -18.77 -6.39 -1.17
N PHE C 340 -19.60 -6.28 -0.11
CA PHE C 340 -20.71 -7.20 0.09
C PHE C 340 -21.55 -7.38 -1.17
N TRP C 341 -21.71 -6.31 -1.96
CA TRP C 341 -22.43 -6.43 -3.21
C TRP C 341 -21.74 -7.38 -4.18
N TYR C 342 -20.41 -7.31 -4.27
CA TYR C 342 -19.66 -8.22 -5.13
C TYR C 342 -19.54 -9.61 -4.52
N ALA C 343 -19.72 -9.75 -3.21
CA ALA C 343 -19.70 -11.07 -2.60
C ALA C 343 -20.91 -11.88 -3.05
N VAL C 344 -22.10 -11.31 -2.97
CA VAL C 344 -23.31 -12.02 -3.34
C VAL C 344 -23.32 -12.30 -4.85
N ARG C 345 -22.71 -11.43 -5.65
CA ARG C 345 -22.77 -11.59 -7.09
C ARG C 345 -22.02 -12.84 -7.56
N THR C 346 -20.74 -12.93 -7.20
CA THR C 346 -19.95 -14.08 -7.64
C THR C 346 -20.26 -15.35 -6.85
N ALA C 347 -20.92 -15.22 -5.69
CA ALA C 347 -21.42 -16.41 -5.01
C ALA C 347 -22.55 -17.05 -5.80
N VAL C 348 -23.40 -16.23 -6.41
CA VAL C 348 -24.48 -16.75 -7.25
C VAL C 348 -23.93 -17.20 -8.60
N ILE C 349 -22.95 -16.46 -9.15
CA ILE C 349 -22.42 -16.79 -10.47
C ILE C 349 -21.71 -18.14 -10.45
N ASN C 350 -20.87 -18.38 -9.44
CA ASN C 350 -20.11 -19.62 -9.38
C ASN C 350 -21.02 -20.82 -9.17
N ALA C 351 -21.96 -20.72 -8.23
CA ALA C 351 -22.82 -21.86 -7.93
C ALA C 351 -23.85 -22.10 -9.03
N ALA C 352 -24.21 -21.07 -9.78
CA ALA C 352 -25.20 -21.26 -10.85
C ALA C 352 -24.61 -22.01 -12.04
N SER C 353 -23.35 -21.73 -12.37
CA SER C 353 -22.66 -22.43 -13.44
C SER C 353 -22.22 -23.83 -13.04
N GLY C 354 -22.24 -24.15 -11.75
CA GLY C 354 -21.98 -25.49 -11.27
C GLY C 354 -20.54 -25.83 -10.99
N ARG C 355 -19.58 -25.04 -11.48
CA ARG C 355 -18.17 -25.39 -11.29
C ARG C 355 -17.73 -25.37 -9.84
N GLN C 356 -18.52 -24.80 -8.94
CA GLN C 356 -18.22 -24.84 -7.51
C GLN C 356 -19.49 -25.15 -6.73
N THR C 357 -19.34 -25.94 -5.67
CA THR C 357 -20.47 -26.29 -4.83
C THR C 357 -21.05 -25.04 -4.18
N VAL C 358 -22.34 -25.12 -3.84
CA VAL C 358 -23.04 -23.97 -3.26
C VAL C 358 -22.33 -23.51 -1.99
N ASP C 359 -21.95 -24.46 -1.13
CA ASP C 359 -21.23 -24.10 0.09
C ASP C 359 -19.76 -23.80 -0.18
N ALA C 360 -19.20 -24.36 -1.26
CA ALA C 360 -17.88 -23.94 -1.69
C ALA C 360 -17.90 -22.52 -2.21
N ALA C 361 -18.98 -22.14 -2.90
CA ALA C 361 -19.10 -20.78 -3.42
C ALA C 361 -19.28 -19.78 -2.28
N LEU C 362 -20.07 -20.13 -1.27
CA LEU C 362 -20.30 -19.20 -0.16
C LEU C 362 -19.02 -18.97 0.64
N ALA C 363 -18.26 -20.04 0.91
CA ALA C 363 -17.00 -19.87 1.61
C ALA C 363 -16.02 -19.04 0.79
N ALA C 364 -15.91 -19.33 -0.51
CA ALA C 364 -15.01 -18.57 -1.36
C ALA C 364 -15.47 -17.14 -1.54
N ALA C 365 -16.79 -16.90 -1.53
CA ALA C 365 -17.29 -15.53 -1.65
C ALA C 365 -16.98 -14.72 -0.41
N GLN C 366 -17.14 -15.33 0.77
CA GLN C 366 -16.98 -14.59 2.02
C GLN C 366 -15.54 -14.14 2.22
N THR C 367 -14.57 -14.99 1.86
CA THR C 367 -13.17 -14.61 2.04
C THR C 367 -12.73 -13.58 1.01
N ASN C 368 -13.23 -13.69 -0.22
CA ASN C 368 -12.95 -12.65 -1.21
C ASN C 368 -13.56 -11.32 -0.80
N ALA C 369 -14.68 -11.35 -0.06
CA ALA C 369 -15.35 -10.12 0.32
C ALA C 369 -14.55 -9.35 1.36
N VAL C 370 -14.19 -10.00 2.47
CA VAL C 370 -13.45 -9.31 3.51
C VAL C 370 -12.04 -8.99 3.04
N ASP C 371 -11.50 -9.78 2.11
CA ASP C 371 -10.23 -9.42 1.49
C ASP C 371 -10.39 -8.26 0.52
N LEU C 372 -11.58 -8.12 -0.08
CA LEU C 372 -11.84 -6.93 -0.89
C LEU C 372 -11.85 -5.67 -0.03
N LYS C 373 -12.47 -5.73 1.15
CA LYS C 373 -12.51 -4.57 2.02
C LYS C 373 -11.14 -4.25 2.61
N VAL C 374 -10.29 -5.25 2.82
CA VAL C 374 -8.93 -4.98 3.27
C VAL C 374 -8.15 -4.27 2.19
N LEU C 375 -8.06 -4.88 1.00
CA LEU C 375 -7.37 -4.24 -0.11
C LEU C 375 -7.97 -2.88 -0.45
N GLU C 376 -9.25 -2.69 -0.16
CA GLU C 376 -9.91 -1.43 -0.46
C GLU C 376 -9.43 -0.31 0.47
N GLN C 377 -9.33 -0.59 1.76
CA GLN C 377 -9.15 0.50 2.73
C GLN C 377 -7.69 0.73 3.09
N LEU C 378 -6.78 -0.17 2.70
CA LEU C 378 -5.39 0.21 2.59
C LEU C 378 -5.12 1.14 1.41
N GLY C 379 -5.88 1.01 0.33
CA GLY C 379 -5.84 2.02 -0.72
C GLY C 379 -6.37 3.34 -0.22
N LYS C 380 -7.44 3.32 0.58
CA LYS C 380 -7.94 4.56 1.17
C LYS C 380 -6.94 5.15 2.14
N GLU C 381 -6.16 4.31 2.82
CA GLU C 381 -5.12 4.84 3.70
C GLU C 381 -3.92 5.32 2.90
N VAL C 382 -3.54 4.59 1.85
CA VAL C 382 -2.50 5.06 0.95
C VAL C 382 -2.94 6.33 0.25
N LEU C 383 -4.21 6.36 -0.18
CA LEU C 383 -4.75 7.57 -0.82
C LEU C 383 -4.71 8.75 0.12
N THR C 384 -5.30 8.59 1.31
CA THR C 384 -5.27 9.65 2.32
C THR C 384 -3.83 10.10 2.58
N GLU C 385 -2.86 9.20 2.45
CA GLU C 385 -1.47 9.60 2.56
C GLU C 385 -1.03 10.42 1.35
N TYR C 386 -1.54 10.07 0.17
CA TYR C 386 -1.12 10.75 -1.05
C TYR C 386 -1.52 12.22 -1.04
N LEU C 387 -2.71 12.53 -0.54
CA LEU C 387 -3.17 13.91 -0.49
C LEU C 387 -2.74 14.65 0.77
N GLU C 388 -2.47 13.94 1.87
CA GLU C 388 -1.83 14.58 3.01
C GLU C 388 -0.49 15.18 2.62
N LYS C 389 0.18 14.59 1.63
CA LYS C 389 1.44 15.11 1.15
C LYS C 389 1.25 16.27 0.19
N LEU C 390 0.14 16.29 -0.55
CA LEU C 390 -0.10 17.39 -1.48
C LEU C 390 -0.50 18.66 -0.76
N VAL C 391 -1.33 18.54 0.28
CA VAL C 391 -1.74 19.72 1.03
C VAL C 391 -0.55 20.29 1.81
N GLN C 392 0.38 19.44 2.25
CA GLN C 392 1.51 19.93 3.04
C GLN C 392 2.50 20.69 2.17
N SER C 393 2.79 20.19 0.97
CA SER C 393 3.71 20.88 0.07
C SER C 393 3.10 22.16 -0.51
N ASN C 394 1.82 22.41 -0.27
CA ASN C 394 1.10 23.56 -0.81
C ASN C 394 1.38 23.74 -2.30
N VAL C 395 1.46 22.61 -3.02
CA VAL C 395 1.48 22.63 -4.47
C VAL C 395 0.26 23.35 -5.02
N LEU C 396 -0.81 23.44 -4.23
CA LEU C 396 -2.07 24.02 -4.70
C LEU C 396 -2.17 25.51 -4.44
N LYS C 397 -1.49 26.03 -3.41
CA LYS C 397 -1.72 27.39 -2.92
C LYS C 397 -3.16 27.56 -2.43
N LEU C 398 -3.74 26.49 -1.90
CA LEU C 398 -5.10 26.53 -1.39
C LEU C 398 -5.17 27.41 -0.15
N LYS C 399 -6.34 27.99 0.08
CA LYS C 399 -6.52 28.95 1.17
C LYS C 399 -6.10 28.34 2.51
N GLU C 400 -5.38 29.14 3.30
CA GLU C 400 -4.91 28.71 4.61
C GLU C 400 -6.05 28.16 5.48
N GLU C 401 -7.27 28.66 5.26
CA GLU C 401 -8.44 28.11 5.95
C GLU C 401 -8.62 26.64 5.61
N ASP C 402 -8.65 26.30 4.32
CA ASP C 402 -8.90 24.93 3.91
C ASP C 402 -7.75 24.00 4.26
N LYS C 403 -6.53 24.53 4.37
CA LYS C 403 -5.40 23.66 4.70
C LYS C 403 -5.45 23.23 6.16
N GLN C 404 -5.71 24.18 7.07
CA GLN C 404 -5.86 23.81 8.47
C GLN C 404 -7.16 23.06 8.69
N LYS C 405 -8.21 23.44 7.98
CA LYS C 405 -9.48 22.70 8.04
C LYS C 405 -9.30 21.28 7.54
N PHE C 406 -8.42 21.07 6.56
CA PHE C 406 -8.02 19.72 6.19
C PHE C 406 -7.37 19.02 7.39
N ASN C 407 -6.37 19.67 8.00
CA ASN C 407 -5.63 19.05 9.09
C ASN C 407 -6.43 18.96 10.38
N ASN C 408 -7.55 19.67 10.50
CA ASN C 408 -8.39 19.54 11.69
C ASN C 408 -9.29 18.31 11.60
N ALA C 409 -9.94 18.11 10.44
CA ALA C 409 -10.81 16.96 10.26
C ALA C 409 -10.05 15.67 10.52
N GLU C 410 -10.79 14.65 10.96
CA GLU C 410 -10.18 13.38 11.30
C GLU C 410 -9.84 12.59 10.04
N ARG C 411 -9.17 11.45 10.24
CA ARG C 411 -8.45 10.79 9.17
C ARG C 411 -9.38 10.34 8.03
N SER C 412 -10.55 9.82 8.37
CA SER C 412 -11.39 9.18 7.37
C SER C 412 -12.04 10.18 6.42
N ASP C 413 -12.31 11.40 6.90
CA ASP C 413 -12.99 12.41 6.09
C ASP C 413 -12.02 13.38 5.42
N LYS C 414 -10.72 13.18 5.56
CA LYS C 414 -9.75 14.02 4.88
C LYS C 414 -9.91 13.95 3.37
N ARG C 415 -10.30 12.78 2.85
CA ARG C 415 -10.46 12.64 1.41
C ARG C 415 -11.55 13.55 0.88
N TRP C 416 -12.64 13.70 1.64
CA TRP C 416 -13.73 14.57 1.22
C TRP C 416 -13.39 16.04 1.43
N VAL C 417 -12.83 16.38 2.60
CA VAL C 417 -12.45 17.76 2.86
C VAL C 417 -11.45 18.24 1.82
N PHE C 418 -10.60 17.34 1.32
CA PHE C 418 -9.67 17.72 0.26
C PHE C 418 -10.42 18.14 -1.01
N VAL C 419 -11.29 17.26 -1.52
CA VAL C 419 -11.83 17.50 -2.85
C VAL C 419 -12.86 18.63 -2.84
N ASP C 420 -13.52 18.85 -1.70
CA ASP C 420 -14.30 20.08 -1.55
C ASP C 420 -13.38 21.29 -1.43
N ALA C 421 -12.21 21.12 -0.81
CA ALA C 421 -11.15 22.10 -0.87
C ALA C 421 -10.35 22.00 -2.16
N MET C 422 -10.89 21.36 -3.19
CA MET C 422 -10.30 21.40 -4.52
C MET C 422 -11.29 21.86 -5.58
N LYS C 423 -12.58 21.51 -5.44
CA LYS C 423 -13.60 22.00 -6.37
C LYS C 423 -13.68 23.52 -6.36
N LYS C 424 -13.11 24.15 -5.32
CA LYS C 424 -13.14 25.59 -5.15
C LYS C 424 -12.60 26.32 -6.38
N LYS C 425 -11.49 25.82 -6.95
CA LYS C 425 -10.81 26.47 -8.07
C LYS C 425 -10.29 25.41 -9.04
N LYS C 428 -4.18 26.48 -12.67
CA LYS C 428 -4.03 25.67 -11.47
C LYS C 428 -5.25 24.79 -11.17
N VAL C 429 -5.08 23.47 -11.18
CA VAL C 429 -6.04 22.56 -10.57
C VAL C 429 -5.31 21.28 -10.17
N GLY C 430 -5.69 20.72 -9.02
CA GLY C 430 -5.12 19.45 -8.59
C GLY C 430 -5.99 18.26 -8.94
N GLU C 431 -6.94 18.47 -9.87
CA GLU C 431 -7.77 17.35 -10.30
C GLU C 431 -7.02 16.38 -11.20
N MET C 432 -5.91 16.79 -11.80
CA MET C 432 -5.17 15.86 -12.63
C MET C 432 -4.20 15.03 -11.77
N LEU C 433 -3.75 15.59 -10.65
CA LEU C 433 -2.96 14.80 -9.69
C LEU C 433 -3.75 13.60 -9.21
N LEU C 434 -5.02 13.80 -8.88
CA LEU C 434 -5.83 12.73 -8.29
C LEU C 434 -6.28 11.72 -9.34
N GLN C 435 -6.64 12.18 -10.55
CA GLN C 435 -7.10 11.26 -11.57
C GLN C 435 -5.98 10.40 -12.15
N THR C 436 -4.73 10.74 -11.87
CA THR C 436 -3.63 9.84 -12.23
C THR C 436 -3.48 8.71 -11.22
N PHE C 437 -3.87 8.95 -9.96
CA PHE C 437 -3.80 7.93 -8.92
C PHE C 437 -4.60 6.68 -9.29
N PHE C 438 -5.53 6.79 -10.23
CA PHE C 438 -6.33 5.65 -10.66
C PHE C 438 -6.16 5.39 -12.16
N ILE D 12 9.15 -3.65 39.36
CA ILE D 12 10.46 -3.00 39.38
C ILE D 12 11.47 -3.84 38.58
N ASN D 13 12.60 -3.23 38.26
CA ASN D 13 13.69 -3.87 37.54
C ASN D 13 14.93 -3.88 38.42
N GLY D 14 15.97 -4.60 37.96
CA GLY D 14 17.19 -4.81 38.70
C GLY D 14 18.17 -3.66 38.74
N ASP D 15 17.79 -2.49 38.23
CA ASP D 15 18.66 -1.32 38.25
C ASP D 15 18.24 -0.31 39.30
N LYS D 16 17.05 -0.46 39.86
CA LYS D 16 16.67 0.29 41.06
C LYS D 16 16.25 -0.68 42.15
N GLY D 17 16.08 -0.11 43.33
CA GLY D 17 16.15 -0.88 44.54
C GLY D 17 15.00 -1.82 44.76
N TYR D 18 15.25 -3.13 44.60
CA TYR D 18 14.15 -4.05 44.78
C TYR D 18 13.69 -4.03 46.23
N ASN D 19 14.56 -4.41 47.15
CA ASN D 19 14.20 -4.44 48.56
C ASN D 19 14.07 -3.03 49.13
N GLY D 20 14.86 -2.08 48.63
CA GLY D 20 14.76 -0.70 49.09
C GLY D 20 13.36 -0.14 48.95
N LEU D 21 12.61 -0.61 47.96
CA LEU D 21 11.21 -0.29 47.80
C LEU D 21 10.29 -1.38 48.35
N ALA D 22 10.84 -2.56 48.65
CA ALA D 22 10.11 -3.63 49.30
C ALA D 22 9.99 -3.45 50.81
N GLU D 23 10.58 -2.38 51.31
CA GLU D 23 10.57 -2.08 52.73
C GLU D 23 9.33 -1.30 53.09
N VAL D 24 8.19 -1.85 52.72
CA VAL D 24 6.92 -1.22 53.06
C VAL D 24 6.26 -2.05 54.12
N GLY D 25 6.50 -3.36 54.04
CA GLY D 25 5.99 -4.33 54.98
C GLY D 25 6.46 -3.89 56.34
N LYS D 26 7.55 -3.11 56.35
CA LYS D 26 7.97 -2.63 57.65
C LYS D 26 7.41 -1.24 57.95
N LYS D 27 6.76 -0.59 56.98
CA LYS D 27 6.14 0.69 57.29
C LYS D 27 4.81 0.94 56.58
N PHE D 28 4.80 1.10 55.26
CA PHE D 28 3.54 1.39 54.57
C PHE D 28 2.46 0.40 54.97
N GLU D 29 2.81 -0.89 55.02
CA GLU D 29 1.81 -1.91 55.27
C GLU D 29 1.35 -1.94 56.70
N LYS D 30 2.22 -1.61 57.65
CA LYS D 30 1.86 -1.83 59.05
C LYS D 30 0.75 -0.87 59.48
N ASP D 31 0.94 0.42 59.23
CA ASP D 31 -0.14 1.39 59.38
C ASP D 31 -1.41 0.90 58.70
N THR D 32 -1.28 0.32 57.51
CA THR D 32 -2.44 -0.06 56.71
C THR D 32 -2.87 -1.51 56.90
N GLY D 33 -2.00 -2.38 57.39
CA GLY D 33 -2.34 -3.79 57.45
C GLY D 33 -2.46 -4.44 56.09
N ILE D 34 -1.81 -3.88 55.07
CA ILE D 34 -1.95 -4.35 53.69
C ILE D 34 -0.62 -4.92 53.23
N LYS D 35 -0.45 -6.23 53.35
CA LYS D 35 0.80 -6.88 52.97
C LYS D 35 0.91 -6.95 51.45
N VAL D 36 2.12 -6.67 50.95
CA VAL D 36 2.42 -6.71 49.53
C VAL D 36 3.94 -6.67 49.45
N THR D 37 4.52 -7.15 48.35
CA THR D 37 5.90 -6.77 48.10
C THR D 37 6.35 -7.12 46.70
N VAL D 38 7.17 -6.23 46.17
CA VAL D 38 7.80 -6.24 44.87
C VAL D 38 8.59 -7.50 44.55
N GLU D 39 9.01 -7.63 43.30
CA GLU D 39 10.05 -8.52 42.84
C GLU D 39 10.41 -8.08 41.43
N HIS D 40 11.69 -8.26 41.08
CA HIS D 40 12.26 -7.69 39.87
C HIS D 40 12.51 -8.77 38.82
N PRO D 41 11.61 -8.97 37.87
CA PRO D 41 11.91 -9.86 36.75
C PRO D 41 12.90 -9.21 35.79
N ASP D 42 13.84 -10.01 35.30
CA ASP D 42 14.93 -9.48 34.49
C ASP D 42 14.46 -9.19 33.07
N LYS D 43 15.00 -8.11 32.49
CA LYS D 43 14.63 -7.66 31.16
C LYS D 43 13.11 -7.43 31.08
N LEU D 44 12.63 -6.60 32.01
CA LEU D 44 11.23 -6.19 32.04
C LEU D 44 10.90 -5.23 30.92
N GLU D 45 11.93 -4.57 30.36
CA GLU D 45 11.83 -4.06 29.01
C GLU D 45 10.94 -5.04 28.23
N GLU D 46 9.84 -4.54 27.66
CA GLU D 46 8.95 -5.33 26.80
C GLU D 46 8.61 -6.71 27.38
N LYS D 47 7.89 -6.75 28.51
CA LYS D 47 7.55 -8.02 29.14
C LYS D 47 6.25 -7.94 29.94
N PHE D 48 5.73 -6.74 30.11
CA PHE D 48 4.52 -6.57 30.88
C PHE D 48 3.40 -6.01 30.03
N PRO D 49 3.74 -5.66 28.81
CA PRO D 49 2.78 -5.08 27.90
C PRO D 49 1.63 -6.01 27.70
N GLN D 50 1.65 -7.18 28.33
CA GLN D 50 0.57 -8.12 28.07
C GLN D 50 -0.08 -8.82 29.24
N VAL D 51 0.47 -8.66 30.45
CA VAL D 51 -0.12 -9.31 31.62
C VAL D 51 -1.39 -8.61 32.07
N ALA D 52 -1.65 -7.45 31.50
CA ALA D 52 -2.86 -6.71 31.82
C ALA D 52 -3.65 -6.82 30.51
N ALA D 53 -2.96 -7.06 29.38
CA ALA D 53 -3.61 -7.22 28.07
C ALA D 53 -4.66 -8.30 28.23
N THR D 54 -4.63 -8.85 29.43
CA THR D 54 -5.54 -9.83 30.01
C THR D 54 -6.50 -9.19 31.01
N GLY D 55 -6.01 -8.23 31.79
CA GLY D 55 -6.65 -7.80 33.01
C GLY D 55 -5.86 -8.19 34.25
N ASP D 56 -4.85 -9.04 34.10
CA ASP D 56 -3.95 -9.40 35.17
C ASP D 56 -2.81 -8.39 35.23
N GLY D 57 -1.66 -8.79 35.75
CA GLY D 57 -0.52 -7.91 35.87
C GLY D 57 -0.44 -7.27 37.24
N PRO D 58 0.65 -6.58 37.52
CA PRO D 58 0.78 -5.89 38.81
C PRO D 58 -0.12 -4.67 38.91
N ASP D 59 -0.12 -4.04 40.08
CA ASP D 59 -0.87 -2.82 40.28
C ASP D 59 -0.04 -1.59 39.97
N ILE D 60 1.26 -1.70 40.09
CA ILE D 60 2.20 -0.62 39.87
C ILE D 60 3.31 -1.18 38.99
N ILE D 61 3.89 -0.32 38.17
CA ILE D 61 5.14 -0.65 37.50
C ILE D 61 6.00 0.60 37.41
N PHE D 62 7.29 0.43 37.71
CA PHE D 62 8.29 1.47 37.54
C PHE D 62 9.13 1.15 36.32
N TRP D 63 9.46 2.19 35.55
CA TRP D 63 10.45 2.07 34.48
C TRP D 63 10.68 3.47 33.90
N ALA D 64 11.69 3.57 33.04
CA ALA D 64 12.11 4.86 32.51
C ALA D 64 11.02 5.48 31.63
N HIS D 65 10.89 6.80 31.71
CA HIS D 65 9.87 7.57 31.01
C HIS D 65 10.02 7.51 29.48
N ASP D 66 11.06 6.86 28.96
CA ASP D 66 11.33 6.75 27.53
C ASP D 66 10.05 6.72 26.71
N ARG D 67 9.18 5.74 26.97
CA ARG D 67 7.92 5.67 26.23
C ARG D 67 6.71 4.93 26.87
N PHE D 68 6.05 5.55 27.85
CA PHE D 68 4.86 4.96 28.42
C PHE D 68 3.60 5.34 27.66
N GLY D 69 3.67 6.34 26.77
CA GLY D 69 2.51 6.72 26.00
C GLY D 69 2.00 5.62 25.10
N GLY D 70 2.90 4.77 24.60
CA GLY D 70 2.47 3.59 23.88
C GLY D 70 1.73 2.59 24.73
N TYR D 71 1.84 2.70 26.06
CA TYR D 71 1.15 1.83 26.99
C TYR D 71 -0.03 2.51 27.67
N ALA D 72 -0.42 3.70 27.20
CA ALA D 72 -1.54 4.41 27.81
C ALA D 72 -2.76 4.48 26.90
N GLN D 73 -2.59 4.96 25.66
CA GLN D 73 -3.70 4.95 24.73
C GLN D 73 -4.15 3.54 24.39
N SER D 74 -3.26 2.55 24.52
CA SER D 74 -3.64 1.15 24.41
C SER D 74 -4.36 0.64 25.66
N GLY D 75 -4.49 1.46 26.69
CA GLY D 75 -5.34 1.13 27.81
C GLY D 75 -4.70 0.38 28.95
N LEU D 76 -3.39 0.52 29.17
CA LEU D 76 -2.73 -0.14 30.28
C LEU D 76 -2.55 0.76 31.49
N LEU D 77 -2.77 2.07 31.36
CA LEU D 77 -2.54 3.02 32.44
C LEU D 77 -3.78 3.90 32.61
N ALA D 78 -4.39 3.84 33.79
CA ALA D 78 -5.53 4.69 34.08
C ALA D 78 -5.07 6.12 34.34
N GLU D 79 -6.03 7.00 34.60
CA GLU D 79 -5.72 8.35 35.04
C GLU D 79 -5.43 8.34 36.53
N ILE D 80 -4.51 9.21 36.95
CA ILE D 80 -3.98 9.21 38.32
C ILE D 80 -4.48 10.45 39.05
N THR D 81 -4.61 10.34 40.40
CA THR D 81 -5.17 11.43 41.21
C THR D 81 -4.11 12.15 42.04
N PRO D 82 -3.40 13.13 41.48
CA PRO D 82 -2.62 14.02 42.34
C PRO D 82 -3.45 15.24 42.73
N ALA D 83 -3.42 15.56 44.02
CA ALA D 83 -4.10 16.75 44.49
C ALA D 83 -3.26 17.98 44.17
N ALA D 84 -3.92 19.13 44.14
CA ALA D 84 -3.21 20.38 43.91
C ALA D 84 -2.14 20.62 44.97
N ALA D 85 -2.43 20.23 46.21
CA ALA D 85 -1.44 20.35 47.28
C ALA D 85 -0.31 19.35 47.10
N PHE D 86 -0.60 18.17 46.52
CA PHE D 86 0.44 17.17 46.32
C PHE D 86 1.27 17.44 45.08
N GLN D 87 0.69 18.03 44.04
CA GLN D 87 1.46 18.35 42.85
C GLN D 87 2.52 19.41 43.14
N ASP D 88 2.28 20.26 44.12
CA ASP D 88 3.26 21.25 44.54
C ASP D 88 4.36 20.65 45.41
N LYS D 89 4.31 19.36 45.71
CA LYS D 89 5.39 18.70 46.42
C LYS D 89 6.49 18.24 45.47
N LEU D 90 6.20 18.09 44.19
CA LEU D 90 7.19 17.69 43.19
C LEU D 90 7.37 18.84 42.20
N TYR D 91 8.49 18.81 41.50
CA TYR D 91 8.83 19.88 40.57
C TYR D 91 7.83 19.91 39.42
N PRO D 92 7.48 21.09 38.91
CA PRO D 92 6.46 21.16 37.85
C PRO D 92 6.87 20.44 36.57
N PHE D 93 8.14 20.55 36.17
CA PHE D 93 8.55 20.01 34.87
C PHE D 93 8.44 18.50 34.80
N THR D 94 8.50 17.79 35.93
CA THR D 94 8.42 16.34 35.86
C THR D 94 6.98 15.85 35.69
N TRP D 95 6.00 16.65 36.12
CA TRP D 95 4.61 16.26 35.87
C TRP D 95 4.29 16.24 34.38
N ASP D 96 4.90 17.14 33.60
CA ASP D 96 4.68 17.15 32.15
C ASP D 96 5.35 15.97 31.48
N ALA D 97 6.37 15.38 32.10
CA ALA D 97 6.95 14.14 31.60
C ALA D 97 5.89 13.06 31.48
N VAL D 98 5.18 12.80 32.58
CA VAL D 98 4.14 11.79 32.61
C VAL D 98 2.78 12.36 32.23
N ARG D 99 2.66 13.67 32.02
CA ARG D 99 1.45 14.22 31.43
C ARG D 99 1.42 13.88 29.95
N TYR D 100 0.31 13.30 29.50
CA TYR D 100 0.24 12.81 28.14
C TYR D 100 -1.19 12.94 27.65
N ASN D 101 -1.37 13.75 26.60
CA ASN D 101 -2.67 14.24 26.15
C ASN D 101 -3.52 14.63 27.36
N GLY D 102 -3.14 15.73 28.02
CA GLY D 102 -4.01 16.28 29.06
C GLY D 102 -4.24 15.46 30.31
N LYS D 103 -3.65 14.27 30.44
CA LYS D 103 -3.80 13.48 31.65
C LYS D 103 -2.45 12.96 32.15
N LEU D 104 -2.36 12.79 33.46
CA LEU D 104 -1.18 12.25 34.11
C LEU D 104 -1.35 10.74 34.27
N ILE D 105 -0.47 9.97 33.63
CA ILE D 105 -0.61 8.51 33.61
C ILE D 105 0.35 7.82 34.56
N ALA D 106 1.18 8.55 35.30
CA ALA D 106 2.14 7.93 36.20
C ALA D 106 2.60 8.96 37.22
N TYR D 107 3.48 8.51 38.14
CA TYR D 107 4.05 9.33 39.19
C TYR D 107 5.54 9.50 38.97
N PRO D 108 6.03 10.70 38.67
CA PRO D 108 7.49 10.88 38.54
C PRO D 108 8.20 10.58 39.85
N ILE D 109 9.30 9.82 39.76
CA ILE D 109 10.09 9.47 40.94
C ILE D 109 11.45 10.14 40.85
N ALA D 110 12.28 9.69 39.91
CA ALA D 110 13.61 10.25 39.69
C ALA D 110 13.76 10.61 38.23
N VAL D 111 14.57 11.65 37.97
CA VAL D 111 14.78 12.12 36.61
C VAL D 111 16.28 12.22 36.32
N GLU D 112 16.59 12.34 35.03
CA GLU D 112 17.96 12.28 34.53
C GLU D 112 18.10 13.26 33.38
N ALA D 113 19.29 13.88 33.27
CA ALA D 113 19.50 14.87 32.23
C ALA D 113 21.00 15.05 31.99
N LEU D 114 21.32 15.64 30.85
CA LEU D 114 22.70 16.00 30.53
C LEU D 114 23.18 17.12 31.45
N SER D 115 24.49 17.31 31.48
CA SER D 115 25.09 18.39 32.24
C SER D 115 26.48 18.66 31.68
N LEU D 116 26.90 19.92 31.77
CA LEU D 116 28.24 20.29 31.33
C LEU D 116 29.26 19.82 32.37
N ILE D 117 30.15 18.94 31.96
CA ILE D 117 31.16 18.38 32.85
C ILE D 117 32.41 19.25 32.73
N TYR D 118 32.72 20.01 33.78
CA TYR D 118 33.89 20.87 33.82
C TYR D 118 35.01 20.21 34.60
N ASN D 119 36.16 20.87 34.59
CA ASN D 119 37.24 20.56 35.53
C ASN D 119 37.88 21.87 35.93
N LYS D 120 38.36 21.91 37.18
CA LYS D 120 38.72 23.18 37.80
C LYS D 120 40.21 23.53 37.66
N ASP D 121 41.00 22.77 36.91
CA ASP D 121 42.39 23.14 36.78
C ASP D 121 42.65 23.97 35.52
N LEU D 122 42.28 23.43 34.34
CA LEU D 122 42.41 24.20 33.11
C LEU D 122 41.65 25.50 33.18
N LEU D 123 40.38 25.45 33.61
CA LEU D 123 39.50 26.61 33.58
C LEU D 123 38.71 26.67 34.89
N PRO D 124 39.05 27.62 35.77
CA PRO D 124 38.43 27.62 37.10
C PRO D 124 36.97 28.04 37.05
N ASN D 125 36.60 28.89 36.11
CA ASN D 125 35.22 29.33 35.93
C ASN D 125 34.72 28.85 34.58
N PRO D 126 33.82 27.87 34.53
CA PRO D 126 33.37 27.36 33.23
C PRO D 126 32.48 28.35 32.52
N PRO D 127 32.32 28.21 31.21
CA PRO D 127 31.48 29.16 30.47
C PRO D 127 30.00 28.99 30.75
N LYS D 128 29.31 30.13 30.87
CA LYS D 128 27.86 30.15 31.04
C LYS D 128 27.11 30.31 29.72
N THR D 129 27.79 30.70 28.64
CA THR D 129 27.19 30.80 27.32
C THR D 129 28.06 30.06 26.32
N TRP D 130 27.46 29.74 25.16
CA TRP D 130 28.15 28.95 24.16
C TRP D 130 29.17 29.76 23.36
N GLU D 131 28.97 31.08 23.25
CA GLU D 131 29.91 31.90 22.48
C GLU D 131 31.22 32.12 23.19
N GLU D 132 31.30 31.83 24.48
CA GLU D 132 32.59 31.92 25.16
C GLU D 132 33.54 30.86 24.69
N ILE D 133 33.03 29.67 24.35
CA ILE D 133 33.92 28.55 24.05
C ILE D 133 34.69 28.78 22.75
N PRO D 134 34.13 29.30 21.66
CA PRO D 134 35.01 29.58 20.50
C PRO D 134 36.12 30.54 20.86
N ALA D 135 35.78 31.65 21.52
CA ALA D 135 36.78 32.64 21.88
C ALA D 135 37.72 32.15 22.97
N LEU D 136 37.19 31.38 23.94
CA LEU D 136 38.04 30.91 25.03
C LEU D 136 38.74 29.59 24.73
N ASP D 137 38.26 28.88 23.71
CA ASP D 137 38.89 27.64 23.32
C ASP D 137 40.30 27.90 22.90
N LYS D 138 40.55 29.10 22.43
CA LYS D 138 41.87 29.50 22.00
C LYS D 138 42.85 29.27 23.15
N GLU D 139 42.62 29.93 24.25
CA GLU D 139 43.51 29.77 25.35
C GLU D 139 43.76 28.28 25.49
N LEU D 140 42.69 27.53 25.62
CA LEU D 140 42.78 26.10 25.83
C LEU D 140 43.23 25.24 24.66
N LYS D 141 43.21 25.80 23.47
CA LYS D 141 43.63 25.04 22.30
C LYS D 141 45.13 24.78 22.34
N ALA D 142 45.88 25.85 22.11
CA ALA D 142 47.33 25.84 22.08
C ALA D 142 48.10 24.90 23.03
N LYS D 143 47.82 24.99 24.31
CA LYS D 143 48.55 24.24 25.32
C LYS D 143 48.47 22.74 25.13
N GLY D 144 47.90 22.27 24.02
CA GLY D 144 47.82 20.86 23.72
C GLY D 144 46.49 20.20 24.01
N LYS D 145 45.52 20.95 24.53
CA LYS D 145 44.22 20.36 24.86
C LYS D 145 43.11 20.99 24.02
N SER D 146 41.87 20.87 24.47
CA SER D 146 40.72 21.44 23.79
C SER D 146 39.67 21.79 24.85
N ALA D 147 38.95 22.89 24.64
CA ALA D 147 38.03 23.35 25.68
C ALA D 147 36.82 22.43 25.80
N LEU D 148 36.20 22.07 24.67
CA LEU D 148 34.94 21.35 24.70
C LEU D 148 34.89 20.30 23.62
N MET D 149 34.36 19.12 23.95
CA MET D 149 34.10 18.07 22.97
C MET D 149 33.18 17.03 23.58
N PHE D 150 32.23 16.55 22.79
CA PHE D 150 31.24 15.58 23.23
C PHE D 150 30.73 14.82 22.02
N ASN D 151 29.96 13.76 22.29
CA ASN D 151 29.41 12.94 21.22
C ASN D 151 28.52 13.75 20.30
N LEU D 152 28.78 13.66 19.00
CA LEU D 152 27.97 14.35 18.00
C LEU D 152 27.27 13.38 17.05
N GLN D 153 27.52 12.08 17.16
CA GLN D 153 27.01 11.11 16.20
C GLN D 153 25.63 10.58 16.55
N GLU D 154 25.13 10.84 17.76
CA GLU D 154 23.77 10.50 18.12
C GLU D 154 23.10 11.74 18.69
N PRO D 155 21.90 12.10 18.24
CA PRO D 155 21.34 13.42 18.57
C PRO D 155 20.92 13.59 20.01
N TYR D 156 20.99 12.55 20.85
CA TYR D 156 20.70 12.74 22.26
C TYR D 156 21.62 13.79 22.89
N PHE D 157 22.83 13.92 22.35
CA PHE D 157 23.79 14.91 22.85
C PHE D 157 23.75 16.22 22.08
N THR D 158 23.44 16.19 20.78
CA THR D 158 23.48 17.40 19.98
C THR D 158 22.21 18.22 20.07
N TRP D 159 21.08 17.58 20.36
CA TRP D 159 19.80 18.30 20.43
C TRP D 159 19.78 19.40 21.49
N PRO D 160 20.41 19.27 22.68
CA PRO D 160 20.37 20.37 23.65
C PRO D 160 20.73 21.74 23.10
N LEU D 161 21.78 21.84 22.29
CA LEU D 161 22.20 23.13 21.76
C LEU D 161 21.45 23.51 20.50
N ILE D 162 21.15 22.54 19.63
CA ILE D 162 20.40 22.84 18.40
C ILE D 162 19.06 23.48 18.73
N ALA D 163 18.35 22.92 19.71
CA ALA D 163 17.05 23.42 20.11
C ALA D 163 17.11 24.44 21.23
N ALA D 164 18.32 24.84 21.66
CA ALA D 164 18.43 25.77 22.79
C ALA D 164 17.72 27.08 22.52
N ASP D 165 17.71 27.55 21.28
CA ASP D 165 17.00 28.76 20.89
C ASP D 165 15.80 28.35 20.05
N GLY D 166 14.62 28.55 20.61
CA GLY D 166 13.41 28.19 19.91
C GLY D 166 12.38 27.52 20.80
N GLY D 167 11.37 26.95 20.18
CA GLY D 167 10.30 26.30 20.89
C GLY D 167 10.69 24.99 21.52
N TYR D 168 9.94 24.61 22.54
CA TYR D 168 10.22 23.44 23.31
C TYR D 168 9.83 22.10 22.70
N ALA D 169 8.99 22.15 21.68
CA ALA D 169 8.52 20.96 20.96
C ALA D 169 7.72 19.87 21.68
N PHE D 170 8.17 19.33 22.79
CA PHE D 170 7.42 18.27 23.41
C PHE D 170 6.86 18.49 24.80
N LYS D 171 7.34 19.48 25.52
CA LYS D 171 6.85 19.68 26.88
C LYS D 171 5.34 19.88 26.98
N TYR D 172 4.81 20.85 26.26
CA TYR D 172 3.38 21.11 26.27
C TYR D 172 2.69 20.61 25.00
N ASP D 178 -1.74 16.28 21.47
CA ASP D 178 -1.31 15.92 20.12
C ASP D 178 0.20 15.84 20.00
N ILE D 179 0.71 14.76 19.42
CA ILE D 179 2.12 14.62 19.12
C ILE D 179 2.25 13.93 17.76
N LYS D 180 2.96 14.55 16.83
CA LYS D 180 3.20 13.92 15.53
C LYS D 180 4.37 14.54 14.79
N ASP D 181 4.25 15.81 14.37
CA ASP D 181 5.30 16.44 13.57
C ASP D 181 5.36 17.95 13.85
N VAL D 182 5.89 18.31 15.02
CA VAL D 182 6.06 19.73 15.34
C VAL D 182 7.03 20.39 14.35
N GLY D 183 8.05 19.66 13.92
CA GLY D 183 8.97 20.17 12.91
C GLY D 183 10.29 20.63 13.47
N VAL D 184 11.38 20.32 12.77
CA VAL D 184 12.73 20.72 13.17
C VAL D 184 13.30 21.81 12.28
N ASP D 185 12.53 22.32 11.32
CA ASP D 185 13.00 23.34 10.40
C ASP D 185 12.82 24.75 10.94
N ASN D 186 12.50 24.89 12.23
CA ASN D 186 12.36 26.21 12.83
C ASN D 186 13.66 27.00 12.69
N ALA D 187 13.52 28.32 12.59
CA ALA D 187 14.68 29.18 12.42
C ALA D 187 15.65 29.10 13.61
N GLY D 188 15.19 28.58 14.74
CA GLY D 188 16.06 28.41 15.88
C GLY D 188 17.00 27.23 15.73
N ALA D 189 16.49 26.13 15.18
CA ALA D 189 17.35 24.98 14.89
C ALA D 189 18.45 25.36 13.89
N LYS D 190 18.17 26.32 13.01
CA LYS D 190 19.23 26.92 12.19
C LYS D 190 20.33 27.49 13.07
N ALA D 191 19.96 28.45 13.94
CA ALA D 191 20.95 29.09 14.79
C ALA D 191 21.70 28.07 15.63
N GLY D 192 21.00 27.04 16.13
CA GLY D 192 21.67 26.01 16.90
C GLY D 192 22.63 25.18 16.05
N LEU D 193 22.16 24.73 14.89
CA LEU D 193 22.99 23.88 14.04
C LEU D 193 24.05 24.68 13.32
N THR D 194 23.74 25.92 12.91
CA THR D 194 24.74 26.76 12.25
C THR D 194 25.90 27.06 13.19
N PHE D 195 25.58 27.42 14.44
CA PHE D 195 26.63 27.65 15.42
C PHE D 195 27.47 26.39 15.63
N LEU D 196 26.82 25.23 15.71
CA LEU D 196 27.55 23.99 15.97
C LEU D 196 28.48 23.63 14.82
N VAL D 197 28.01 23.77 13.57
CA VAL D 197 28.84 23.46 12.43
C VAL D 197 29.94 24.52 12.25
N ASP D 198 29.65 25.77 12.62
CA ASP D 198 30.69 26.79 12.62
C ASP D 198 31.80 26.47 13.62
N LEU D 199 31.50 25.65 14.63
CA LEU D 199 32.55 25.21 15.55
C LEU D 199 33.49 24.23 14.87
N ILE D 200 33.01 23.50 13.86
CA ILE D 200 33.83 22.51 13.19
C ILE D 200 34.71 23.17 12.13
N LYS D 201 34.18 24.16 11.41
CA LYS D 201 34.96 24.81 10.37
C LYS D 201 36.05 25.71 10.95
N ASN D 202 35.87 26.19 12.16
CA ASN D 202 36.94 26.87 12.87
C ASN D 202 37.81 25.90 13.67
N LYS D 203 37.51 24.61 13.59
CA LYS D 203 38.29 23.55 14.22
C LYS D 203 38.35 23.73 15.74
N HIS D 204 37.28 24.26 16.33
CA HIS D 204 37.10 24.16 17.77
C HIS D 204 36.64 22.78 18.20
N MET D 205 36.22 21.96 17.23
CA MET D 205 35.74 20.60 17.47
C MET D 205 35.73 19.87 16.13
N ASN D 206 35.91 18.56 16.18
CA ASN D 206 36.01 17.74 14.98
C ASN D 206 34.75 16.93 14.77
N ALA D 207 34.43 16.68 13.50
CA ALA D 207 33.12 16.18 13.12
C ALA D 207 32.90 14.73 13.53
N ASP D 208 33.97 13.96 13.72
CA ASP D 208 33.89 12.53 14.01
C ASP D 208 34.30 12.32 15.47
N THR D 209 33.43 12.71 16.40
CA THR D 209 33.61 12.38 17.81
C THR D 209 32.27 11.94 18.39
N ASP D 210 32.05 10.62 18.43
CA ASP D 210 30.94 9.99 19.12
C ASP D 210 31.18 9.85 20.63
N TYR D 211 30.56 8.84 21.25
CA TYR D 211 30.58 8.67 22.70
C TYR D 211 31.97 8.36 23.25
N SER D 212 32.52 7.19 22.92
CA SER D 212 33.75 6.73 23.55
C SER D 212 34.94 7.62 23.19
N ILE D 213 35.01 8.07 21.94
CA ILE D 213 36.04 9.02 21.53
C ILE D 213 35.95 10.30 22.36
N ALA D 214 34.74 10.70 22.77
CA ALA D 214 34.59 11.88 23.60
C ALA D 214 34.89 11.58 25.07
N GLU D 215 34.40 10.45 25.58
CA GLU D 215 34.65 10.08 26.97
C GLU D 215 36.11 9.73 27.19
N ALA D 216 36.69 8.93 26.29
CA ALA D 216 38.11 8.60 26.39
C ALA D 216 38.96 9.85 26.31
N ALA D 217 38.48 10.89 25.62
CA ALA D 217 39.20 12.16 25.60
C ALA D 217 39.18 12.81 26.98
N PHE D 218 38.07 12.71 27.70
CA PHE D 218 37.99 13.27 29.04
C PHE D 218 38.49 12.31 30.11
N ASN D 219 38.44 11.01 29.85
CA ASN D 219 38.99 10.03 30.78
C ASN D 219 40.46 9.77 30.57
N LYS D 220 41.02 10.17 29.43
CA LYS D 220 42.45 10.34 29.27
C LYS D 220 42.88 11.80 29.43
N GLY D 221 41.91 12.70 29.59
CA GLY D 221 42.17 14.02 30.15
C GLY D 221 42.82 15.04 29.26
N GLU D 222 42.48 15.07 27.97
CA GLU D 222 43.04 16.05 27.06
C GLU D 222 42.01 17.07 26.57
N THR D 223 40.82 17.09 27.15
CA THR D 223 39.84 18.14 26.86
C THR D 223 39.26 18.67 28.15
N ALA D 224 38.90 19.96 28.14
CA ALA D 224 38.55 20.66 29.37
C ALA D 224 37.14 20.31 29.84
N MET D 225 36.13 20.54 28.99
CA MET D 225 34.74 20.31 29.38
C MET D 225 34.05 19.36 28.42
N THR D 226 33.01 18.70 28.92
CA THR D 226 32.32 17.63 28.21
C THR D 226 30.81 17.78 28.45
N ILE D 227 30.03 16.92 27.81
CA ILE D 227 28.58 16.88 27.97
C ILE D 227 28.17 15.41 28.12
N ASN D 228 27.60 15.08 29.28
CA ASN D 228 27.11 13.74 29.62
C ASN D 228 26.43 13.86 30.98
N GLY D 229 25.49 12.94 31.23
CA GLY D 229 24.77 12.88 32.48
C GLY D 229 25.38 11.94 33.50
N PRO D 230 24.55 11.45 34.42
CA PRO D 230 25.08 10.75 35.59
C PRO D 230 25.62 9.36 35.33
N TRP D 231 25.18 8.68 34.26
CA TRP D 231 25.57 7.29 34.07
C TRP D 231 27.06 7.11 33.80
N ALA D 232 27.74 8.17 33.38
CA ALA D 232 29.17 8.11 33.11
C ALA D 232 30.03 8.57 34.28
N TRP D 233 29.41 9.06 35.36
CA TRP D 233 30.15 9.73 36.42
C TRP D 233 31.24 8.83 37.01
N SER D 234 30.97 7.53 37.13
CA SER D 234 31.93 6.63 37.78
C SER D 234 33.20 6.46 36.96
N ASN D 235 33.11 6.54 35.63
CA ASN D 235 34.30 6.38 34.80
C ASN D 235 35.27 7.54 34.98
N ILE D 236 34.76 8.74 35.29
CA ILE D 236 35.67 9.84 35.61
C ILE D 236 36.18 9.76 37.03
N ASP D 237 35.54 8.96 37.89
CA ASP D 237 36.05 8.76 39.23
C ASP D 237 37.34 7.95 39.22
N THR D 238 37.35 6.83 38.47
CA THR D 238 38.51 5.95 38.47
C THR D 238 39.72 6.61 37.84
N SER D 239 39.53 7.30 36.72
CA SER D 239 40.63 8.03 36.09
C SER D 239 40.86 9.35 36.82
N ALA D 240 42.11 9.61 37.18
CA ALA D 240 42.45 10.72 38.06
C ALA D 240 42.15 12.08 37.42
N VAL D 241 40.91 12.56 37.59
CA VAL D 241 40.51 13.89 37.15
C VAL D 241 39.69 14.53 38.27
N ASN D 242 39.99 15.79 38.57
CA ASN D 242 39.20 16.56 39.53
C ASN D 242 38.19 17.40 38.74
N TYR D 243 36.92 17.01 38.83
CA TYR D 243 35.84 17.64 38.08
C TYR D 243 34.66 17.86 39.01
N GLY D 244 33.74 18.71 38.58
CA GLY D 244 32.40 18.67 39.11
C GLY D 244 31.47 18.65 37.92
N VAL D 245 30.19 18.99 38.09
CA VAL D 245 29.32 19.30 36.96
C VAL D 245 28.48 20.53 37.29
N THR D 246 28.15 21.33 36.27
CA THR D 246 27.35 22.55 36.41
C THR D 246 26.32 22.61 35.28
N VAL D 247 25.55 23.71 35.26
CA VAL D 247 24.50 23.87 34.26
C VAL D 247 25.13 24.14 32.89
N LEU D 248 24.49 23.62 31.84
CA LEU D 248 24.97 23.79 30.48
C LEU D 248 25.00 25.27 30.10
N PRO D 249 25.85 25.64 29.14
CA PRO D 249 25.88 27.03 28.70
C PRO D 249 24.62 27.40 27.93
N THR D 250 24.20 28.65 28.10
CA THR D 250 23.06 29.16 27.35
C THR D 250 23.47 29.47 25.92
N PHE D 251 22.51 29.34 25.01
CA PHE D 251 22.72 29.73 23.61
C PHE D 251 21.74 30.86 23.30
N LYS D 252 22.28 32.07 23.10
CA LYS D 252 21.49 33.26 22.78
C LYS D 252 20.46 33.55 23.87
N GLY D 253 20.94 33.67 25.10
CA GLY D 253 20.10 34.03 26.23
C GLY D 253 19.11 32.99 26.68
N GLN D 254 19.08 31.82 26.03
CA GLN D 254 18.12 30.79 26.38
C GLN D 254 18.84 29.51 26.81
N PRO D 255 18.33 28.83 27.84
CA PRO D 255 19.01 27.62 28.31
C PRO D 255 18.96 26.50 27.28
N SER D 256 19.93 25.60 27.38
CA SER D 256 19.93 24.41 26.54
C SER D 256 18.79 23.48 26.92
N LYS D 257 18.44 22.59 26.01
CA LYS D 257 17.31 21.68 26.17
C LYS D 257 17.79 20.23 26.12
N PRO D 258 18.38 19.74 27.20
CA PRO D 258 18.73 18.32 27.24
C PRO D 258 17.51 17.45 27.51
N PHE D 259 17.52 16.26 26.91
CA PHE D 259 16.40 15.34 27.09
C PHE D 259 16.34 14.86 28.54
N VAL D 260 15.17 15.02 29.14
CA VAL D 260 14.95 14.67 30.55
C VAL D 260 14.34 13.28 30.59
N GLY D 261 15.15 12.29 30.98
CA GLY D 261 14.61 10.97 31.26
C GLY D 261 14.10 10.91 32.69
N VAL D 262 12.97 10.23 32.87
CA VAL D 262 12.31 10.14 34.17
C VAL D 262 12.04 8.68 34.49
N LEU D 263 12.11 8.35 35.78
CA LEU D 263 11.62 7.08 36.30
C LEU D 263 10.28 7.35 36.98
N SER D 264 9.23 6.71 36.50
CA SER D 264 7.89 7.00 37.00
C SER D 264 7.11 5.71 37.18
N ALA D 265 6.22 5.73 38.18
CA ALA D 265 5.39 4.58 38.54
C ALA D 265 3.99 4.77 37.96
N GLY D 266 3.69 4.04 36.90
CA GLY D 266 2.33 3.95 36.41
C GLY D 266 1.59 2.82 37.08
N ILE D 267 0.28 2.98 37.19
CA ILE D 267 -0.58 1.98 37.83
C ILE D 267 -1.60 1.52 36.83
N ASN D 268 -1.73 0.20 36.69
CA ASN D 268 -2.42 -0.45 35.59
C ASN D 268 -3.88 0.02 35.51
N ALA D 269 -4.49 -0.16 34.33
CA ALA D 269 -5.86 0.31 34.12
C ALA D 269 -6.89 -0.73 34.54
N ALA D 270 -6.59 -2.01 34.34
CA ALA D 270 -7.43 -3.08 34.84
C ALA D 270 -7.17 -3.42 36.30
N SER D 271 -6.44 -2.57 37.00
CA SER D 271 -6.10 -2.87 38.39
C SER D 271 -7.27 -2.91 39.33
N PRO D 272 -7.15 -3.75 40.36
CA PRO D 272 -8.25 -3.86 41.31
C PRO D 272 -8.28 -2.70 42.29
N ASN D 273 -7.10 -2.23 42.69
CA ASN D 273 -6.91 -1.19 43.67
C ASN D 273 -6.40 0.03 42.92
N LYS D 274 -7.32 0.84 42.42
CA LYS D 274 -6.89 2.08 41.78
C LYS D 274 -6.45 3.10 42.83
N GLU D 275 -7.21 3.23 43.92
CA GLU D 275 -6.93 4.24 44.92
C GLU D 275 -5.93 3.77 45.98
N LEU D 276 -5.76 2.46 46.15
CA LEU D 276 -4.76 1.98 47.08
C LEU D 276 -3.36 2.13 46.50
N ALA D 277 -3.22 2.04 45.19
CA ALA D 277 -1.94 2.32 44.55
C ALA D 277 -1.57 3.79 44.72
N LYS D 278 -2.55 4.68 44.66
CA LYS D 278 -2.27 6.11 44.81
C LYS D 278 -2.01 6.46 46.28
N GLU D 279 -2.81 5.92 47.20
CA GLU D 279 -2.60 6.19 48.62
C GLU D 279 -1.22 5.73 49.06
N PHE D 280 -0.73 4.64 48.48
CA PHE D 280 0.57 4.12 48.87
C PHE D 280 1.70 4.88 48.19
N LEU D 281 1.60 5.11 46.89
CA LEU D 281 2.65 5.86 46.19
C LEU D 281 2.81 7.26 46.75
N GLU D 282 1.70 7.95 46.98
CA GLU D 282 1.77 9.37 47.34
C GLU D 282 2.22 9.56 48.78
N ASN D 283 1.61 8.82 49.72
CA ASN D 283 1.84 9.06 51.14
C ASN D 283 2.95 8.20 51.73
N TYR D 284 3.51 7.26 50.97
CA TYR D 284 4.51 6.37 51.57
C TYR D 284 5.78 6.30 50.73
N LEU D 285 5.67 5.99 49.44
CA LEU D 285 6.86 6.00 48.60
C LEU D 285 7.36 7.43 48.39
N LEU D 286 6.51 8.31 47.88
CA LEU D 286 6.86 9.69 47.56
C LEU D 286 7.17 10.56 48.78
N THR D 287 7.35 10.03 49.98
CA THR D 287 7.73 10.83 51.13
C THR D 287 9.20 10.61 51.45
N ASP D 288 9.69 11.39 52.42
CA ASP D 288 11.13 11.54 52.62
C ASP D 288 11.84 10.20 52.84
N GLU D 289 11.31 9.35 53.72
CA GLU D 289 11.94 8.06 53.96
C GLU D 289 11.47 6.98 53.00
N GLY D 290 10.35 7.22 52.32
CA GLY D 290 9.82 6.26 51.37
C GLY D 290 10.75 6.06 50.20
N LEU D 291 11.20 7.15 49.61
CA LEU D 291 12.13 7.09 48.48
C LEU D 291 13.55 6.91 48.98
N GLU D 292 13.80 7.26 50.23
CA GLU D 292 15.12 7.13 50.83
C GLU D 292 15.54 5.66 50.88
N ALA D 293 14.70 4.84 51.51
CA ALA D 293 14.99 3.40 51.62
C ALA D 293 15.50 2.83 50.31
N VAL D 294 14.90 3.24 49.18
CA VAL D 294 15.39 2.78 47.89
C VAL D 294 16.61 3.58 47.44
N ASN D 295 16.77 4.83 47.90
CA ASN D 295 18.00 5.56 47.64
C ASN D 295 19.17 5.04 48.46
N LYS D 296 18.93 4.18 49.45
CA LYS D 296 20.05 3.59 50.18
C LYS D 296 20.73 2.49 49.36
N ASP D 297 19.93 1.65 48.70
CA ASP D 297 20.48 0.67 47.77
C ASP D 297 21.02 1.35 46.51
N LYS D 298 20.35 2.43 46.08
CA LYS D 298 20.45 3.07 44.77
C LYS D 298 20.89 4.51 44.89
N PRO D 299 21.85 4.95 44.10
CA PRO D 299 21.89 6.39 43.83
C PRO D 299 20.72 6.76 42.92
N LEU D 300 19.55 7.00 43.53
CA LEU D 300 18.38 7.44 42.77
C LEU D 300 18.60 8.75 42.03
N GLY D 301 19.77 9.36 42.16
CA GLY D 301 20.11 10.60 41.49
C GLY D 301 19.17 11.72 41.90
N ALA D 302 18.82 12.55 40.93
CA ALA D 302 17.87 13.63 41.18
C ALA D 302 16.46 13.06 41.25
N VAL D 303 15.76 13.36 42.33
CA VAL D 303 14.42 12.86 42.58
C VAL D 303 13.43 13.96 42.24
N ALA D 304 12.19 13.55 41.97
CA ALA D 304 11.16 14.54 41.67
C ALA D 304 10.64 15.23 42.93
N LEU D 305 10.77 14.60 44.09
CA LEU D 305 10.28 15.19 45.34
C LEU D 305 11.19 16.34 45.76
N LYS D 306 10.62 17.54 45.87
CA LYS D 306 11.42 18.71 46.22
C LYS D 306 11.97 18.63 47.64
N SER D 307 11.27 17.92 48.53
CA SER D 307 11.69 17.84 49.92
C SER D 307 13.03 17.12 50.04
N TYR D 308 13.12 15.90 49.51
CA TYR D 308 14.37 15.14 49.66
C TYR D 308 15.45 15.61 48.70
N GLU D 309 15.06 15.96 47.46
CA GLU D 309 16.02 16.40 46.46
C GLU D 309 16.94 17.48 46.99
N GLU D 310 16.41 18.32 47.85
CA GLU D 310 17.21 19.39 48.39
C GLU D 310 18.25 18.84 49.32
N GLU D 311 18.08 17.63 49.80
CA GLU D 311 19.11 17.10 50.67
C GLU D 311 20.11 16.27 49.90
N LEU D 312 19.79 15.96 48.66
CA LEU D 312 20.71 15.20 47.86
C LEU D 312 21.52 16.23 47.14
N ALA D 313 20.99 17.43 47.12
CA ALA D 313 21.66 18.56 46.48
C ALA D 313 22.91 19.01 47.22
N LYS D 314 23.21 18.41 48.38
CA LYS D 314 24.54 18.57 48.96
C LYS D 314 25.59 18.18 47.94
N ASP D 315 25.35 17.07 47.24
CA ASP D 315 26.12 16.72 46.08
C ASP D 315 25.88 17.76 44.99
N PRO D 316 26.86 18.59 44.65
CA PRO D 316 26.61 19.66 43.66
C PRO D 316 26.27 19.12 42.28
N ARG D 317 26.53 17.85 41.99
CA ARG D 317 26.22 17.36 40.66
C ARG D 317 24.75 16.98 40.51
N ILE D 318 24.15 16.41 41.56
CA ILE D 318 22.72 16.15 41.51
C ILE D 318 21.96 17.46 41.36
N ALA D 319 22.44 18.51 42.03
CA ALA D 319 21.83 19.83 41.87
C ALA D 319 21.99 20.36 40.45
N ALA D 320 23.10 20.01 39.78
CA ALA D 320 23.27 20.42 38.39
C ALA D 320 22.45 19.55 37.44
N THR D 321 22.46 18.23 37.68
CA THR D 321 21.59 17.32 36.93
C THR D 321 20.13 17.76 37.02
N MET D 322 19.71 18.20 38.20
CA MET D 322 18.36 18.70 38.36
C MET D 322 18.15 20.01 37.60
N GLU D 323 19.02 20.99 37.85
CA GLU D 323 18.88 22.31 37.24
C GLU D 323 18.82 22.23 35.72
N ASN D 324 19.64 21.36 35.12
CA ASN D 324 19.57 21.17 33.68
C ASN D 324 18.27 20.51 33.26
N ALA D 325 17.68 19.69 34.14
CA ALA D 325 16.45 18.99 33.80
C ALA D 325 15.22 19.88 33.93
N GLN D 326 15.27 20.89 34.81
CA GLN D 326 14.10 21.74 35.02
C GLN D 326 13.72 22.50 33.76
N LYS D 327 14.71 23.09 33.09
CA LYS D 327 14.50 23.76 31.82
C LYS D 327 14.80 22.86 30.63
N GLY D 328 14.86 21.55 30.85
CA GLY D 328 15.23 20.63 29.79
C GLY D 328 14.00 20.28 28.97
N GLU D 329 14.22 19.38 28.02
CA GLU D 329 13.20 18.90 27.10
C GLU D 329 12.68 17.55 27.56
N ILE D 330 11.37 17.38 27.50
CA ILE D 330 10.75 16.12 27.90
C ILE D 330 10.95 15.05 26.83
N MET D 331 11.28 13.84 27.26
CA MET D 331 11.50 12.74 26.33
C MET D 331 10.28 12.47 25.46
N PRO D 332 10.51 12.17 24.18
CA PRO D 332 9.43 11.88 23.22
C PRO D 332 8.45 10.86 23.77
N ASN D 333 7.24 11.31 24.06
CA ASN D 333 6.21 10.43 24.60
C ASN D 333 5.86 9.23 23.74
N ILE D 334 5.64 9.45 22.46
CA ILE D 334 5.25 8.34 21.57
C ILE D 334 6.44 7.62 20.97
N PRO D 335 6.22 7.02 19.79
CA PRO D 335 7.24 6.32 19.01
C PRO D 335 7.86 7.32 18.06
N GLN D 336 7.90 8.58 18.49
CA GLN D 336 8.45 9.67 17.69
C GLN D 336 9.95 9.52 17.46
N MET D 337 10.64 8.96 18.44
CA MET D 337 12.07 8.72 18.35
C MET D 337 12.35 7.91 17.09
N SER D 338 11.28 7.54 16.39
CA SER D 338 11.39 6.78 15.16
C SER D 338 11.67 7.77 14.03
N ALA D 339 10.94 8.88 14.03
CA ALA D 339 11.11 9.94 13.04
C ALA D 339 11.97 11.09 13.54
N PHE D 340 11.79 11.53 14.79
CA PHE D 340 12.49 12.72 15.28
C PHE D 340 13.98 12.45 15.46
N TRP D 341 14.34 11.45 16.28
CA TRP D 341 15.74 11.04 16.39
C TRP D 341 16.36 10.96 15.02
N TYR D 342 15.67 10.30 14.09
CA TYR D 342 16.14 10.16 12.74
C TYR D 342 16.15 11.49 12.00
N ALA D 343 15.14 12.33 12.24
CA ALA D 343 15.13 13.67 11.65
C ALA D 343 16.30 14.50 12.13
N VAL D 344 16.57 14.47 13.44
CA VAL D 344 17.70 15.20 14.00
C VAL D 344 18.98 14.38 13.95
N ARG D 345 18.92 13.14 13.46
CA ARG D 345 20.10 12.34 13.19
C ARG D 345 20.73 12.71 11.85
N THR D 346 19.98 12.50 10.78
CA THR D 346 20.47 12.72 9.43
C THR D 346 20.69 14.21 9.14
N ALA D 347 20.05 15.10 9.88
CA ALA D 347 20.26 16.52 9.69
C ALA D 347 21.67 16.94 10.07
N VAL D 348 22.23 16.32 11.12
CA VAL D 348 23.54 16.73 11.61
C VAL D 348 24.65 16.12 10.75
N ILE D 349 24.56 14.83 10.45
CA ILE D 349 25.63 14.17 9.72
C ILE D 349 25.72 14.69 8.29
N ASN D 350 24.58 15.01 7.68
CA ASN D 350 24.60 15.58 6.34
C ASN D 350 25.10 17.01 6.35
N ALA D 351 24.90 17.74 7.44
CA ALA D 351 25.36 19.12 7.52
C ALA D 351 26.81 19.21 7.98
N ALA D 352 27.20 18.34 8.92
CA ALA D 352 28.57 18.41 9.44
C ALA D 352 29.59 17.96 8.41
N SER D 353 29.20 17.11 7.46
CA SER D 353 30.11 16.64 6.43
C SER D 353 30.23 17.60 5.26
N GLY D 354 29.56 18.74 5.31
CA GLY D 354 29.59 19.69 4.21
C GLY D 354 28.80 19.28 2.99
N ARG D 355 28.08 18.16 3.05
CA ARG D 355 27.32 17.71 1.89
C ARG D 355 26.14 18.64 1.62
N GLN D 356 25.50 19.15 2.66
CA GLN D 356 24.33 20.01 2.53
C GLN D 356 24.56 21.31 3.28
N THR D 357 23.75 22.30 2.95
CA THR D 357 23.66 23.50 3.75
C THR D 357 22.83 23.21 5.00
N VAL D 358 23.02 24.03 6.04
CA VAL D 358 22.24 23.86 7.26
C VAL D 358 20.76 23.93 6.97
N ASP D 359 20.35 24.83 6.07
CA ASP D 359 18.94 24.93 5.71
C ASP D 359 18.50 23.74 4.86
N ALA D 360 19.32 23.33 3.89
CA ALA D 360 18.98 22.18 3.07
C ALA D 360 18.94 20.90 3.88
N ALA D 361 19.80 20.78 4.90
CA ALA D 361 19.84 19.56 5.71
C ALA D 361 18.66 19.48 6.66
N LEU D 362 18.16 20.62 7.14
CA LEU D 362 17.05 20.59 8.10
C LEU D 362 15.74 20.20 7.43
N ALA D 363 15.39 20.89 6.34
CA ALA D 363 14.11 20.63 5.68
C ALA D 363 14.07 19.23 5.08
N ALA D 364 15.19 18.78 4.50
CA ALA D 364 15.24 17.44 3.92
C ALA D 364 15.03 16.38 5.00
N ALA D 365 15.86 16.41 6.05
CA ALA D 365 15.71 15.47 7.15
C ALA D 365 14.33 15.58 7.79
N GLN D 366 13.73 16.78 7.77
CA GLN D 366 12.37 16.95 8.28
C GLN D 366 11.38 16.15 7.43
N THR D 367 11.39 16.38 6.11
CA THR D 367 10.46 15.68 5.24
C THR D 367 10.83 14.23 5.04
N ASN D 368 12.12 13.90 5.14
CA ASN D 368 12.52 12.49 5.12
C ASN D 368 11.98 11.74 6.33
N ALA D 369 11.81 12.43 7.45
CA ALA D 369 11.36 11.77 8.67
C ALA D 369 9.89 11.37 8.58
N VAL D 370 9.02 12.32 8.24
CA VAL D 370 7.59 12.03 8.26
C VAL D 370 7.17 11.14 7.11
N ASP D 371 7.93 11.11 6.01
CA ASP D 371 7.55 10.22 4.92
C ASP D 371 8.19 8.85 5.02
N LEU D 372 9.08 8.62 5.96
CA LEU D 372 9.47 7.24 6.15
C LEU D 372 8.73 6.62 7.31
N LYS D 373 8.32 7.42 8.30
CA LYS D 373 7.42 6.96 9.33
C LYS D 373 6.06 6.60 8.73
N VAL D 374 5.66 7.27 7.65
CA VAL D 374 4.42 6.91 6.97
C VAL D 374 4.55 5.52 6.34
N LEU D 375 5.68 5.24 5.69
CA LEU D 375 5.92 3.91 5.14
C LEU D 375 5.91 2.84 6.23
N GLU D 376 6.37 3.19 7.42
CA GLU D 376 6.58 2.21 8.47
C GLU D 376 5.25 1.77 9.11
N GLN D 377 4.39 2.72 9.48
CA GLN D 377 3.06 2.36 9.93
C GLN D 377 2.26 1.73 8.81
N LEU D 378 2.53 2.12 7.55
CA LEU D 378 1.93 1.42 6.41
C LEU D 378 2.39 -0.03 6.36
N GLY D 379 3.70 -0.25 6.54
CA GLY D 379 4.18 -1.62 6.69
C GLY D 379 3.61 -2.30 7.91
N LYS D 380 3.37 -1.53 8.98
CA LYS D 380 2.69 -2.07 10.15
C LYS D 380 1.26 -2.47 9.81
N GLU D 381 0.60 -1.68 8.97
CA GLU D 381 -0.81 -1.94 8.66
C GLU D 381 -0.97 -3.20 7.82
N VAL D 382 -0.14 -3.34 6.77
CA VAL D 382 -0.26 -4.51 5.91
C VAL D 382 0.19 -5.77 6.65
N LEU D 383 1.17 -5.64 7.55
CA LEU D 383 1.61 -6.78 8.34
C LEU D 383 0.56 -7.16 9.37
N THR D 384 -0.08 -6.16 9.96
CA THR D 384 -1.13 -6.43 10.95
C THR D 384 -2.24 -7.27 10.35
N GLU D 385 -2.68 -6.92 9.14
CA GLU D 385 -3.69 -7.72 8.47
C GLU D 385 -3.11 -8.98 7.84
N TYR D 386 -1.81 -9.02 7.55
CA TYR D 386 -1.17 -10.27 7.19
C TYR D 386 -1.21 -11.26 8.35
N LEU D 387 -0.82 -10.80 9.54
CA LEU D 387 -0.85 -11.66 10.70
C LEU D 387 -2.27 -11.91 11.19
N GLU D 388 -3.17 -10.95 10.99
CA GLU D 388 -4.55 -11.16 11.40
C GLU D 388 -5.22 -12.22 10.54
N LYS D 389 -4.90 -12.25 9.25
CA LYS D 389 -5.43 -13.31 8.40
C LYS D 389 -4.94 -14.68 8.84
N LEU D 390 -3.70 -14.76 9.34
CA LEU D 390 -3.15 -16.04 9.76
C LEU D 390 -3.93 -16.65 10.91
N VAL D 391 -4.54 -15.82 11.77
CA VAL D 391 -5.30 -16.36 12.89
C VAL D 391 -6.77 -16.63 12.53
N GLN D 392 -7.27 -16.08 11.43
CA GLN D 392 -8.62 -16.39 11.01
C GLN D 392 -8.69 -17.74 10.30
N SER D 393 -7.58 -18.18 9.70
CA SER D 393 -7.53 -19.47 9.03
C SER D 393 -7.17 -20.62 9.97
N ASN D 394 -6.82 -20.32 11.22
CA ASN D 394 -6.46 -21.33 12.21
C ASN D 394 -5.29 -22.19 11.75
N VAL D 395 -4.42 -21.61 10.91
CA VAL D 395 -3.27 -22.36 10.40
C VAL D 395 -2.32 -22.72 11.53
N LEU D 396 -2.25 -21.89 12.57
CA LEU D 396 -1.36 -22.12 13.70
C LEU D 396 -2.02 -22.89 14.83
N LYS D 397 -3.32 -23.16 14.73
CA LYS D 397 -4.06 -23.88 15.78
C LYS D 397 -3.86 -23.22 17.14
N LEU D 398 -3.90 -21.89 17.16
CA LEU D 398 -3.77 -21.16 18.42
C LEU D 398 -4.86 -21.63 19.38
N LYS D 399 -4.44 -22.12 20.55
CA LYS D 399 -5.39 -22.43 21.62
C LYS D 399 -6.36 -21.28 21.75
N GLU D 400 -7.64 -21.58 21.48
CA GLU D 400 -8.57 -20.54 21.04
C GLU D 400 -8.45 -19.28 21.89
N GLU D 401 -8.57 -19.41 23.22
CA GLU D 401 -8.58 -18.18 24.02
C GLU D 401 -7.24 -17.48 24.09
N ASP D 402 -6.27 -17.90 23.29
CA ASP D 402 -5.17 -17.06 22.86
C ASP D 402 -5.48 -16.31 21.57
N LYS D 403 -6.66 -16.56 20.96
CA LYS D 403 -7.05 -15.92 19.71
C LYS D 403 -8.24 -14.96 19.84
N GLN D 404 -9.19 -15.17 20.77
CA GLN D 404 -10.13 -14.09 21.11
C GLN D 404 -9.37 -12.88 21.59
N LYS D 405 -8.37 -13.10 22.45
CA LYS D 405 -7.53 -12.03 22.94
C LYS D 405 -6.91 -11.25 21.78
N PHE D 406 -6.52 -11.96 20.72
CA PHE D 406 -5.97 -11.29 19.54
C PHE D 406 -7.05 -10.49 18.82
N ASN D 407 -8.26 -11.04 18.70
CA ASN D 407 -9.31 -10.34 17.96
C ASN D 407 -9.87 -9.16 18.72
N ASN D 408 -9.83 -9.23 20.04
CA ASN D 408 -10.35 -8.14 20.85
C ASN D 408 -9.31 -7.13 21.30
N ALA D 409 -8.08 -7.26 20.85
CA ALA D 409 -7.06 -6.29 21.22
C ALA D 409 -7.18 -5.10 20.28
N GLU D 410 -6.63 -3.97 20.68
CA GLU D 410 -6.69 -2.78 19.85
C GLU D 410 -5.98 -3.04 18.53
N ARG D 411 -6.61 -2.62 17.45
CA ARG D 411 -6.07 -2.81 16.10
C ARG D 411 -4.58 -2.49 15.95
N SER D 412 -4.01 -1.74 16.88
CA SER D 412 -2.59 -1.40 16.78
C SER D 412 -1.71 -2.39 17.53
N ASP D 413 -2.00 -2.64 18.80
CA ASP D 413 -1.24 -3.61 19.57
C ASP D 413 -1.55 -5.05 19.18
N LYS D 414 -2.39 -5.26 18.17
CA LYS D 414 -2.72 -6.62 17.76
C LYS D 414 -1.49 -7.38 17.31
N ARG D 415 -0.50 -6.68 16.74
CA ARG D 415 0.69 -7.35 16.23
C ARG D 415 1.67 -7.74 17.31
N TRP D 416 1.49 -7.31 18.56
CA TRP D 416 2.30 -7.86 19.62
C TRP D 416 1.54 -8.85 20.48
N VAL D 417 0.21 -8.76 20.50
CA VAL D 417 -0.59 -9.82 21.10
C VAL D 417 -0.36 -11.13 20.36
N PHE D 418 0.03 -11.04 19.10
CA PHE D 418 0.26 -12.22 18.31
C PHE D 418 1.57 -12.87 18.65
N VAL D 419 2.45 -12.16 19.33
CA VAL D 419 3.70 -12.78 19.72
C VAL D 419 3.52 -13.51 21.03
N ASP D 420 2.48 -13.13 21.75
CA ASP D 420 2.21 -13.78 23.01
C ASP D 420 2.02 -15.22 22.68
N ALA D 421 1.18 -15.47 21.68
CA ALA D 421 0.93 -16.82 21.26
C ALA D 421 2.25 -17.43 20.83
N MET D 422 2.84 -18.21 21.72
CA MET D 422 4.12 -18.85 21.51
C MET D 422 5.16 -17.83 21.05
N GLY D 430 13.10 -17.30 23.26
CA GLY D 430 12.13 -17.82 22.33
C GLY D 430 12.69 -17.87 20.93
N GLU D 431 11.86 -17.52 19.95
CA GLU D 431 12.27 -17.53 18.55
C GLU D 431 11.19 -16.77 17.79
N MET D 432 11.58 -15.96 16.81
CA MET D 432 10.57 -15.22 16.05
C MET D 432 10.98 -15.28 14.58
N LEU D 433 10.28 -16.12 13.83
CA LEU D 433 10.57 -16.35 12.41
C LEU D 433 10.11 -15.24 11.48
N LEU D 434 8.89 -15.38 10.96
CA LEU D 434 8.30 -14.42 10.05
C LEU D 434 9.23 -14.05 8.91
N GLN D 435 10.41 -14.64 8.92
CA GLN D 435 11.41 -14.37 7.90
C GLN D 435 10.85 -14.51 6.49
N THR D 436 9.52 -14.65 6.36
CA THR D 436 8.90 -14.61 5.04
C THR D 436 9.10 -13.25 4.38
N PHE D 437 9.22 -12.19 5.18
CA PHE D 437 9.40 -10.84 4.66
C PHE D 437 10.86 -10.53 4.36
N PHE D 438 11.79 -11.32 4.88
CA PHE D 438 13.21 -11.15 4.59
C PHE D 438 13.82 -12.45 4.09
#